data_9JP8
#
_entry.id   9JP8
#
_cell.length_a   115.734
_cell.length_b   115.734
_cell.length_c   158.271
_cell.angle_alpha   90.00
_cell.angle_beta   90.00
_cell.angle_gamma   120.00
#
_symmetry.space_group_name_H-M   'P 32'
#
loop_
_entity.id
_entity.type
_entity.pdbx_description
1 polymer 'NADP-dependent oxidoreductase'
2 non-polymer 'SULFATE ION'
3 non-polymer 'UNKNOWN LIGAND'
4 water water
#
_entity_poly.entity_id   1
_entity_poly.type   'polypeptide(L)'
_entity_poly.pdbx_seq_one_letter_code
;MRIEKWVVREHLDGVPDVNRVYEKVVEDVRIDLRPDEMLFRTRYVSVDPYQNGLALETPIGHHMGADSIMEVVEAGPAAA
FAVGDLVQGFGGWRTHVVHNGAEELWTTGIFPMVFPAYRRLDPSWYGERLPVSTALGIMGAPGMTAWGTLTRFLEVRPGD
TVVVSGASGSIGTLVGQLAKRAGAGRVVGTTGSPGKAEYLRELGFDEVVLYTQGDDAEKVRQALLLAAPDGVDRYFDNLG
GTVTDAVFTMLNVDSRVAVCWQWATTVNGELTGPRLLPYIMFPRTTIRGIFAQEWFTEPLLAQMHQELGGLVRDGEIRYH
QTVHKGFDEIPAAYRSLYLDREHNRGKVLVEV
;
_entity_poly.pdbx_strand_id   A,B,C,D,E,F
#
loop_
_chem_comp.id
_chem_comp.type
_chem_comp.name
_chem_comp.formula
SO4 non-polymer 'SULFATE ION' 'O4 S -2'
UNL non-polymer 'UNKNOWN LIGAND' ?
#
# COMPACT_ATOMS: atom_id res chain seq x y z
N MET A 1 33.89 -8.48 -28.88
CA MET A 1 34.70 -8.16 -27.72
C MET A 1 35.11 -9.45 -26.99
N ARG A 2 36.31 -9.44 -26.43
CA ARG A 2 36.81 -10.57 -25.67
C ARG A 2 36.32 -10.46 -24.23
N ILE A 3 35.63 -11.49 -23.74
CA ILE A 3 35.27 -11.60 -22.33
C ILE A 3 36.02 -12.78 -21.74
N GLU A 4 36.69 -12.57 -20.62
CA GLU A 4 37.47 -13.59 -19.95
C GLU A 4 36.83 -13.94 -18.61
N LYS A 5 36.97 -15.19 -18.20
CA LYS A 5 36.35 -15.58 -16.96
C LYS A 5 37.13 -16.71 -16.35
N TRP A 6 37.20 -16.72 -15.01
CA TRP A 6 37.86 -17.77 -14.27
C TRP A 6 36.82 -18.81 -13.89
N VAL A 7 36.99 -20.03 -14.39
CA VAL A 7 36.01 -21.09 -14.25
C VAL A 7 36.56 -22.17 -13.34
N VAL A 8 35.66 -22.96 -12.79
CA VAL A 8 36.04 -24.07 -11.91
C VAL A 8 36.46 -25.23 -12.80
N ARG A 9 37.74 -25.59 -12.72
CA ARG A 9 38.29 -26.67 -13.53
C ARG A 9 38.00 -28.04 -12.93
N GLU A 10 38.03 -28.15 -11.60
CA GLU A 10 37.96 -29.44 -10.94
C GLU A 10 37.49 -29.22 -9.51
N HIS A 11 37.17 -30.33 -8.83
CA HIS A 11 36.66 -30.31 -7.47
C HIS A 11 37.66 -30.95 -6.53
N LEU A 12 38.25 -30.14 -5.66
CA LEU A 12 39.27 -30.59 -4.70
C LEU A 12 38.99 -29.92 -3.38
N ASP A 13 38.80 -30.71 -2.32
CA ASP A 13 38.61 -30.12 -1.01
C ASP A 13 39.96 -29.70 -0.43
N GLY A 14 39.90 -28.92 0.66
CA GLY A 14 41.11 -28.48 1.33
C GLY A 14 41.74 -27.28 0.66
N VAL A 15 42.91 -26.92 1.17
CA VAL A 15 43.70 -25.83 0.59
C VAL A 15 44.15 -26.28 -0.81
N PRO A 16 43.53 -25.76 -1.86
CA PRO A 16 43.71 -26.35 -3.18
C PRO A 16 44.86 -25.70 -3.96
N ASP A 17 45.42 -26.48 -4.88
CA ASP A 17 46.27 -25.92 -5.91
C ASP A 17 45.41 -25.05 -6.81
N VAL A 18 45.54 -23.73 -6.66
CA VAL A 18 44.63 -22.82 -7.37
C VAL A 18 44.73 -23.03 -8.88
N ASN A 19 45.92 -23.38 -9.38
CA ASN A 19 46.07 -23.66 -10.80
C ASN A 19 45.33 -24.92 -11.21
N ARG A 20 45.00 -25.79 -10.26
CA ARG A 20 44.21 -26.98 -10.55
C ARG A 20 42.71 -26.71 -10.44
N VAL A 21 42.29 -25.87 -9.50
CA VAL A 21 40.86 -25.67 -9.34
C VAL A 21 40.33 -24.72 -10.40
N TYR A 22 41.08 -23.68 -10.76
CA TYR A 22 40.59 -22.66 -11.66
C TYR A 22 41.35 -22.64 -12.97
N GLU A 23 40.65 -22.22 -14.03
CA GLU A 23 41.21 -22.08 -15.38
C GLU A 23 40.61 -20.86 -16.06
N LYS A 24 41.44 -20.11 -16.78
CA LYS A 24 40.92 -18.93 -17.48
C LYS A 24 40.40 -19.33 -18.85
N VAL A 25 39.18 -18.89 -19.15
CA VAL A 25 38.50 -19.15 -20.41
C VAL A 25 38.28 -17.82 -21.10
N VAL A 26 38.44 -17.80 -22.43
CA VAL A 26 38.27 -16.57 -23.20
C VAL A 26 37.26 -16.83 -24.31
N GLU A 27 36.50 -15.81 -24.62
CA GLU A 27 35.39 -15.94 -25.55
C GLU A 27 35.23 -14.63 -26.29
N ASP A 28 35.16 -14.68 -27.62
CA ASP A 28 34.94 -13.49 -28.43
C ASP A 28 33.44 -13.42 -28.71
N VAL A 29 32.75 -12.55 -27.97
CA VAL A 29 31.30 -12.45 -28.07
C VAL A 29 30.92 -11.15 -28.77
N ARG A 30 29.69 -11.13 -29.25
CA ARG A 30 28.98 -9.92 -29.65
C ARG A 30 27.72 -9.83 -28.79
N ILE A 31 27.52 -8.68 -28.15
CA ILE A 31 26.49 -8.51 -27.14
C ILE A 31 25.17 -8.15 -27.79
N ASP A 32 24.09 -8.79 -27.32
CA ASP A 32 22.72 -8.54 -27.80
C ASP A 32 21.81 -8.56 -26.57
N LEU A 33 21.60 -7.39 -25.98
CA LEU A 33 20.89 -7.29 -24.69
C LEU A 33 19.39 -7.43 -24.87
N ARG A 34 18.77 -8.25 -24.03
CA ARG A 34 17.33 -8.18 -23.87
C ARG A 34 16.96 -6.85 -23.21
N PRO A 35 15.68 -6.44 -23.27
CA PRO A 35 15.34 -5.07 -22.88
C PRO A 35 15.74 -4.68 -21.46
N ASP A 36 15.76 -5.61 -20.51
CA ASP A 36 16.11 -5.29 -19.14
C ASP A 36 17.56 -5.60 -18.80
N GLU A 37 18.34 -6.07 -19.77
CA GLU A 37 19.70 -6.47 -19.47
C GLU A 37 20.66 -5.31 -19.64
N MET A 38 21.80 -5.44 -18.98
CA MET A 38 22.90 -4.50 -19.09
C MET A 38 24.18 -5.28 -19.31
N LEU A 39 25.10 -4.68 -20.07
CA LEU A 39 26.48 -5.13 -20.12
C LEU A 39 27.26 -4.35 -19.06
N PHE A 40 27.89 -5.07 -18.14
CA PHE A 40 28.68 -4.49 -17.08
C PHE A 40 30.14 -4.78 -17.32
N ARG A 41 30.98 -3.80 -17.00
CA ARG A 41 32.42 -3.98 -16.93
C ARG A 41 32.83 -4.14 -15.48
N THR A 42 33.48 -5.26 -15.17
CA THR A 42 33.94 -5.51 -13.80
C THR A 42 35.11 -4.59 -13.46
N ARG A 43 34.99 -3.86 -12.34
CA ARG A 43 36.06 -2.98 -11.91
C ARG A 43 36.89 -3.55 -10.76
N TYR A 44 36.24 -4.22 -9.81
CA TYR A 44 36.89 -4.86 -8.67
C TYR A 44 36.19 -6.18 -8.39
N VAL A 45 36.94 -7.20 -8.00
CA VAL A 45 36.32 -8.42 -7.48
C VAL A 45 36.85 -8.67 -6.07
N SER A 46 36.09 -9.44 -5.31
CA SER A 46 36.50 -9.92 -4.02
C SER A 46 37.02 -11.35 -4.14
N VAL A 47 37.96 -11.70 -3.28
CA VAL A 47 38.36 -13.09 -3.09
C VAL A 47 38.18 -13.41 -1.62
N ASP A 48 37.63 -14.58 -1.32
CA ASP A 48 37.17 -14.87 0.03
C ASP A 48 37.35 -16.34 0.34
N PRO A 49 37.58 -16.69 1.61
CA PRO A 49 37.76 -18.11 1.94
C PRO A 49 36.57 -18.99 1.63
N TYR A 50 35.34 -18.45 1.63
CA TYR A 50 34.18 -19.27 1.29
C TYR A 50 34.21 -19.78 -0.15
N GLN A 51 34.98 -19.15 -1.02
CA GLN A 51 35.00 -19.59 -2.40
C GLN A 51 35.55 -21.00 -2.56
N ASN A 52 36.29 -21.51 -1.58
CA ASN A 52 36.63 -22.93 -1.60
C ASN A 52 35.38 -23.79 -1.60
N GLY A 53 34.48 -23.56 -0.63
CA GLY A 53 33.26 -24.37 -0.55
C GLY A 53 32.33 -24.13 -1.72
N LEU A 54 32.22 -22.87 -2.17
CA LEU A 54 31.38 -22.58 -3.32
C LEU A 54 31.90 -23.23 -4.59
N ALA A 55 33.24 -23.28 -4.76
CA ALA A 55 33.80 -23.94 -5.93
C ALA A 55 33.39 -25.40 -5.98
N LEU A 56 33.35 -26.07 -4.81
CA LEU A 56 32.95 -27.46 -4.78
C LEU A 56 31.50 -27.64 -5.19
N GLU A 57 30.68 -26.60 -5.09
CA GLU A 57 29.29 -26.70 -5.52
C GLU A 57 29.04 -26.09 -6.88
N THR A 58 30.10 -25.66 -7.59
CA THR A 58 29.93 -25.01 -8.87
C THR A 58 30.16 -26.02 -9.98
N PRO A 59 29.25 -26.13 -10.96
CA PRO A 59 29.45 -27.12 -12.02
C PRO A 59 30.74 -26.85 -12.76
N ILE A 60 31.41 -27.93 -13.17
CA ILE A 60 32.66 -27.82 -13.89
C ILE A 60 32.45 -26.93 -15.12
N GLY A 61 33.35 -25.97 -15.32
CA GLY A 61 33.26 -25.05 -16.44
C GLY A 61 32.51 -23.76 -16.16
N HIS A 62 31.82 -23.66 -15.02
CA HIS A 62 31.09 -22.44 -14.67
C HIS A 62 32.04 -21.45 -13.98
N HIS A 63 31.74 -20.15 -14.10
CA HIS A 63 32.61 -19.13 -13.52
C HIS A 63 32.48 -19.12 -12.00
N MET A 64 33.54 -18.67 -11.33
CA MET A 64 33.56 -18.61 -9.87
C MET A 64 32.73 -17.40 -9.44
N GLY A 65 31.72 -17.65 -8.61
CA GLY A 65 30.94 -16.54 -8.07
C GLY A 65 31.77 -15.70 -7.13
N ALA A 66 31.44 -14.41 -7.07
CA ALA A 66 32.17 -13.45 -6.28
C ALA A 66 31.39 -12.16 -6.21
N ASP A 67 31.42 -11.49 -5.07
CA ASP A 67 30.95 -10.12 -4.99
C ASP A 67 31.89 -9.21 -5.76
N SER A 68 31.33 -8.26 -6.50
CA SER A 68 32.18 -7.43 -7.33
C SER A 68 31.57 -6.05 -7.45
N ILE A 69 32.37 -5.12 -7.99
CA ILE A 69 31.94 -3.79 -8.36
C ILE A 69 31.99 -3.71 -9.89
N MET A 70 30.89 -3.28 -10.50
CA MET A 70 30.75 -3.31 -11.95
C MET A 70 30.21 -1.98 -12.43
N GLU A 71 30.55 -1.64 -13.68
CA GLU A 71 30.18 -0.38 -14.30
C GLU A 71 29.30 -0.69 -15.49
N VAL A 72 28.16 0.01 -15.59
CA VAL A 72 27.24 -0.20 -16.69
C VAL A 72 27.83 0.47 -17.91
N VAL A 73 28.10 -0.31 -18.94
CA VAL A 73 28.65 0.24 -20.18
C VAL A 73 27.66 0.19 -21.33
N GLU A 74 26.64 -0.66 -21.27
CA GLU A 74 25.54 -0.69 -22.21
C GLU A 74 24.27 -1.10 -21.44
N ALA A 75 23.12 -0.56 -21.83
CA ALA A 75 21.88 -0.84 -21.13
C ALA A 75 20.72 -0.96 -22.12
N GLY A 76 19.88 -1.99 -21.93
CA GLY A 76 18.63 -2.10 -22.66
C GLY A 76 17.67 -1.01 -22.22
N PRO A 77 16.60 -0.80 -22.99
CA PRO A 77 15.68 0.30 -22.68
C PRO A 77 14.91 0.12 -21.38
N ALA A 78 14.75 -1.12 -20.90
CA ALA A 78 14.01 -1.37 -19.67
C ALA A 78 14.92 -1.72 -18.49
N ALA A 79 16.18 -1.30 -18.53
CA ALA A 79 17.14 -1.76 -17.54
C ALA A 79 17.04 -0.99 -16.23
N ALA A 80 17.46 -1.65 -15.15
CA ALA A 80 17.40 -1.06 -13.83
C ALA A 80 18.37 0.10 -13.67
N PHE A 81 19.49 0.11 -14.40
CA PHE A 81 20.54 1.09 -14.18
C PHE A 81 20.92 1.74 -15.51
N ALA A 82 21.61 2.87 -15.41
CA ALA A 82 22.00 3.67 -16.56
C ALA A 82 23.49 3.55 -16.83
N VAL A 83 23.86 3.80 -18.09
CA VAL A 83 25.26 3.77 -18.47
C VAL A 83 26.06 4.70 -17.57
N GLY A 84 27.23 4.26 -17.13
CA GLY A 84 28.04 5.02 -16.22
C GLY A 84 27.78 4.74 -14.75
N ASP A 85 26.69 4.05 -14.42
CA ASP A 85 26.41 3.72 -13.03
C ASP A 85 27.40 2.69 -12.53
N LEU A 86 27.80 2.83 -11.27
CA LEU A 86 28.61 1.84 -10.59
C LEU A 86 27.68 1.03 -9.70
N VAL A 87 27.86 -0.28 -9.71
CA VAL A 87 26.89 -1.19 -9.12
C VAL A 87 27.65 -2.29 -8.39
N GLN A 88 27.14 -2.75 -7.24
CA GLN A 88 27.74 -3.84 -6.51
C GLN A 88 26.83 -5.06 -6.58
N GLY A 89 27.38 -6.21 -6.93
CA GLY A 89 26.57 -7.40 -7.09
C GLY A 89 27.46 -8.61 -7.17
N PHE A 90 26.83 -9.79 -7.23
CA PHE A 90 27.55 -11.06 -7.25
C PHE A 90 27.96 -11.41 -8.68
N GLY A 91 28.70 -10.50 -9.30
CA GLY A 91 29.07 -10.65 -10.71
C GLY A 91 30.08 -11.75 -10.97
N GLY A 92 30.92 -12.11 -10.00
CA GLY A 92 31.87 -13.19 -10.18
C GLY A 92 33.16 -12.78 -10.89
N TRP A 93 34.06 -13.77 -11.03
CA TRP A 93 35.38 -13.53 -11.62
C TRP A 93 35.29 -13.54 -13.15
N ARG A 94 34.68 -12.49 -13.70
CA ARG A 94 34.53 -12.30 -15.14
C ARG A 94 34.88 -10.86 -15.49
N THR A 95 35.52 -10.63 -16.66
CA THR A 95 35.85 -9.26 -17.01
C THR A 95 34.62 -8.45 -17.30
N HIS A 96 33.57 -9.10 -17.82
CA HIS A 96 32.35 -8.42 -18.21
C HIS A 96 31.19 -9.36 -17.94
N VAL A 97 30.02 -8.78 -17.67
CA VAL A 97 28.83 -9.51 -17.24
C VAL A 97 27.62 -8.93 -17.97
N VAL A 98 26.77 -9.80 -18.50
CA VAL A 98 25.46 -9.40 -19.01
C VAL A 98 24.43 -9.92 -18.01
N HIS A 99 23.62 -9.02 -17.45
CA HIS A 99 22.74 -9.38 -16.34
C HIS A 99 21.69 -8.31 -16.20
N ASN A 100 20.51 -8.68 -15.69
CA ASN A 100 19.50 -7.67 -15.45
C ASN A 100 19.52 -7.17 -14.00
N GLY A 101 20.44 -7.64 -13.18
CA GLY A 101 20.53 -7.16 -11.82
C GLY A 101 19.56 -7.79 -10.83
N ALA A 102 18.76 -8.78 -11.24
CA ALA A 102 17.76 -9.40 -10.38
C ALA A 102 18.39 -10.34 -9.34
N GLU A 103 17.64 -10.58 -8.25
CA GLU A 103 17.98 -11.65 -7.31
C GLU A 103 18.09 -12.97 -8.03
N GLU A 104 18.89 -13.88 -7.47
CA GLU A 104 19.02 -15.22 -8.04
C GLU A 104 18.83 -16.29 -6.97
N LEU A 105 17.79 -17.11 -7.12
CA LEU A 105 17.66 -18.32 -6.31
C LEU A 105 18.64 -19.37 -6.81
N TRP A 106 19.51 -19.84 -5.91
CA TRP A 106 20.49 -20.87 -6.23
C TRP A 106 20.27 -22.04 -5.29
N THR A 107 19.92 -23.21 -5.86
CA THR A 107 19.53 -24.35 -5.02
C THR A 107 20.47 -25.56 -5.10
N THR A 108 21.65 -25.43 -5.70
CA THR A 108 22.51 -26.60 -5.89
C THR A 108 23.40 -26.91 -4.70
N GLY A 109 23.50 -26.02 -3.71
CA GLY A 109 24.36 -26.22 -2.58
C GLY A 109 23.65 -26.97 -1.47
N ILE A 110 24.29 -26.97 -0.29
CA ILE A 110 23.74 -27.68 0.86
C ILE A 110 22.37 -27.11 1.23
N PHE A 111 22.24 -25.78 1.25
CA PHE A 111 20.99 -25.12 1.50
C PHE A 111 20.69 -24.16 0.35
N PRO A 112 19.42 -23.89 0.06
CA PRO A 112 19.09 -22.92 -0.98
C PRO A 112 19.59 -21.54 -0.57
N MET A 113 19.83 -20.70 -1.58
CA MET A 113 20.30 -19.34 -1.37
C MET A 113 19.63 -18.38 -2.35
N VAL A 114 19.51 -17.13 -1.93
CA VAL A 114 19.07 -16.06 -2.80
C VAL A 114 20.19 -15.04 -2.84
N PHE A 115 20.89 -15.00 -3.96
CA PHE A 115 21.85 -13.92 -4.20
C PHE A 115 21.09 -12.60 -4.27
N PRO A 116 21.52 -11.55 -3.57
CA PRO A 116 20.78 -10.29 -3.58
C PRO A 116 20.72 -9.67 -4.96
N ALA A 117 19.76 -8.76 -5.15
CA ALA A 117 19.77 -7.97 -6.36
C ALA A 117 20.99 -7.04 -6.36
N TYR A 118 21.50 -6.75 -7.55
CA TYR A 118 22.56 -5.76 -7.68
C TYR A 118 22.09 -4.43 -7.12
N ARG A 119 23.01 -3.63 -6.60
CA ARG A 119 22.65 -2.38 -5.97
C ARG A 119 23.53 -1.29 -6.55
N ARG A 120 23.00 -0.09 -6.64
CA ARG A 120 23.75 1.00 -7.20
C ARG A 120 24.57 1.70 -6.17
N LEU A 121 25.77 2.07 -6.54
CA LEU A 121 26.61 2.84 -5.63
C LEU A 121 26.49 4.32 -5.92
N ASP A 122 26.28 5.10 -4.88
CA ASP A 122 26.30 6.55 -5.01
C ASP A 122 27.75 7.01 -5.13
N PRO A 123 28.21 7.45 -6.32
CA PRO A 123 29.63 7.84 -6.43
C PRO A 123 30.02 8.94 -5.46
N SER A 124 29.07 9.77 -5.01
CA SER A 124 29.39 10.80 -4.01
C SER A 124 29.83 10.19 -2.67
N TRP A 125 29.40 8.96 -2.37
CA TRP A 125 29.86 8.30 -1.16
C TRP A 125 31.38 8.21 -1.11
N TYR A 126 32.04 8.13 -2.25
CA TYR A 126 33.44 7.73 -2.23
C TYR A 126 34.33 8.88 -2.68
N GLY A 127 35.60 8.74 -2.37
CA GLY A 127 36.55 9.77 -2.73
C GLY A 127 37.95 9.30 -2.42
N GLU A 128 38.87 10.26 -2.37
CA GLU A 128 40.27 9.95 -2.11
C GLU A 128 40.43 9.14 -0.82
N ARG A 129 39.87 9.63 0.29
CA ARG A 129 40.13 8.97 1.56
C ARG A 129 39.26 7.73 1.76
N LEU A 130 38.20 7.57 0.97
CA LEU A 130 37.28 6.43 1.08
C LEU A 130 37.02 5.91 -0.32
N PRO A 131 37.92 5.10 -0.87
CA PRO A 131 37.80 4.73 -2.29
C PRO A 131 36.64 3.80 -2.55
N VAL A 132 36.19 3.80 -3.81
CA VAL A 132 35.03 3.03 -4.19
C VAL A 132 35.25 1.55 -3.95
N SER A 133 36.52 1.12 -3.94
CA SER A 133 36.79 -0.28 -3.69
C SER A 133 36.36 -0.70 -2.27
N THR A 134 36.13 0.24 -1.35
CA THR A 134 35.62 -0.16 -0.04
C THR A 134 34.16 -0.59 -0.08
N ALA A 135 33.48 -0.43 -1.22
CA ALA A 135 32.14 -1.00 -1.32
C ALA A 135 32.15 -2.51 -1.25
N LEU A 136 33.32 -3.14 -1.30
CA LEU A 136 33.44 -4.57 -1.10
C LEU A 136 34.00 -4.92 0.26
N GLY A 137 34.20 -3.91 1.12
CA GLY A 137 34.77 -4.14 2.42
C GLY A 137 34.04 -3.35 3.49
N ILE A 138 34.69 -2.32 4.01
CA ILE A 138 34.13 -1.63 5.17
C ILE A 138 32.91 -0.81 4.80
N MET A 139 32.80 -0.38 3.56
CA MET A 139 31.58 0.30 3.15
C MET A 139 30.57 -0.64 2.52
N GLY A 140 30.80 -1.94 2.57
CA GLY A 140 29.90 -2.87 1.90
C GLY A 140 29.32 -3.89 2.86
N ALA A 141 29.00 -5.09 2.37
CA ALA A 141 28.45 -6.12 3.26
C ALA A 141 29.35 -6.46 4.44
N PRO A 142 30.67 -6.60 4.31
CA PRO A 142 31.47 -6.89 5.51
C PRO A 142 31.35 -5.81 6.57
N GLY A 143 31.48 -4.55 6.18
CA GLY A 143 31.34 -3.46 7.14
C GLY A 143 29.95 -3.39 7.73
N MET A 144 28.93 -3.55 6.90
CA MET A 144 27.56 -3.51 7.43
C MET A 144 27.28 -4.66 8.38
N THR A 145 28.00 -5.78 8.23
CA THR A 145 27.81 -6.88 9.19
C THR A 145 28.18 -6.44 10.59
N ALA A 146 29.30 -5.73 10.72
CA ALA A 146 29.73 -5.20 12.00
C ALA A 146 28.91 -3.99 12.39
N TRP A 147 28.83 -3.00 11.53
CA TRP A 147 28.14 -1.76 11.86
C TRP A 147 26.65 -1.87 12.02
N GLY A 148 26.03 -2.63 11.14
CA GLY A 148 24.60 -2.82 11.29
C GLY A 148 24.24 -3.53 12.59
N THR A 149 25.04 -4.52 12.97
CA THR A 149 24.74 -5.25 14.20
C THR A 149 24.83 -4.33 15.40
N LEU A 150 25.87 -3.50 15.46
CA LEU A 150 26.05 -2.63 16.60
C LEU A 150 24.98 -1.55 16.68
N THR A 151 24.59 -0.99 15.53
CA THR A 151 23.64 0.12 15.55
C THR A 151 22.20 -0.34 15.66
N ARG A 152 21.89 -1.57 15.24
CA ARG A 152 20.50 -2.02 15.15
C ARG A 152 20.15 -3.16 16.09
N PHE A 153 21.12 -3.79 16.74
CA PHE A 153 20.81 -4.96 17.54
C PHE A 153 21.54 -5.06 18.86
N LEU A 154 22.87 -4.88 18.84
CA LEU A 154 23.64 -5.40 19.96
C LEU A 154 23.52 -4.57 21.24
N GLU A 155 23.16 -3.30 21.14
CA GLU A 155 22.91 -2.47 22.34
C GLU A 155 24.07 -2.55 23.34
N VAL A 156 25.27 -2.27 22.86
CA VAL A 156 26.43 -2.19 23.73
C VAL A 156 26.35 -0.89 24.52
N ARG A 157 26.55 -0.98 25.83
CA ARG A 157 26.39 0.14 26.76
C ARG A 157 27.69 0.38 27.52
N PRO A 158 27.88 1.59 28.05
CA PRO A 158 29.01 1.82 28.94
C PRO A 158 29.02 0.77 30.05
N GLY A 159 30.19 0.14 30.23
CA GLY A 159 30.36 -0.88 31.23
C GLY A 159 30.15 -2.31 30.76
N ASP A 160 29.57 -2.53 29.57
CA ASP A 160 29.28 -3.89 29.13
C ASP A 160 30.55 -4.64 28.79
N THR A 161 30.56 -5.93 29.09
CA THR A 161 31.61 -6.83 28.62
C THR A 161 31.16 -7.47 27.32
N VAL A 162 31.95 -7.29 26.27
CA VAL A 162 31.62 -7.74 24.92
C VAL A 162 32.66 -8.75 24.49
N VAL A 163 32.23 -9.92 24.05
CA VAL A 163 33.13 -10.94 23.51
C VAL A 163 32.92 -11.02 22.00
N VAL A 164 34.02 -11.15 21.26
CA VAL A 164 34.00 -11.23 19.79
C VAL A 164 34.84 -12.42 19.37
N SER A 165 34.20 -13.45 18.83
CA SER A 165 34.95 -14.61 18.35
C SER A 165 35.43 -14.32 16.93
N GLY A 166 36.51 -14.98 16.54
CA GLY A 166 37.12 -14.68 15.25
C GLY A 166 37.50 -13.22 15.14
N ALA A 167 38.11 -12.67 16.18
CA ALA A 167 38.29 -11.23 16.27
C ALA A 167 39.32 -10.70 15.29
N SER A 168 40.15 -11.57 14.71
CA SER A 168 41.25 -11.09 13.87
C SER A 168 40.79 -10.75 12.46
N GLY A 169 39.70 -11.34 11.99
CA GLY A 169 39.19 -10.99 10.67
C GLY A 169 38.63 -9.58 10.64
N SER A 170 38.42 -9.07 9.42
CA SER A 170 38.03 -7.67 9.26
C SER A 170 36.76 -7.35 10.04
N ILE A 171 35.76 -8.21 9.98
CA ILE A 171 34.52 -7.92 10.65
C ILE A 171 34.74 -7.90 12.17
N GLY A 172 35.45 -8.91 12.70
CA GLY A 172 35.74 -8.93 14.11
C GLY A 172 36.47 -7.71 14.61
N THR A 173 37.52 -7.28 13.89
CA THR A 173 38.25 -6.11 14.37
C THR A 173 37.41 -4.84 14.29
N LEU A 174 36.49 -4.75 13.33
CA LEU A 174 35.60 -3.59 13.27
C LEU A 174 34.59 -3.61 14.43
N VAL A 175 34.04 -4.78 14.76
CA VAL A 175 33.13 -4.89 15.91
C VAL A 175 33.82 -4.44 17.19
N GLY A 176 35.04 -4.91 17.41
CA GLY A 176 35.77 -4.56 18.63
C GLY A 176 35.98 -3.06 18.76
N GLN A 177 36.40 -2.42 17.67
CA GLN A 177 36.59 -0.97 17.65
C GLN A 177 35.29 -0.24 17.91
N LEU A 178 34.19 -0.66 17.26
CA LEU A 178 32.92 0.03 17.46
C LEU A 178 32.38 -0.20 18.87
N ALA A 179 32.58 -1.41 19.40
CA ALA A 179 32.14 -1.69 20.76
C ALA A 179 32.85 -0.81 21.77
N LYS A 180 34.17 -0.60 21.57
CA LYS A 180 34.92 0.27 22.47
C LYS A 180 34.42 1.71 22.36
N ARG A 181 34.08 2.15 21.14
CA ARG A 181 33.52 3.48 20.94
C ARG A 181 32.19 3.65 21.65
N ALA A 182 31.36 2.60 21.64
CA ALA A 182 30.08 2.65 22.34
C ALA A 182 30.26 2.67 23.86
N GLY A 183 31.48 2.52 24.34
CA GLY A 183 31.77 2.61 25.75
C GLY A 183 31.90 1.31 26.47
N ALA A 184 32.03 0.20 25.76
CA ALA A 184 32.16 -1.10 26.42
C ALA A 184 33.24 -1.07 27.49
N GLY A 185 32.90 -1.58 28.67
CA GLY A 185 33.88 -1.65 29.74
C GLY A 185 34.99 -2.65 29.48
N ARG A 186 34.68 -3.76 28.81
CA ARG A 186 35.68 -4.78 28.51
C ARG A 186 35.36 -5.41 27.16
N VAL A 187 36.26 -5.27 26.19
CA VAL A 187 36.11 -5.90 24.87
C VAL A 187 37.10 -7.04 24.78
N VAL A 188 36.59 -8.26 24.62
CA VAL A 188 37.40 -9.48 24.61
C VAL A 188 37.27 -10.11 23.22
N GLY A 189 38.39 -10.47 22.62
CA GLY A 189 38.41 -11.13 21.34
C GLY A 189 39.14 -12.45 21.42
N THR A 190 38.71 -13.41 20.59
CA THR A 190 39.44 -14.65 20.46
C THR A 190 40.12 -14.71 19.09
N THR A 191 41.25 -15.41 19.02
CA THR A 191 41.97 -15.48 17.76
C THR A 191 42.81 -16.75 17.73
N GLY A 192 43.15 -17.17 16.51
CA GLY A 192 43.83 -18.43 16.30
C GLY A 192 45.34 -18.40 16.46
N SER A 193 45.96 -17.23 16.57
CA SER A 193 47.41 -17.16 16.65
C SER A 193 47.86 -16.06 17.61
N PRO A 194 48.97 -16.27 18.32
CA PRO A 194 49.41 -15.29 19.31
C PRO A 194 49.98 -14.02 18.72
N GLY A 195 50.29 -13.98 17.42
CA GLY A 195 50.91 -12.83 16.81
C GLY A 195 49.96 -11.68 16.58
N LYS A 196 48.76 -11.99 16.08
CA LYS A 196 47.76 -10.96 15.86
C LYS A 196 47.21 -10.39 17.15
N ALA A 197 47.53 -11.02 18.29
CA ALA A 197 47.02 -10.56 19.57
C ALA A 197 47.45 -9.14 19.89
N GLU A 198 48.62 -8.71 19.43
CA GLU A 198 49.12 -7.38 19.79
C GLU A 198 48.43 -6.27 18.99
N TYR A 199 48.15 -6.52 17.71
CA TYR A 199 47.44 -5.52 16.90
C TYR A 199 46.03 -5.31 17.40
N LEU A 200 45.39 -6.39 17.85
CA LEU A 200 44.03 -6.29 18.40
C LEU A 200 43.97 -5.31 19.56
N ARG A 201 44.91 -5.44 20.51
CA ARG A 201 44.94 -4.51 21.65
C ARG A 201 45.20 -3.07 21.18
N GLU A 202 45.92 -2.91 20.06
CA GLU A 202 46.05 -1.60 19.46
C GLU A 202 44.71 -1.05 19.00
N LEU A 203 43.87 -1.89 18.40
CA LEU A 203 42.62 -1.42 17.83
C LEU A 203 41.58 -1.09 18.89
N GLY A 204 41.66 -1.70 20.07
CA GLY A 204 40.70 -1.41 21.13
C GLY A 204 40.28 -2.60 21.95
N PHE A 205 40.91 -3.75 21.74
CA PHE A 205 40.59 -4.94 22.52
C PHE A 205 41.34 -4.90 23.85
N ASP A 206 40.60 -5.09 24.93
CA ASP A 206 41.23 -5.08 26.26
C ASP A 206 41.89 -6.42 26.58
N GLU A 207 41.40 -7.52 26.02
CA GLU A 207 42.10 -8.78 26.18
C GLU A 207 41.84 -9.67 24.97
N VAL A 208 42.77 -10.58 24.71
CA VAL A 208 42.68 -11.52 23.61
C VAL A 208 42.87 -12.93 24.16
N VAL A 209 41.89 -13.79 23.93
CA VAL A 209 41.97 -15.21 24.29
C VAL A 209 42.43 -15.98 23.06
N LEU A 210 43.45 -16.80 23.23
CA LEU A 210 43.94 -17.62 22.13
C LEU A 210 43.10 -18.89 22.01
N TYR A 211 42.68 -19.20 20.79
CA TYR A 211 41.78 -20.33 20.57
C TYR A 211 41.91 -20.83 19.14
N THR A 212 42.31 -22.09 18.99
CA THR A 212 42.18 -22.82 17.74
C THR A 212 41.06 -23.84 17.89
N GLN A 213 40.24 -23.98 16.84
CA GLN A 213 39.17 -24.98 16.86
C GLN A 213 39.76 -26.35 17.17
N GLY A 214 38.96 -27.18 17.84
CA GLY A 214 39.52 -28.37 18.43
C GLY A 214 40.28 -28.13 19.72
N ASP A 215 40.01 -27.02 20.41
CA ASP A 215 40.57 -26.78 21.72
C ASP A 215 39.71 -27.42 22.81
N ASP A 216 40.27 -27.49 24.02
CA ASP A 216 39.58 -28.07 25.17
C ASP A 216 38.38 -27.22 25.54
N ALA A 217 37.19 -27.83 25.51
CA ALA A 217 35.95 -27.11 25.85
C ALA A 217 36.04 -26.44 27.21
N GLU A 218 36.76 -27.05 28.15
CA GLU A 218 36.86 -26.47 29.48
C GLU A 218 37.99 -25.46 29.57
N LYS A 219 39.12 -25.72 28.92
CA LYS A 219 40.23 -24.75 28.95
C LYS A 219 39.78 -23.42 28.37
N VAL A 220 39.00 -23.46 27.28
CA VAL A 220 38.48 -22.23 26.68
C VAL A 220 37.54 -21.55 27.66
N ARG A 221 36.72 -22.33 28.35
CA ARG A 221 35.84 -21.73 29.36
C ARG A 221 36.66 -21.10 30.47
N GLN A 222 37.68 -21.80 30.97
CA GLN A 222 38.53 -21.24 32.01
C GLN A 222 39.17 -19.94 31.54
N ALA A 223 39.59 -19.89 30.28
CA ALA A 223 40.26 -18.71 29.78
C ALA A 223 39.29 -17.55 29.63
N LEU A 224 38.06 -17.84 29.22
CA LEU A 224 37.04 -16.79 29.14
C LEU A 224 36.69 -16.26 30.52
N LEU A 225 36.61 -17.15 31.51
CA LEU A 225 36.36 -16.72 32.89
C LEU A 225 37.38 -15.69 33.34
N LEU A 226 38.67 -15.95 33.06
CA LEU A 226 39.71 -15.03 33.50
C LEU A 226 39.67 -13.72 32.73
N ALA A 227 39.27 -13.76 31.46
CA ALA A 227 39.29 -12.57 30.63
C ALA A 227 38.03 -11.73 30.78
N ALA A 228 36.93 -12.34 31.19
CA ALA A 228 35.66 -11.65 31.38
C ALA A 228 35.16 -11.96 32.79
N PRO A 229 35.85 -11.45 33.81
CA PRO A 229 35.54 -11.87 35.18
C PRO A 229 34.14 -11.50 35.63
N ASP A 230 33.50 -10.51 34.99
CA ASP A 230 32.22 -9.99 35.40
C ASP A 230 31.03 -10.58 34.64
N GLY A 231 31.24 -11.65 33.85
CA GLY A 231 30.18 -12.20 33.03
C GLY A 231 30.17 -11.58 31.63
N VAL A 232 29.47 -12.22 30.71
CA VAL A 232 29.44 -11.75 29.32
C VAL A 232 28.12 -11.08 29.06
N ASP A 233 28.16 -9.80 28.71
CA ASP A 233 26.95 -9.05 28.41
C ASP A 233 26.55 -9.17 26.94
N ARG A 234 27.54 -9.22 26.06
CA ARG A 234 27.27 -9.14 24.63
C ARG A 234 28.24 -10.05 23.91
N TYR A 235 27.74 -10.78 22.90
CA TYR A 235 28.56 -11.76 22.20
C TYR A 235 28.38 -11.55 20.70
N PHE A 236 29.47 -11.29 19.99
CA PHE A 236 29.45 -11.21 18.53
C PHE A 236 30.17 -12.45 18.01
N ASP A 237 29.41 -13.36 17.43
CA ASP A 237 29.90 -14.71 17.13
C ASP A 237 30.20 -14.82 15.64
N ASN A 238 31.48 -14.97 15.32
CA ASN A 238 31.95 -15.15 13.94
C ASN A 238 32.30 -16.59 13.62
N LEU A 239 32.37 -17.47 14.63
CA LEU A 239 32.96 -18.80 14.48
C LEU A 239 32.01 -19.94 14.79
N GLY A 240 31.22 -19.83 15.85
CA GLY A 240 30.51 -20.99 16.33
C GLY A 240 31.44 -21.97 17.02
N GLY A 241 30.87 -23.11 17.41
CA GLY A 241 31.66 -24.18 17.98
C GLY A 241 31.96 -23.97 19.46
N THR A 242 33.15 -24.44 19.85
CA THR A 242 33.48 -24.59 21.26
C THR A 242 33.52 -23.26 22.00
N VAL A 243 33.96 -22.18 21.32
CA VAL A 243 33.96 -20.88 21.98
C VAL A 243 32.54 -20.42 22.27
N THR A 244 31.63 -20.65 21.35
CA THR A 244 30.25 -20.24 21.61
C THR A 244 29.65 -21.08 22.73
N ASP A 245 29.96 -22.38 22.78
CA ASP A 245 29.45 -23.22 23.86
C ASP A 245 29.97 -22.76 25.22
N ALA A 246 31.22 -22.31 25.26
CA ALA A 246 31.80 -21.82 26.51
C ALA A 246 31.17 -20.50 26.92
N VAL A 247 30.97 -19.60 25.96
CA VAL A 247 30.33 -18.31 26.22
C VAL A 247 28.94 -18.52 26.80
N PHE A 248 28.19 -19.46 26.25
CA PHE A 248 26.83 -19.62 26.76
C PHE A 248 26.79 -20.16 28.20
N THR A 249 27.93 -20.46 28.83
CA THR A 249 27.90 -20.79 30.26
C THR A 249 28.15 -19.57 31.16
N MET A 250 28.33 -18.37 30.58
CA MET A 250 28.74 -17.21 31.37
C MET A 250 28.06 -15.93 30.90
N LEU A 251 26.95 -16.05 30.19
CA LEU A 251 26.15 -14.87 29.89
C LEU A 251 25.52 -14.31 31.16
N ASN A 252 25.51 -12.99 31.28
CA ASN A 252 24.73 -12.32 32.30
C ASN A 252 23.26 -12.28 31.91
N VAL A 253 22.41 -11.97 32.89
CA VAL A 253 20.99 -11.83 32.60
C VAL A 253 20.77 -10.75 31.55
N ASP A 254 19.82 -11.03 30.65
CA ASP A 254 19.39 -10.15 29.58
C ASP A 254 20.54 -9.82 28.63
N SER A 255 21.40 -10.80 28.42
CA SER A 255 22.47 -10.67 27.45
C SER A 255 21.90 -10.63 26.04
N ARG A 256 22.76 -10.25 25.07
CA ARG A 256 22.37 -10.20 23.67
C ARG A 256 23.48 -10.82 22.84
N VAL A 257 23.11 -11.68 21.88
CA VAL A 257 24.05 -12.51 21.13
C VAL A 257 23.72 -12.36 19.65
N ALA A 258 24.71 -11.97 18.85
CA ALA A 258 24.57 -11.91 17.40
C ALA A 258 25.38 -13.05 16.79
N VAL A 259 24.72 -13.85 15.96
CA VAL A 259 25.36 -14.99 15.32
C VAL A 259 25.38 -14.73 13.81
N CYS A 260 26.57 -14.69 13.21
CA CYS A 260 26.66 -14.29 11.81
C CYS A 260 26.36 -15.46 10.89
N TRP A 261 25.41 -15.25 9.98
CA TRP A 261 25.28 -16.14 8.83
C TRP A 261 26.62 -16.27 8.12
N GLN A 262 26.92 -17.48 7.63
CA GLN A 262 28.07 -17.69 6.76
C GLN A 262 27.72 -18.75 5.72
N TRP A 263 28.44 -18.72 4.60
CA TRP A 263 28.27 -19.74 3.56
C TRP A 263 28.38 -21.15 4.16
N ALA A 264 27.43 -22.01 3.80
CA ALA A 264 27.34 -23.33 4.43
C ALA A 264 28.53 -24.20 4.05
N THR A 265 29.30 -24.62 5.05
CA THR A 265 30.60 -25.23 4.85
C THR A 265 30.66 -26.59 5.52
N THR A 266 31.31 -27.53 4.84
CA THR A 266 31.47 -28.92 5.29
C THR A 266 32.90 -29.12 5.78
N VAL A 267 33.04 -29.81 6.92
CA VAL A 267 34.34 -30.19 7.45
C VAL A 267 34.39 -31.72 7.53
N ASN A 268 35.29 -32.32 6.74
CA ASN A 268 35.43 -33.78 6.65
C ASN A 268 34.11 -34.46 6.32
N GLY A 269 33.22 -33.73 5.65
CA GLY A 269 31.88 -34.24 5.40
C GLY A 269 30.99 -34.24 6.62
N GLU A 270 31.09 -33.21 7.47
CA GLU A 270 30.27 -33.09 8.66
C GLU A 270 29.72 -31.68 8.81
N LEU A 271 29.91 -31.07 9.98
CA LEU A 271 29.34 -29.75 10.23
C LEU A 271 30.22 -28.95 11.17
N THR A 272 30.55 -27.74 10.75
CA THR A 272 31.18 -26.76 11.61
C THR A 272 30.75 -25.37 11.16
N GLY A 273 30.80 -24.42 12.09
CA GLY A 273 30.42 -23.06 11.83
C GLY A 273 29.45 -22.54 12.85
N PRO A 274 29.03 -21.29 12.69
CA PRO A 274 28.08 -20.70 13.64
C PRO A 274 26.74 -21.41 13.57
N ARG A 275 26.12 -21.56 14.73
CA ARG A 275 24.81 -22.17 14.87
C ARG A 275 23.96 -21.24 15.73
N LEU A 276 22.65 -21.24 15.48
CA LEU A 276 21.75 -20.35 16.21
C LEU A 276 20.66 -21.12 16.93
N LEU A 277 19.91 -21.97 16.22
CA LEU A 277 18.72 -22.57 16.84
C LEU A 277 19.00 -23.31 18.14
N PRO A 278 20.04 -24.14 18.28
CA PRO A 278 20.22 -24.87 19.56
C PRO A 278 20.23 -23.97 20.76
N TYR A 279 20.69 -22.74 20.60
CA TYR A 279 20.88 -21.84 21.74
C TYR A 279 19.64 -21.04 22.09
N ILE A 280 18.62 -20.98 21.22
CA ILE A 280 17.50 -20.10 21.53
C ILE A 280 16.73 -20.59 22.75
N MET A 281 16.94 -21.84 23.16
CA MET A 281 16.26 -22.31 24.36
C MET A 281 16.84 -21.73 25.65
N PHE A 282 17.97 -21.04 25.58
CA PHE A 282 18.53 -20.45 26.79
C PHE A 282 17.66 -19.29 27.26
N PRO A 283 17.36 -19.19 28.56
CA PRO A 283 16.45 -18.14 29.01
C PRO A 283 17.17 -16.82 29.23
N ARG A 284 16.39 -15.75 29.23
CA ARG A 284 16.86 -14.42 29.61
C ARG A 284 17.99 -13.95 28.69
N THR A 285 17.83 -14.20 27.39
CA THR A 285 18.84 -13.77 26.42
C THR A 285 18.12 -13.53 25.10
N THR A 286 18.72 -12.67 24.28
CA THR A 286 18.19 -12.32 22.97
C THR A 286 19.24 -12.67 21.93
N ILE A 287 18.90 -13.55 20.99
CA ILE A 287 19.83 -14.02 19.98
C ILE A 287 19.27 -13.62 18.63
N ARG A 288 20.12 -13.07 17.76
CA ARG A 288 19.70 -12.68 16.42
C ARG A 288 20.72 -13.14 15.40
N GLY A 289 20.23 -13.72 14.31
CA GLY A 289 21.13 -14.08 13.21
C GLY A 289 21.36 -12.89 12.30
N ILE A 290 22.60 -12.70 11.88
CA ILE A 290 23.02 -11.48 11.20
C ILE A 290 23.34 -11.79 9.74
N PHE A 291 22.78 -10.99 8.84
CA PHE A 291 23.09 -11.07 7.40
C PHE A 291 23.02 -9.64 6.88
N ALA A 292 24.16 -9.08 6.48
CA ALA A 292 24.27 -7.63 6.26
C ALA A 292 23.25 -7.10 5.25
N GLN A 293 22.94 -7.88 4.21
CA GLN A 293 22.07 -7.34 3.18
C GLN A 293 20.68 -6.99 3.68
N GLU A 294 20.28 -7.56 4.81
CA GLU A 294 19.03 -7.16 5.44
C GLU A 294 18.96 -5.64 5.64
N TRP A 295 20.10 -5.00 5.87
CA TRP A 295 20.15 -3.58 6.19
C TRP A 295 20.58 -2.73 4.99
N PHE A 296 20.55 -3.29 3.77
CA PHE A 296 20.84 -2.53 2.55
C PHE A 296 19.60 -1.78 2.07
N THR A 297 19.14 -0.88 2.92
CA THR A 297 18.08 0.07 2.64
C THR A 297 18.70 1.42 2.32
N GLU A 298 17.97 2.24 1.58
CA GLU A 298 18.41 3.61 1.31
C GLU A 298 18.81 4.37 2.58
N PRO A 299 18.03 4.37 3.68
CA PRO A 299 18.45 5.14 4.85
C PRO A 299 19.68 4.60 5.55
N LEU A 300 19.80 3.29 5.70
CA LEU A 300 20.90 2.73 6.48
C LEU A 300 22.22 2.76 5.72
N LEU A 301 22.20 2.56 4.40
CA LEU A 301 23.42 2.70 3.62
C LEU A 301 23.97 4.11 3.68
N ALA A 302 23.11 5.11 3.45
CA ALA A 302 23.52 6.50 3.62
C ALA A 302 24.02 6.76 5.05
N GLN A 303 23.29 6.27 6.06
CA GLN A 303 23.73 6.50 7.43
C GLN A 303 25.12 5.93 7.65
N MET A 304 25.35 4.69 7.20
CA MET A 304 26.66 4.08 7.41
C MET A 304 27.75 4.88 6.71
N HIS A 305 27.53 5.25 5.45
CA HIS A 305 28.55 6.01 4.73
C HIS A 305 28.84 7.34 5.40
N GLN A 306 27.79 8.01 5.90
CA GLN A 306 28.01 9.26 6.62
C GLN A 306 28.71 9.03 7.95
N GLU A 307 28.17 8.13 8.78
CA GLU A 307 28.71 7.95 10.12
C GLU A 307 29.98 7.09 10.10
N LEU A 308 29.89 5.84 9.67
CA LEU A 308 31.10 5.02 9.65
C LEU A 308 32.12 5.58 8.68
N GLY A 309 31.68 6.01 7.49
CA GLY A 309 32.61 6.61 6.55
C GLY A 309 33.27 7.84 7.13
N GLY A 310 32.51 8.65 7.85
CA GLY A 310 33.10 9.78 8.56
C GLY A 310 34.22 9.37 9.50
N LEU A 311 34.06 8.26 10.22
CA LEU A 311 35.10 7.84 11.15
C LEU A 311 36.33 7.33 10.43
N VAL A 312 36.15 6.75 9.24
CA VAL A 312 37.30 6.30 8.46
C VAL A 312 38.13 7.48 7.99
N ARG A 313 37.48 8.50 7.44
CA ARG A 313 38.19 9.70 6.98
C ARG A 313 38.88 10.41 8.12
N ASP A 314 38.22 10.51 9.28
CA ASP A 314 38.83 11.16 10.43
C ASP A 314 39.86 10.27 11.13
N GLY A 315 40.22 9.13 10.56
CA GLY A 315 41.16 8.23 11.20
C GLY A 315 40.70 7.62 12.51
N GLU A 316 39.43 7.83 12.89
CA GLU A 316 38.94 7.24 14.12
C GLU A 316 38.80 5.72 13.99
N ILE A 317 38.36 5.23 12.83
CA ILE A 317 38.25 3.81 12.57
C ILE A 317 39.30 3.43 11.54
N ARG A 318 40.04 2.39 11.84
CA ARG A 318 41.17 1.95 11.03
C ARG A 318 40.81 0.64 10.37
N TYR A 319 40.92 0.60 9.05
CA TYR A 319 40.67 -0.59 8.25
C TYR A 319 41.89 -0.80 7.36
N HIS A 320 41.97 -1.98 6.76
CA HIS A 320 42.95 -2.12 5.70
C HIS A 320 42.53 -3.22 4.74
N GLN A 321 43.09 -3.15 3.54
CA GLN A 321 42.73 -4.07 2.49
C GLN A 321 43.85 -4.07 1.47
N THR A 322 44.15 -5.23 0.93
CA THR A 322 45.16 -5.40 -0.10
C THR A 322 44.46 -5.53 -1.44
N VAL A 323 44.83 -4.68 -2.39
CA VAL A 323 44.19 -4.66 -3.69
C VAL A 323 45.23 -5.09 -4.72
N HIS A 324 45.03 -6.28 -5.29
CA HIS A 324 45.86 -6.80 -6.37
C HIS A 324 45.41 -6.18 -7.70
N LYS A 325 46.30 -6.23 -8.68
CA LYS A 325 46.03 -5.49 -9.92
C LYS A 325 46.11 -6.43 -11.11
N GLY A 326 44.98 -6.62 -11.79
CA GLY A 326 44.99 -7.47 -12.96
C GLY A 326 44.05 -8.65 -12.76
N PHE A 327 43.11 -8.79 -13.71
CA PHE A 327 42.26 -9.98 -13.77
C PHE A 327 43.09 -11.25 -13.70
N ASP A 328 44.31 -11.23 -14.26
CA ASP A 328 45.13 -12.42 -14.21
C ASP A 328 45.67 -12.71 -12.82
N GLU A 329 45.56 -11.77 -11.89
CA GLU A 329 46.06 -11.94 -10.53
C GLU A 329 45.05 -12.60 -9.61
N ILE A 330 43.83 -12.87 -10.07
CA ILE A 330 42.77 -13.29 -9.16
C ILE A 330 43.08 -14.62 -8.48
N PRO A 331 43.46 -15.68 -9.19
CA PRO A 331 43.80 -16.93 -8.46
C PRO A 331 44.90 -16.73 -7.43
N ALA A 332 45.98 -16.02 -7.78
CA ALA A 332 47.04 -15.75 -6.81
C ALA A 332 46.49 -14.99 -5.59
N ALA A 333 45.63 -14.00 -5.81
CA ALA A 333 45.07 -13.27 -4.68
C ALA A 333 44.29 -14.22 -3.76
N TYR A 334 43.51 -15.13 -4.30
CA TYR A 334 42.81 -16.12 -3.50
C TYR A 334 43.76 -17.04 -2.76
N ARG A 335 44.81 -17.46 -3.43
CA ARG A 335 45.83 -18.28 -2.80
C ARG A 335 46.44 -17.58 -1.59
N SER A 336 46.52 -16.27 -1.63
CA SER A 336 47.13 -15.49 -0.55
C SER A 336 46.41 -15.63 0.76
N LEU A 337 45.14 -15.96 0.72
CA LEU A 337 44.36 -16.08 1.91
C LEU A 337 44.81 -17.26 2.70
N TYR A 338 45.44 -18.21 2.04
CA TYR A 338 45.84 -19.43 2.69
C TYR A 338 47.31 -19.41 2.99
N LEU A 339 47.98 -18.35 2.59
CA LEU A 339 49.36 -18.18 2.91
C LEU A 339 49.28 -17.38 4.14
N ASP A 340 50.29 -16.62 4.47
CA ASP A 340 50.23 -15.94 5.76
C ASP A 340 49.99 -14.43 5.71
N ARG A 341 49.90 -13.79 6.87
CA ARG A 341 49.73 -12.32 6.94
C ARG A 341 48.36 -11.86 6.53
N GLU A 342 47.42 -12.77 6.35
CA GLU A 342 46.08 -12.32 6.05
C GLU A 342 45.58 -11.50 7.20
N HIS A 343 45.91 -11.93 8.41
CA HIS A 343 45.52 -11.16 9.58
C HIS A 343 46.19 -9.83 9.50
N ASN A 344 46.96 -9.62 8.46
CA ASN A 344 47.55 -8.32 8.25
C ASN A 344 47.25 -7.85 6.83
N ARG A 345 46.65 -8.70 6.02
CA ARG A 345 46.28 -8.30 4.66
C ARG A 345 44.87 -7.79 4.63
N GLY A 346 44.05 -8.26 5.56
CA GLY A 346 42.69 -7.78 5.64
C GLY A 346 41.87 -8.19 4.46
N LYS A 347 40.88 -7.39 4.13
CA LYS A 347 40.08 -7.69 2.95
C LYS A 347 40.99 -7.72 1.72
N VAL A 348 40.92 -8.81 0.95
CA VAL A 348 41.68 -8.89 -0.30
C VAL A 348 40.73 -8.63 -1.46
N LEU A 349 41.14 -7.75 -2.37
CA LEU A 349 40.37 -7.41 -3.56
C LEU A 349 41.30 -7.48 -4.75
N VAL A 350 40.70 -7.56 -5.94
CA VAL A 350 41.45 -7.48 -7.20
C VAL A 350 40.84 -6.37 -8.04
N GLU A 351 41.65 -5.38 -8.42
CA GLU A 351 41.20 -4.38 -9.38
C GLU A 351 41.32 -4.93 -10.81
N VAL A 352 40.31 -4.68 -11.62
CA VAL A 352 40.24 -5.32 -12.90
C VAL A 352 40.12 -4.22 -13.94
N MET B 1 12.30 -45.54 52.71
CA MET B 1 11.81 -44.79 51.56
C MET B 1 12.17 -45.51 50.26
N ARG B 2 11.18 -46.18 49.67
CA ARG B 2 11.37 -46.97 48.47
C ARG B 2 11.28 -46.06 47.24
N ILE B 3 12.36 -45.96 46.48
CA ILE B 3 12.41 -45.12 45.28
C ILE B 3 12.80 -45.99 44.08
N GLU B 4 12.03 -45.88 42.99
CA GLU B 4 12.28 -46.69 41.81
C GLU B 4 12.59 -45.78 40.63
N LYS B 5 13.40 -46.28 39.70
CA LYS B 5 13.65 -45.47 38.51
C LYS B 5 14.05 -46.35 37.37
N TRP B 6 13.83 -45.85 36.16
CA TRP B 6 14.30 -46.51 34.96
C TRP B 6 15.58 -45.81 34.54
N VAL B 7 16.67 -46.58 34.47
CA VAL B 7 17.99 -46.05 34.18
C VAL B 7 18.49 -46.65 32.88
N VAL B 8 19.48 -45.99 32.29
CA VAL B 8 20.05 -46.44 31.03
C VAL B 8 20.98 -47.61 31.32
N ARG B 9 20.63 -48.77 30.79
CA ARG B 9 21.44 -49.97 30.98
C ARG B 9 22.47 -50.14 29.88
N GLU B 10 22.27 -49.52 28.72
CA GLU B 10 23.18 -49.75 27.61
C GLU B 10 22.88 -48.70 26.54
N HIS B 11 23.92 -48.32 25.81
CA HIS B 11 23.79 -47.31 24.76
C HIS B 11 23.53 -48.04 23.45
N LEU B 12 22.32 -47.90 22.92
CA LEU B 12 21.92 -48.55 21.69
C LEU B 12 21.06 -47.59 20.90
N ASP B 13 21.43 -47.38 19.63
CA ASP B 13 20.88 -46.32 18.80
C ASP B 13 19.64 -46.81 18.04
N GLY B 14 18.47 -46.53 18.59
CA GLY B 14 17.22 -46.75 17.88
C GLY B 14 16.79 -48.20 17.75
N VAL B 15 16.90 -48.98 18.81
CA VAL B 15 16.52 -50.39 18.76
C VAL B 15 15.12 -50.55 19.34
N PRO B 16 14.35 -51.54 18.85
CA PRO B 16 12.98 -51.70 19.35
C PRO B 16 12.92 -52.26 20.76
N ASP B 17 13.92 -53.03 21.18
CA ASP B 17 13.87 -53.72 22.46
C ASP B 17 14.16 -52.73 23.58
N VAL B 18 13.10 -52.21 24.19
CA VAL B 18 13.27 -51.24 25.25
C VAL B 18 13.94 -51.86 26.46
N ASN B 19 13.73 -53.15 26.71
CA ASN B 19 14.30 -53.74 27.91
C ASN B 19 15.80 -54.00 27.80
N ARG B 20 16.38 -53.80 26.61
CA ARG B 20 17.83 -53.83 26.47
C ARG B 20 18.47 -52.48 26.79
N VAL B 21 17.75 -51.39 26.52
CA VAL B 21 18.26 -50.06 26.83
C VAL B 21 17.99 -49.66 28.28
N TYR B 22 16.88 -50.08 28.87
CA TYR B 22 16.50 -49.56 30.17
C TYR B 22 16.42 -50.68 31.20
N GLU B 23 16.59 -50.30 32.45
CA GLU B 23 16.59 -51.25 33.54
C GLU B 23 16.00 -50.54 34.73
N LYS B 24 15.04 -51.17 35.41
CA LYS B 24 14.50 -50.57 36.61
C LYS B 24 15.41 -50.89 37.78
N VAL B 25 15.70 -49.88 38.59
CA VAL B 25 16.50 -50.00 39.80
C VAL B 25 15.63 -49.54 40.96
N VAL B 26 15.67 -50.28 42.05
CA VAL B 26 14.91 -49.96 43.25
C VAL B 26 15.88 -49.87 44.41
N GLU B 27 15.64 -48.93 45.32
CA GLU B 27 16.49 -48.79 46.49
C GLU B 27 15.75 -48.01 47.57
N ASP B 28 16.07 -48.33 48.81
CA ASP B 28 15.66 -47.50 49.91
C ASP B 28 16.67 -46.36 50.07
N VAL B 29 16.15 -45.16 50.24
CA VAL B 29 16.99 -43.97 50.36
C VAL B 29 16.57 -43.22 51.61
N ARG B 30 17.55 -42.79 52.38
CA ARG B 30 17.31 -41.85 53.46
C ARG B 30 17.28 -40.44 52.88
N ILE B 31 16.16 -39.73 53.03
CA ILE B 31 16.07 -38.36 52.58
C ILE B 31 16.46 -37.45 53.74
N ASP B 32 17.46 -36.59 53.49
CA ASP B 32 17.86 -35.56 54.43
C ASP B 32 17.86 -34.28 53.62
N LEU B 33 16.71 -33.62 53.57
CA LEU B 33 16.51 -32.43 52.76
C LEU B 33 17.46 -31.32 53.18
N ARG B 34 18.25 -30.84 52.22
CA ARG B 34 18.91 -29.56 52.37
C ARG B 34 17.84 -28.47 52.49
N PRO B 35 18.20 -27.31 53.05
CA PRO B 35 17.15 -26.35 53.45
C PRO B 35 16.25 -25.84 52.32
N ASP B 36 16.72 -25.81 51.07
CA ASP B 36 15.85 -25.36 49.98
C ASP B 36 15.37 -26.51 49.09
N GLU B 37 15.58 -27.76 49.50
CA GLU B 37 15.16 -28.93 48.73
C GLU B 37 13.73 -29.36 49.09
N MET B 38 13.12 -30.11 48.17
CA MET B 38 11.78 -30.66 48.35
C MET B 38 11.81 -32.13 47.97
N LEU B 39 10.96 -32.93 48.61
CA LEU B 39 10.71 -34.30 48.17
C LEU B 39 9.46 -34.30 47.30
N PHE B 40 9.59 -34.79 46.07
CA PHE B 40 8.50 -34.83 45.11
C PHE B 40 8.07 -36.28 44.87
N ARG B 41 6.78 -36.47 44.70
CA ARG B 41 6.24 -37.77 44.29
C ARG B 41 5.75 -37.63 42.85
N THR B 42 6.37 -38.36 41.93
CA THR B 42 5.96 -38.29 40.53
C THR B 42 4.51 -38.74 40.35
N ARG B 43 3.72 -37.95 39.64
CA ARG B 43 2.36 -38.33 39.25
C ARG B 43 2.25 -38.72 37.79
N TYR B 44 2.87 -37.95 36.91
CA TYR B 44 2.86 -38.25 35.47
C TYR B 44 4.26 -38.05 34.91
N VAL B 45 4.62 -38.87 33.92
CA VAL B 45 5.86 -38.69 33.20
C VAL B 45 5.55 -38.72 31.71
N SER B 46 6.27 -37.88 30.96
CA SER B 46 6.13 -37.87 29.52
C SER B 46 7.03 -38.93 28.88
N VAL B 47 6.58 -39.49 27.76
CA VAL B 47 7.37 -40.45 27.01
C VAL B 47 7.43 -39.92 25.59
N ASP B 48 8.64 -39.69 25.08
CA ASP B 48 8.82 -38.95 23.83
C ASP B 48 9.91 -39.55 22.95
N PRO B 49 9.81 -39.34 21.62
CA PRO B 49 10.82 -39.90 20.71
C PRO B 49 12.25 -39.46 21.01
N TYR B 50 12.43 -38.23 21.53
CA TYR B 50 13.78 -37.72 21.73
C TYR B 50 14.54 -38.49 22.81
N GLN B 51 13.83 -39.19 23.68
CA GLN B 51 14.54 -39.92 24.74
C GLN B 51 15.45 -41.01 24.17
N ASN B 52 15.26 -41.43 22.92
CA ASN B 52 16.24 -42.33 22.30
C ASN B 52 17.61 -41.65 22.21
N GLY B 53 17.64 -40.41 21.70
CA GLY B 53 18.90 -39.69 21.64
C GLY B 53 19.42 -39.29 23.01
N LEU B 54 18.52 -38.97 23.94
CA LEU B 54 18.94 -38.55 25.27
C LEU B 54 19.61 -39.72 26.02
N ALA B 55 19.07 -40.94 25.87
CA ALA B 55 19.71 -42.11 26.47
C ALA B 55 21.16 -42.24 26.06
N LEU B 56 21.48 -41.94 24.79
CA LEU B 56 22.85 -42.05 24.30
C LEU B 56 23.79 -41.06 24.99
N GLU B 57 23.25 -39.95 25.51
CA GLU B 57 24.04 -38.92 26.18
C GLU B 57 23.90 -38.99 27.70
N THR B 58 23.28 -40.06 28.22
CA THR B 58 23.04 -40.29 29.63
C THR B 58 24.01 -41.34 30.16
N PRO B 59 24.79 -41.05 31.20
CA PRO B 59 25.71 -42.05 31.73
C PRO B 59 25.00 -43.34 32.11
N ILE B 60 25.67 -44.46 31.85
CA ILE B 60 25.13 -45.78 32.17
C ILE B 60 24.86 -45.84 33.67
N GLY B 61 23.66 -46.29 34.03
CA GLY B 61 23.25 -46.32 35.41
C GLY B 61 22.44 -45.13 35.88
N HIS B 62 22.35 -44.06 35.10
CA HIS B 62 21.60 -42.88 35.46
C HIS B 62 20.19 -42.92 34.88
N HIS B 63 19.25 -42.28 35.58
CA HIS B 63 17.86 -42.30 35.15
C HIS B 63 17.67 -41.48 33.88
N MET B 64 16.61 -41.84 33.14
CA MET B 64 16.25 -41.14 31.92
C MET B 64 15.48 -39.88 32.24
N GLY B 65 15.91 -38.75 31.68
CA GLY B 65 15.18 -37.51 31.88
C GLY B 65 13.85 -37.50 31.17
N ALA B 66 12.92 -36.71 31.70
CA ALA B 66 11.59 -36.59 31.11
C ALA B 66 10.87 -35.42 31.75
N ASP B 67 10.00 -34.77 30.98
CA ASP B 67 9.04 -33.85 31.60
C ASP B 67 8.05 -34.64 32.44
N SER B 68 7.77 -34.13 33.64
CA SER B 68 6.94 -34.86 34.58
C SER B 68 6.08 -33.87 35.37
N ILE B 69 5.02 -34.40 35.97
CA ILE B 69 4.19 -33.67 36.93
C ILE B 69 4.41 -34.31 38.28
N MET B 70 4.73 -33.49 39.29
CA MET B 70 5.19 -33.98 40.58
C MET B 70 4.41 -33.33 41.71
N GLU B 71 4.27 -34.06 42.81
CA GLU B 71 3.58 -33.56 44.00
C GLU B 71 4.58 -33.35 45.11
N VAL B 72 4.52 -32.18 45.75
CA VAL B 72 5.43 -31.87 46.84
C VAL B 72 4.94 -32.60 48.09
N VAL B 73 5.77 -33.48 48.63
CA VAL B 73 5.37 -34.18 49.85
C VAL B 73 6.17 -33.74 51.07
N GLU B 74 7.33 -33.11 50.88
CA GLU B 74 8.11 -32.54 51.98
C GLU B 74 8.91 -31.37 51.43
N ALA B 75 8.94 -30.27 52.19
CA ALA B 75 9.68 -29.09 51.78
C ALA B 75 10.59 -28.63 52.91
N GLY B 76 11.84 -28.30 52.57
CA GLY B 76 12.73 -27.68 53.50
C GLY B 76 12.21 -26.31 53.90
N PRO B 77 12.84 -25.70 54.91
CA PRO B 77 12.40 -24.36 55.33
C PRO B 77 12.56 -23.29 54.26
N ALA B 78 13.51 -23.45 53.33
CA ALA B 78 13.78 -22.44 52.31
C ALA B 78 13.37 -22.90 50.91
N ALA B 79 12.45 -23.85 50.81
CA ALA B 79 12.08 -24.42 49.52
C ALA B 79 11.09 -23.52 48.78
N ALA B 80 11.12 -23.61 47.45
CA ALA B 80 10.33 -22.72 46.61
C ALA B 80 8.84 -23.01 46.69
N PHE B 81 8.46 -24.26 46.95
CA PHE B 81 7.06 -24.67 46.87
C PHE B 81 6.63 -25.29 48.19
N ALA B 82 5.32 -25.40 48.40
CA ALA B 82 4.78 -25.87 49.67
C ALA B 82 4.32 -27.32 49.56
N VAL B 83 4.22 -27.98 50.71
CA VAL B 83 3.73 -29.34 50.73
C VAL B 83 2.34 -29.35 50.12
N GLY B 84 2.06 -30.37 49.30
CA GLY B 84 0.80 -30.48 48.61
C GLY B 84 0.74 -29.83 47.24
N ASP B 85 1.72 -28.98 46.88
CA ASP B 85 1.75 -28.35 45.58
C ASP B 85 1.96 -29.36 44.46
N LEU B 86 1.40 -29.06 43.29
CA LEU B 86 1.67 -29.81 42.07
C LEU B 86 2.61 -28.99 41.20
N VAL B 87 3.68 -29.63 40.73
CA VAL B 87 4.81 -28.96 40.09
C VAL B 87 5.13 -29.71 38.81
N GLN B 88 5.41 -28.97 37.73
CA GLN B 88 5.84 -29.53 36.46
C GLN B 88 7.31 -29.20 36.24
N GLY B 89 8.13 -30.21 36.03
CA GLY B 89 9.55 -30.00 35.76
C GLY B 89 10.17 -31.25 35.17
N PHE B 90 11.48 -31.17 34.92
CA PHE B 90 12.19 -32.27 34.27
C PHE B 90 12.57 -33.36 35.28
N GLY B 91 11.55 -33.97 35.88
CA GLY B 91 11.79 -34.90 36.99
C GLY B 91 12.33 -36.25 36.56
N GLY B 92 11.98 -36.71 35.36
CA GLY B 92 12.49 -37.96 34.83
C GLY B 92 11.68 -39.18 35.22
N TRP B 93 12.15 -40.33 34.74
CA TRP B 93 11.49 -41.61 35.00
C TRP B 93 11.89 -42.11 36.39
N ARG B 94 11.31 -41.48 37.39
CA ARG B 94 11.60 -41.76 38.80
C ARG B 94 10.31 -41.67 39.59
N THR B 95 10.14 -42.54 40.60
CA THR B 95 8.93 -42.45 41.39
C THR B 95 8.96 -41.25 42.32
N HIS B 96 10.15 -40.88 42.81
CA HIS B 96 10.33 -39.73 43.69
C HIS B 96 11.59 -38.97 43.29
N VAL B 97 11.59 -37.66 43.54
CA VAL B 97 12.71 -36.79 43.21
C VAL B 97 13.03 -35.89 44.39
N VAL B 98 14.33 -35.71 44.67
CA VAL B 98 14.80 -34.66 45.59
C VAL B 98 15.46 -33.56 44.77
N HIS B 99 14.94 -32.34 44.89
CA HIS B 99 15.33 -31.24 44.01
C HIS B 99 14.86 -29.93 44.63
N ASN B 100 15.58 -28.84 44.32
CA ASN B 100 15.17 -27.52 44.78
C ASN B 100 14.39 -26.73 43.73
N GLY B 101 14.25 -27.27 42.51
CA GLY B 101 13.44 -26.63 41.49
C GLY B 101 14.18 -25.71 40.55
N ALA B 102 15.48 -25.50 40.75
CA ALA B 102 16.18 -24.48 39.98
C ALA B 102 16.50 -24.99 38.57
N GLU B 103 16.82 -24.06 37.68
CA GLU B 103 17.33 -24.43 36.37
C GLU B 103 18.61 -25.24 36.52
N GLU B 104 18.88 -26.07 35.51
CA GLU B 104 20.05 -26.94 35.47
C GLU B 104 20.79 -26.73 34.16
N LEU B 105 22.03 -26.26 34.25
CA LEU B 105 22.92 -26.21 33.10
C LEU B 105 23.47 -27.61 32.85
N TRP B 106 23.25 -28.14 31.65
CA TRP B 106 23.73 -29.46 31.26
C TRP B 106 24.60 -29.30 30.03
N THR B 107 25.90 -29.64 30.15
CA THR B 107 26.87 -29.28 29.12
C THR B 107 27.58 -30.45 28.48
N THR B 108 27.13 -31.68 28.67
CA THR B 108 27.86 -32.83 28.14
C THR B 108 27.20 -33.46 26.91
N GLY B 109 26.07 -32.93 26.44
CA GLY B 109 25.48 -33.39 25.19
C GLY B 109 26.15 -32.73 24.01
N ILE B 110 25.47 -32.80 22.86
CA ILE B 110 26.00 -32.17 21.65
C ILE B 110 26.14 -30.67 21.85
N PHE B 111 25.06 -30.00 22.25
CA PHE B 111 25.04 -28.58 22.62
C PHE B 111 24.74 -28.42 24.10
N PRO B 112 25.22 -27.36 24.74
CA PRO B 112 24.78 -27.08 26.11
C PRO B 112 23.30 -26.77 26.15
N MET B 113 22.71 -26.98 27.32
CA MET B 113 21.28 -26.78 27.52
C MET B 113 21.06 -26.26 28.93
N VAL B 114 20.00 -25.49 29.10
CA VAL B 114 19.48 -25.14 30.41
C VAL B 114 18.12 -25.79 30.53
N PHE B 115 17.98 -26.77 31.43
CA PHE B 115 16.66 -27.32 31.72
C PHE B 115 15.86 -26.28 32.50
N PRO B 116 14.60 -26.04 32.14
CA PRO B 116 13.87 -24.94 32.79
C PRO B 116 13.67 -25.17 34.29
N ALA B 117 13.40 -24.09 35.00
CA ALA B 117 13.08 -24.21 36.41
C ALA B 117 11.74 -24.90 36.58
N TYR B 118 11.60 -25.63 37.68
CA TYR B 118 10.31 -26.22 38.00
C TYR B 118 9.29 -25.11 38.16
N ARG B 119 8.04 -25.42 37.89
CA ARG B 119 7.00 -24.40 37.88
C ARG B 119 5.76 -24.96 38.56
N ARG B 120 5.08 -24.10 39.30
CA ARG B 120 3.92 -24.51 40.08
C ARG B 120 2.70 -24.51 39.18
N LEU B 121 1.92 -25.58 39.25
CA LEU B 121 0.66 -25.64 38.53
C LEU B 121 -0.43 -25.02 39.38
N ASP B 122 -1.22 -24.13 38.79
CA ASP B 122 -2.33 -23.49 39.50
C ASP B 122 -3.42 -24.52 39.77
N PRO B 123 -3.79 -24.79 41.02
CA PRO B 123 -4.89 -25.72 41.29
C PRO B 123 -6.18 -25.39 40.54
N SER B 124 -6.50 -24.10 40.36
CA SER B 124 -7.76 -23.75 39.71
C SER B 124 -7.77 -24.02 38.21
N TRP B 125 -6.62 -24.35 37.61
CA TRP B 125 -6.58 -24.46 36.14
C TRP B 125 -7.34 -25.68 35.63
N TYR B 126 -7.34 -26.77 36.37
CA TYR B 126 -7.72 -28.06 35.82
C TYR B 126 -8.99 -28.59 36.47
N GLY B 127 -9.74 -29.37 35.71
CA GLY B 127 -10.99 -29.96 36.17
C GLY B 127 -11.22 -31.26 35.45
N GLU B 128 -12.51 -31.61 35.30
CA GLU B 128 -12.85 -32.88 34.64
C GLU B 128 -12.56 -32.84 33.14
N ARG B 129 -12.90 -31.73 32.49
CA ARG B 129 -12.73 -31.64 31.05
C ARG B 129 -11.30 -31.24 30.67
N LEU B 130 -10.52 -30.73 31.62
CA LEU B 130 -9.13 -30.33 31.39
C LEU B 130 -8.30 -30.80 32.57
N PRO B 131 -7.96 -32.08 32.62
CA PRO B 131 -7.28 -32.63 33.80
C PRO B 131 -5.84 -32.15 33.90
N VAL B 132 -5.25 -32.46 35.06
CA VAL B 132 -3.87 -32.12 35.36
C VAL B 132 -2.89 -32.70 34.35
N SER B 133 -3.16 -33.91 33.83
CA SER B 133 -2.27 -34.52 32.86
C SER B 133 -2.04 -33.63 31.64
N THR B 134 -2.98 -32.74 31.31
CA THR B 134 -2.77 -31.85 30.18
C THR B 134 -1.63 -30.86 30.40
N ALA B 135 -1.09 -30.76 31.61
CA ALA B 135 0.10 -29.94 31.81
C ALA B 135 1.33 -30.49 31.10
N LEU B 136 1.29 -31.72 30.60
CA LEU B 136 2.37 -32.26 29.79
C LEU B 136 1.98 -32.29 28.32
N GLY B 137 0.86 -31.70 27.96
CA GLY B 137 0.35 -31.75 26.61
C GLY B 137 -0.19 -30.40 26.18
N ILE B 138 -1.50 -30.31 25.94
CA ILE B 138 -2.04 -29.10 25.33
C ILE B 138 -1.92 -27.89 26.26
N MET B 139 -1.86 -28.12 27.58
CA MET B 139 -1.69 -27.04 28.54
C MET B 139 -0.26 -26.88 29.01
N GLY B 140 0.68 -27.63 28.43
CA GLY B 140 2.09 -27.58 28.83
C GLY B 140 2.98 -27.16 27.67
N ALA B 141 4.22 -27.61 27.65
CA ALA B 141 5.14 -27.16 26.59
C ALA B 141 4.65 -27.48 25.20
N PRO B 142 4.06 -28.66 24.90
CA PRO B 142 3.57 -28.88 23.53
C PRO B 142 2.49 -27.91 23.12
N GLY B 143 1.46 -27.73 23.96
CA GLY B 143 0.42 -26.77 23.65
C GLY B 143 0.97 -25.37 23.44
N MET B 144 1.84 -24.91 24.34
CA MET B 144 2.40 -23.56 24.22
C MET B 144 3.28 -23.41 22.98
N THR B 145 3.96 -24.48 22.57
CA THR B 145 4.75 -24.39 21.34
C THR B 145 3.85 -23.98 20.18
N ALA B 146 2.67 -24.57 20.08
CA ALA B 146 1.72 -24.23 19.02
C ALA B 146 1.03 -22.90 19.33
N TRP B 147 0.46 -22.78 20.53
CA TRP B 147 -0.40 -21.64 20.83
C TRP B 147 0.41 -20.36 20.98
N GLY B 148 1.53 -20.41 21.68
CA GLY B 148 2.33 -19.21 21.81
C GLY B 148 2.82 -18.69 20.47
N THR B 149 3.20 -19.61 19.57
CA THR B 149 3.66 -19.18 18.26
C THR B 149 2.56 -18.43 17.52
N LEU B 150 1.35 -18.98 17.49
CA LEU B 150 0.29 -18.32 16.73
C LEU B 150 -0.10 -16.96 17.32
N THR B 151 -0.10 -16.83 18.64
CA THR B 151 -0.55 -15.57 19.24
C THR B 151 0.57 -14.56 19.41
N ARG B 152 1.82 -15.00 19.45
CA ARG B 152 2.93 -14.10 19.74
C ARG B 152 3.83 -13.83 18.54
N PHE B 153 3.68 -14.56 17.44
CA PHE B 153 4.63 -14.38 16.34
C PHE B 153 4.04 -14.55 14.95
N LEU B 154 3.25 -15.59 14.72
CA LEU B 154 3.02 -16.03 13.34
C LEU B 154 2.18 -15.01 12.55
N GLU B 155 1.29 -14.30 13.21
CA GLU B 155 0.45 -13.29 12.55
C GLU B 155 -0.23 -13.87 11.32
N VAL B 156 -0.97 -14.95 11.53
CA VAL B 156 -1.81 -15.49 10.46
C VAL B 156 -2.91 -14.46 10.16
N ARG B 157 -2.95 -14.00 8.92
CA ARG B 157 -3.92 -13.08 8.36
C ARG B 157 -4.94 -13.83 7.52
N PRO B 158 -6.18 -13.35 7.44
CA PRO B 158 -7.17 -14.03 6.60
C PRO B 158 -6.65 -14.18 5.17
N GLY B 159 -6.99 -15.31 4.56
CA GLY B 159 -6.53 -15.62 3.22
C GLY B 159 -5.13 -16.19 3.14
N ASP B 160 -4.35 -16.11 4.20
CA ASP B 160 -2.97 -16.60 4.16
C ASP B 160 -2.94 -18.09 3.86
N THR B 161 -1.93 -18.50 3.09
CA THR B 161 -1.61 -19.91 2.95
C THR B 161 -0.58 -20.27 4.00
N VAL B 162 -0.92 -21.24 4.85
CA VAL B 162 -0.12 -21.64 6.00
C VAL B 162 0.34 -23.07 5.76
N VAL B 163 1.65 -23.32 5.81
CA VAL B 163 2.19 -24.67 5.68
C VAL B 163 2.65 -25.12 7.06
N VAL B 164 2.32 -26.35 7.42
CA VAL B 164 2.74 -26.97 8.68
C VAL B 164 3.46 -28.27 8.37
N SER B 165 4.77 -28.30 8.61
CA SER B 165 5.46 -29.58 8.53
C SER B 165 5.32 -30.34 9.84
N GLY B 166 5.38 -31.67 9.75
CA GLY B 166 5.06 -32.47 10.91
C GLY B 166 3.63 -32.28 11.36
N ALA B 167 2.71 -32.18 10.42
CA ALA B 167 1.34 -31.80 10.75
C ALA B 167 0.59 -32.89 11.51
N SER B 168 1.08 -34.14 11.46
CA SER B 168 0.45 -35.28 12.12
C SER B 168 0.86 -35.42 13.58
N GLY B 169 1.82 -34.62 14.04
CA GLY B 169 2.11 -34.56 15.46
C GLY B 169 1.07 -33.77 16.22
N SER B 170 1.07 -33.95 17.54
CA SER B 170 0.13 -33.19 18.36
C SER B 170 0.33 -31.70 18.19
N ILE B 171 1.58 -31.25 18.19
CA ILE B 171 1.86 -29.81 18.07
C ILE B 171 1.43 -29.30 16.71
N GLY B 172 1.86 -29.98 15.64
CA GLY B 172 1.49 -29.55 14.29
C GLY B 172 0.00 -29.59 14.04
N THR B 173 -0.68 -30.61 14.55
CA THR B 173 -2.14 -30.65 14.41
C THR B 173 -2.77 -29.42 15.04
N LEU B 174 -2.33 -29.08 16.26
CA LEU B 174 -2.86 -27.90 16.96
C LEU B 174 -2.59 -26.62 16.17
N VAL B 175 -1.38 -26.48 15.63
CA VAL B 175 -1.06 -25.32 14.81
C VAL B 175 -2.03 -25.19 13.65
N GLY B 176 -2.33 -26.32 12.99
CA GLY B 176 -3.25 -26.28 11.86
C GLY B 176 -4.65 -25.84 12.24
N GLN B 177 -5.19 -26.35 13.35
CA GLN B 177 -6.53 -25.96 13.78
C GLN B 177 -6.57 -24.49 14.15
N LEU B 178 -5.60 -24.04 14.97
CA LEU B 178 -5.55 -22.63 15.35
C LEU B 178 -5.35 -21.72 14.13
N ALA B 179 -4.64 -22.19 13.10
CA ALA B 179 -4.48 -21.35 11.91
C ALA B 179 -5.79 -21.18 11.17
N LYS B 180 -6.59 -22.25 11.06
CA LYS B 180 -7.89 -22.14 10.42
C LYS B 180 -8.81 -21.23 11.21
N ARG B 181 -8.75 -21.29 12.53
CA ARG B 181 -9.56 -20.41 13.35
C ARG B 181 -9.16 -18.98 13.10
N ALA B 182 -7.88 -18.76 12.87
CA ALA B 182 -7.46 -17.41 12.52
C ALA B 182 -7.94 -17.00 11.13
N GLY B 183 -8.60 -17.90 10.40
CA GLY B 183 -9.12 -17.56 9.11
C GLY B 183 -8.13 -17.70 7.98
N ALA B 184 -7.16 -18.61 8.10
CA ALA B 184 -6.22 -18.84 7.02
C ALA B 184 -6.98 -19.29 5.79
N GLY B 185 -6.63 -18.71 4.63
CA GLY B 185 -7.29 -19.12 3.41
C GLY B 185 -7.03 -20.56 3.06
N ARG B 186 -5.89 -21.10 3.49
CA ARG B 186 -5.52 -22.45 3.15
C ARG B 186 -4.47 -22.92 4.15
N VAL B 187 -4.66 -24.14 4.65
CA VAL B 187 -3.75 -24.74 5.63
C VAL B 187 -3.27 -26.06 5.05
N VAL B 188 -1.97 -26.15 4.78
CA VAL B 188 -1.36 -27.31 4.15
C VAL B 188 -0.50 -28.00 5.19
N GLY B 189 -0.65 -29.31 5.32
CA GLY B 189 0.14 -30.09 6.26
C GLY B 189 0.90 -31.18 5.54
N THR B 190 2.13 -31.44 5.98
CA THR B 190 2.91 -32.53 5.42
C THR B 190 2.86 -33.73 6.37
N THR B 191 2.96 -34.93 5.78
CA THR B 191 2.92 -36.17 6.54
C THR B 191 3.71 -37.24 5.81
N GLY B 192 4.09 -38.27 6.54
CA GLY B 192 4.86 -39.34 5.94
C GLY B 192 4.00 -40.48 5.45
N SER B 193 2.86 -40.69 6.11
CA SER B 193 2.05 -41.88 5.90
C SER B 193 0.64 -41.50 5.45
N PRO B 194 0.24 -41.91 4.25
CA PRO B 194 -1.10 -41.54 3.76
C PRO B 194 -2.24 -41.98 4.65
N GLY B 195 -1.99 -42.86 5.62
CA GLY B 195 -3.06 -43.26 6.53
C GLY B 195 -3.70 -42.06 7.19
N LYS B 196 -2.86 -41.16 7.73
CA LYS B 196 -3.39 -39.95 8.33
C LYS B 196 -3.78 -38.89 7.30
N ALA B 197 -3.38 -39.05 6.03
CA ALA B 197 -3.72 -38.06 5.01
C ALA B 197 -5.20 -37.71 5.07
N GLU B 198 -6.06 -38.72 4.92
CA GLU B 198 -7.50 -38.50 5.11
C GLU B 198 -7.79 -38.03 6.52
N TYR B 199 -6.93 -38.38 7.46
CA TYR B 199 -7.17 -38.05 8.86
C TYR B 199 -6.81 -36.60 9.20
N LEU B 200 -5.86 -36.03 8.49
CA LEU B 200 -5.49 -34.63 8.72
C LEU B 200 -6.57 -33.72 8.25
N ARG B 201 -7.14 -34.03 7.10
CA ARG B 201 -8.21 -33.22 6.55
C ARG B 201 -9.41 -33.40 7.40
N GLU B 202 -9.50 -34.57 8.01
CA GLU B 202 -10.57 -34.81 8.92
C GLU B 202 -10.40 -33.87 10.07
N LEU B 203 -9.18 -33.75 10.58
CA LEU B 203 -8.90 -32.80 11.66
C LEU B 203 -9.11 -31.36 11.28
N GLY B 204 -8.49 -30.93 10.20
CA GLY B 204 -8.64 -29.57 9.73
C GLY B 204 -7.82 -29.60 8.46
N PHE B 205 -7.33 -28.49 7.96
CA PHE B 205 -6.45 -28.54 6.79
C PHE B 205 -7.18 -28.54 5.44
N ASP B 206 -6.57 -27.95 4.47
CA ASP B 206 -7.26 -27.92 3.23
C ASP B 206 -6.58 -28.93 2.37
N GLU B 207 -5.32 -29.20 2.66
CA GLU B 207 -4.58 -30.15 1.90
C GLU B 207 -3.44 -30.81 2.66
N VAL B 208 -3.08 -31.99 2.22
CA VAL B 208 -2.02 -32.71 2.88
C VAL B 208 -1.01 -33.15 1.85
N VAL B 209 0.26 -32.93 2.12
CA VAL B 209 1.31 -33.33 1.22
C VAL B 209 2.07 -34.51 1.82
N LEU B 210 2.18 -35.58 1.07
CA LEU B 210 2.87 -36.78 1.54
C LEU B 210 4.38 -36.56 1.47
N TYR B 211 5.07 -36.79 2.58
CA TYR B 211 6.50 -36.49 2.62
C TYR B 211 7.18 -37.33 3.68
N THR B 212 8.11 -38.18 3.26
CA THR B 212 9.10 -38.79 4.13
C THR B 212 10.42 -38.04 3.99
N GLN B 213 11.31 -38.22 4.97
CA GLN B 213 12.51 -37.40 5.05
C GLN B 213 13.43 -37.63 3.86
N GLY B 214 13.52 -38.87 3.38
CA GLY B 214 14.45 -39.20 2.32
C GLY B 214 14.01 -38.80 0.91
N ASP B 215 13.11 -37.83 0.79
CA ASP B 215 12.55 -37.44 -0.50
C ASP B 215 13.36 -36.31 -1.15
N ASP B 216 13.32 -36.29 -2.48
CA ASP B 216 13.99 -35.26 -3.28
C ASP B 216 13.41 -33.87 -2.96
N ALA B 217 14.29 -32.87 -2.84
CA ALA B 217 13.80 -31.52 -2.62
C ALA B 217 12.94 -31.05 -3.79
N GLU B 218 13.33 -31.41 -5.00
CA GLU B 218 12.52 -31.08 -6.17
C GLU B 218 11.17 -31.81 -6.13
N LYS B 219 11.15 -33.03 -5.60
CA LYS B 219 9.89 -33.79 -5.61
C LYS B 219 8.91 -33.26 -4.58
N VAL B 220 9.39 -32.83 -3.42
CA VAL B 220 8.47 -32.23 -2.47
C VAL B 220 8.05 -30.82 -2.90
N ARG B 221 8.95 -30.05 -3.53
CA ARG B 221 8.55 -28.74 -4.02
C ARG B 221 7.37 -28.85 -4.97
N GLN B 222 7.42 -29.81 -5.90
CA GLN B 222 6.31 -29.94 -6.84
C GLN B 222 5.02 -30.31 -6.12
N ALA B 223 5.11 -31.14 -5.08
CA ALA B 223 3.90 -31.44 -4.32
C ALA B 223 3.38 -30.20 -3.58
N LEU B 224 4.27 -29.35 -3.08
CA LEU B 224 3.82 -28.16 -2.37
C LEU B 224 3.27 -27.12 -3.32
N LEU B 225 3.92 -26.94 -4.48
CA LEU B 225 3.37 -26.08 -5.53
C LEU B 225 1.92 -26.41 -5.80
N LEU B 226 1.60 -27.70 -5.91
CA LEU B 226 0.24 -28.10 -6.22
C LEU B 226 -0.72 -27.81 -5.07
N ALA B 227 -0.29 -28.03 -3.83
CA ALA B 227 -1.18 -27.78 -2.70
C ALA B 227 -1.26 -26.31 -2.31
N ALA B 228 -0.27 -25.50 -2.68
CA ALA B 228 -0.22 -24.08 -2.32
C ALA B 228 -0.01 -23.25 -3.58
N PRO B 229 -1.04 -23.17 -4.43
CA PRO B 229 -0.86 -22.53 -5.74
C PRO B 229 -0.51 -21.06 -5.69
N ASP B 230 -0.83 -20.37 -4.60
CA ASP B 230 -0.60 -18.94 -4.52
C ASP B 230 0.61 -18.59 -3.67
N GLY B 231 1.52 -19.53 -3.48
CA GLY B 231 2.69 -19.30 -2.66
C GLY B 231 2.38 -19.47 -1.19
N VAL B 232 3.43 -19.46 -0.39
CA VAL B 232 3.35 -19.71 1.05
C VAL B 232 3.55 -18.39 1.79
N ASP B 233 2.58 -18.02 2.63
CA ASP B 233 2.69 -16.83 3.46
C ASP B 233 3.25 -17.09 4.84
N ARG B 234 2.95 -18.25 5.40
CA ARG B 234 3.30 -18.61 6.78
C ARG B 234 3.79 -20.04 6.80
N TYR B 235 4.87 -20.31 7.52
CA TYR B 235 5.42 -21.66 7.65
C TYR B 235 5.70 -21.94 9.10
N PHE B 236 5.14 -23.02 9.62
CA PHE B 236 5.45 -23.50 10.96
C PHE B 236 6.23 -24.79 10.77
N ASP B 237 7.51 -24.76 11.11
CA ASP B 237 8.43 -25.84 10.76
C ASP B 237 8.73 -26.62 12.03
N ASN B 238 8.16 -27.82 12.13
CA ASN B 238 8.47 -28.74 13.20
C ASN B 238 9.20 -29.96 12.65
N LEU B 239 9.89 -29.80 11.52
CA LEU B 239 10.45 -30.97 10.87
C LEU B 239 11.88 -30.72 10.41
N GLY B 240 12.10 -29.64 9.66
CA GLY B 240 13.39 -29.37 9.09
C GLY B 240 13.66 -30.25 7.87
N GLY B 241 14.66 -29.83 7.09
CA GLY B 241 15.16 -30.69 6.03
C GLY B 241 14.60 -30.34 4.67
N THR B 242 14.40 -31.37 3.85
CA THR B 242 14.04 -31.23 2.46
C THR B 242 12.78 -30.40 2.28
N VAL B 243 11.79 -30.60 3.14
CA VAL B 243 10.53 -29.87 3.03
C VAL B 243 10.76 -28.38 3.26
N THR B 244 11.66 -28.03 4.18
CA THR B 244 11.88 -26.61 4.48
C THR B 244 12.66 -25.94 3.35
N ASP B 245 13.67 -26.62 2.80
CA ASP B 245 14.36 -26.08 1.62
C ASP B 245 13.40 -25.80 0.48
N ALA B 246 12.36 -26.62 0.33
CA ALA B 246 11.39 -26.39 -0.74
C ALA B 246 10.44 -25.24 -0.42
N VAL B 247 9.96 -25.15 0.83
CA VAL B 247 9.07 -24.04 1.18
C VAL B 247 9.75 -22.71 0.94
N PHE B 248 11.06 -22.63 1.22
CA PHE B 248 11.73 -21.34 1.06
C PHE B 248 11.90 -20.93 -0.40
N THR B 249 11.69 -21.83 -1.37
CA THR B 249 11.66 -21.43 -2.78
C THR B 249 10.31 -20.84 -3.20
N MET B 250 9.31 -20.81 -2.32
CA MET B 250 7.97 -20.41 -2.72
C MET B 250 7.31 -19.48 -1.70
N LEU B 251 8.09 -18.90 -0.79
CA LEU B 251 7.57 -17.90 0.15
C LEU B 251 7.13 -16.63 -0.58
N ASN B 252 6.00 -16.08 -0.17
CA ASN B 252 5.53 -14.80 -0.66
C ASN B 252 6.32 -13.67 0.00
N VAL B 253 6.10 -12.43 -0.47
CA VAL B 253 6.75 -11.29 0.18
C VAL B 253 6.23 -11.15 1.61
N ASP B 254 7.11 -10.65 2.49
CA ASP B 254 6.79 -10.45 3.91
C ASP B 254 6.19 -11.69 4.56
N SER B 255 6.79 -12.83 4.29
CA SER B 255 6.37 -14.07 4.92
C SER B 255 6.93 -14.17 6.34
N ARG B 256 6.38 -15.10 7.12
CA ARG B 256 6.84 -15.31 8.50
C ARG B 256 6.99 -16.81 8.76
N VAL B 257 8.12 -17.22 9.32
CA VAL B 257 8.44 -18.63 9.46
C VAL B 257 8.84 -18.90 10.90
N ALA B 258 8.17 -19.87 11.53
CA ALA B 258 8.54 -20.34 12.87
C ALA B 258 9.30 -21.66 12.73
N VAL B 259 10.49 -21.72 13.29
CA VAL B 259 11.29 -22.95 13.31
C VAL B 259 11.42 -23.44 14.74
N CYS B 260 11.00 -24.69 14.99
CA CYS B 260 10.91 -25.23 16.36
C CYS B 260 12.23 -25.81 16.82
N TRP B 261 12.71 -25.35 17.98
CA TRP B 261 13.81 -26.03 18.66
C TRP B 261 13.44 -27.48 18.91
N GLN B 262 14.40 -28.39 18.68
CA GLN B 262 14.23 -29.79 19.04
C GLN B 262 15.54 -30.28 19.65
N TRP B 263 15.44 -31.22 20.59
CA TRP B 263 16.64 -31.86 21.13
C TRP B 263 17.59 -32.26 20.02
N ALA B 264 18.88 -32.11 20.27
CA ALA B 264 19.88 -32.38 19.24
C ALA B 264 20.22 -33.86 19.22
N THR B 265 19.99 -34.51 18.08
CA THR B 265 20.43 -35.89 17.86
C THR B 265 21.08 -36.00 16.49
N THR B 266 21.79 -37.11 16.30
CA THR B 266 22.52 -37.36 15.07
C THR B 266 22.20 -38.77 14.57
N VAL B 267 21.40 -38.86 13.52
CA VAL B 267 21.20 -40.11 12.80
C VAL B 267 22.22 -40.15 11.66
N ASN B 268 22.99 -41.24 11.61
CA ASN B 268 24.14 -41.40 10.71
C ASN B 268 25.31 -40.51 11.10
N GLY B 269 25.39 -40.07 12.36
CA GLY B 269 26.49 -39.27 12.85
C GLY B 269 26.42 -37.79 12.55
N GLU B 270 25.42 -37.32 11.80
CA GLU B 270 25.24 -35.91 11.51
C GLU B 270 23.85 -35.46 11.95
N LEU B 271 23.72 -34.15 12.19
CA LEU B 271 22.51 -33.56 12.76
C LEU B 271 21.45 -33.37 11.68
N THR B 272 20.30 -34.04 11.84
CA THR B 272 19.09 -33.71 11.11
C THR B 272 18.16 -32.91 12.02
N GLY B 273 16.99 -32.57 11.50
CA GLY B 273 16.05 -31.79 12.25
C GLY B 273 16.03 -30.33 11.82
N PRO B 274 15.29 -29.50 12.55
CA PRO B 274 15.10 -28.11 12.13
C PRO B 274 16.40 -27.33 12.13
N ARG B 275 16.51 -26.39 11.19
CA ARG B 275 17.61 -25.43 11.10
C ARG B 275 17.03 -24.05 10.86
N LEU B 276 17.74 -23.03 11.36
CA LEU B 276 17.28 -21.66 11.24
C LEU B 276 18.29 -20.78 10.52
N LEU B 277 19.51 -20.67 11.04
CA LEU B 277 20.45 -19.67 10.56
C LEU B 277 20.71 -19.72 9.05
N PRO B 278 20.79 -20.87 8.38
CA PRO B 278 21.04 -20.83 6.92
C PRO B 278 20.00 -20.05 6.14
N TYR B 279 18.79 -19.96 6.66
CA TYR B 279 17.68 -19.35 5.93
C TYR B 279 17.50 -17.85 6.18
N ILE B 280 18.21 -17.24 7.13
CA ILE B 280 17.82 -15.86 7.42
C ILE B 280 18.35 -14.90 6.37
N MET B 281 19.20 -15.36 5.46
CA MET B 281 19.61 -14.53 4.34
C MET B 281 18.49 -14.30 3.33
N PHE B 282 17.40 -15.06 3.40
CA PHE B 282 16.35 -14.94 2.40
C PHE B 282 15.68 -13.58 2.53
N PRO B 283 15.48 -12.87 1.42
CA PRO B 283 14.98 -11.48 1.52
C PRO B 283 13.52 -11.41 1.96
N ARG B 284 13.19 -10.32 2.65
CA ARG B 284 11.81 -9.97 3.06
C ARG B 284 11.10 -11.15 3.72
N THR B 285 11.75 -11.76 4.68
CA THR B 285 11.16 -12.83 5.48
C THR B 285 11.46 -12.50 6.93
N THR B 286 10.59 -12.97 7.83
CA THR B 286 10.83 -12.87 9.27
C THR B 286 10.80 -14.28 9.82
N ILE B 287 11.88 -14.68 10.48
CA ILE B 287 12.06 -16.04 10.96
C ILE B 287 12.27 -16.00 12.47
N ARG B 288 11.53 -16.82 13.21
CA ARG B 288 11.75 -16.90 14.66
C ARG B 288 11.91 -18.34 15.07
N GLY B 289 12.90 -18.61 15.93
CA GLY B 289 13.07 -19.92 16.54
C GLY B 289 12.21 -20.04 17.78
N ILE B 290 11.50 -21.16 17.91
CA ILE B 290 10.42 -21.30 18.90
C ILE B 290 10.87 -22.20 20.02
N PHE B 291 10.67 -21.76 21.28
CA PHE B 291 10.89 -22.63 22.43
C PHE B 291 9.84 -22.31 23.48
N ALA B 292 8.91 -23.24 23.72
CA ALA B 292 7.69 -22.91 24.45
C ALA B 292 8.00 -22.26 25.79
N GLN B 293 8.99 -22.77 26.52
CA GLN B 293 9.20 -22.28 27.88
C GLN B 293 9.65 -20.83 27.93
N GLU B 294 9.99 -20.25 26.78
CA GLU B 294 10.23 -18.81 26.72
C GLU B 294 8.99 -18.05 27.11
N TRP B 295 7.82 -18.63 26.90
CA TRP B 295 6.54 -18.00 27.15
C TRP B 295 5.87 -18.58 28.39
N PHE B 296 6.63 -19.29 29.22
CA PHE B 296 6.09 -19.79 30.49
C PHE B 296 6.12 -18.66 31.53
N THR B 297 5.46 -17.55 31.19
CA THR B 297 5.30 -16.43 32.09
C THR B 297 3.92 -16.49 32.73
N GLU B 298 3.82 -15.91 33.93
CA GLU B 298 2.54 -15.86 34.63
C GLU B 298 1.38 -15.43 33.75
N PRO B 299 1.43 -14.30 33.02
CA PRO B 299 0.23 -13.90 32.27
C PRO B 299 -0.04 -14.77 31.06
N LEU B 300 0.99 -15.24 30.36
CA LEU B 300 0.76 -16.02 29.15
C LEU B 300 0.23 -17.40 29.49
N LEU B 301 0.77 -18.03 30.55
CA LEU B 301 0.20 -19.30 31.00
C LEU B 301 -1.26 -19.13 31.42
N ALA B 302 -1.59 -17.99 32.05
CA ALA B 302 -2.98 -17.76 32.43
C ALA B 302 -3.85 -17.55 31.22
N GLN B 303 -3.33 -16.79 30.24
CA GLN B 303 -4.05 -16.56 29.00
C GLN B 303 -4.24 -17.85 28.20
N MET B 304 -3.23 -18.73 28.17
CA MET B 304 -3.40 -19.99 27.45
C MET B 304 -4.46 -20.85 28.12
N HIS B 305 -4.36 -21.04 29.44
CA HIS B 305 -5.38 -21.82 30.12
C HIS B 305 -6.76 -21.21 29.95
N GLN B 306 -6.83 -19.88 29.79
CA GLN B 306 -8.11 -19.20 29.64
C GLN B 306 -8.69 -19.39 28.25
N GLU B 307 -7.93 -19.07 27.21
CA GLU B 307 -8.48 -19.02 25.86
C GLU B 307 -8.41 -20.37 25.17
N LEU B 308 -7.23 -21.00 25.20
CA LEU B 308 -7.10 -22.34 24.64
C LEU B 308 -7.73 -23.39 25.54
N GLY B 309 -7.51 -23.26 26.86
CA GLY B 309 -8.22 -24.13 27.79
C GLY B 309 -9.73 -24.02 27.64
N GLY B 310 -10.22 -22.80 27.39
CA GLY B 310 -11.63 -22.62 27.13
C GLY B 310 -12.08 -23.27 25.83
N LEU B 311 -11.22 -23.27 24.81
CA LEU B 311 -11.55 -23.99 23.59
C LEU B 311 -11.66 -25.49 23.84
N VAL B 312 -10.78 -26.05 24.69
CA VAL B 312 -10.89 -27.47 24.99
C VAL B 312 -12.16 -27.76 25.79
N ARG B 313 -12.43 -26.96 26.81
CA ARG B 313 -13.59 -27.23 27.66
C ARG B 313 -14.90 -27.14 26.89
N ASP B 314 -14.99 -26.21 25.92
CA ASP B 314 -16.17 -26.11 25.06
C ASP B 314 -16.15 -27.09 23.90
N GLY B 315 -15.24 -28.07 23.90
CA GLY B 315 -15.21 -29.08 22.84
C GLY B 315 -14.91 -28.56 21.45
N GLU B 316 -14.35 -27.35 21.32
CA GLU B 316 -13.96 -26.81 20.01
C GLU B 316 -12.62 -27.36 19.53
N ILE B 317 -11.73 -27.75 20.45
CA ILE B 317 -10.41 -28.29 20.15
C ILE B 317 -10.22 -29.56 20.98
N ARG B 318 -9.67 -30.60 20.36
CA ARG B 318 -9.32 -31.79 21.11
C ARG B 318 -7.87 -32.19 20.83
N TYR B 319 -7.17 -32.59 21.87
CA TYR B 319 -5.75 -32.95 21.82
C TYR B 319 -5.63 -34.40 22.31
N HIS B 320 -5.29 -35.30 21.39
CA HIS B 320 -5.24 -36.72 21.72
C HIS B 320 -4.02 -37.01 22.58
N GLN B 321 -4.24 -37.57 23.77
CA GLN B 321 -3.17 -38.03 24.63
C GLN B 321 -3.43 -39.47 25.04
N THR B 322 -2.36 -40.28 25.12
CA THR B 322 -2.46 -41.67 25.52
C THR B 322 -1.77 -41.81 26.87
N VAL B 323 -2.53 -42.24 27.88
CA VAL B 323 -2.05 -42.29 29.26
C VAL B 323 -2.01 -43.76 29.69
N HIS B 324 -0.81 -44.32 29.79
CA HIS B 324 -0.70 -45.64 30.37
C HIS B 324 -0.72 -45.52 31.89
N LYS B 325 -0.98 -46.63 32.57
CA LYS B 325 -1.18 -46.64 34.02
C LYS B 325 -0.13 -47.53 34.69
N GLY B 326 0.67 -46.93 35.57
CA GLY B 326 1.65 -47.70 36.31
C GLY B 326 3.08 -47.46 35.91
N PHE B 327 3.95 -47.33 36.92
CA PHE B 327 5.36 -47.06 36.69
C PHE B 327 6.04 -48.16 35.88
N ASP B 328 5.63 -49.41 36.07
CA ASP B 328 6.24 -50.50 35.32
C ASP B 328 5.87 -50.49 33.83
N GLU B 329 4.92 -49.65 33.40
CA GLU B 329 4.48 -49.60 32.01
C GLU B 329 5.31 -48.66 31.15
N ILE B 330 6.34 -48.03 31.72
CA ILE B 330 7.15 -47.06 30.96
C ILE B 330 7.82 -47.71 29.76
N PRO B 331 8.50 -48.86 29.87
CA PRO B 331 9.07 -49.47 28.66
C PRO B 331 8.05 -49.77 27.58
N ALA B 332 6.86 -50.24 27.99
CA ALA B 332 5.79 -50.48 27.02
C ALA B 332 5.37 -49.18 26.33
N ALA B 333 5.16 -48.11 27.09
CA ALA B 333 4.80 -46.83 26.50
C ALA B 333 5.87 -46.35 25.53
N TYR B 334 7.14 -46.43 25.96
CA TYR B 334 8.23 -46.02 25.08
C TYR B 334 8.29 -46.88 23.83
N ARG B 335 8.18 -48.20 23.99
CA ARG B 335 8.23 -49.07 22.82
C ARG B 335 7.15 -48.70 21.81
N SER B 336 5.98 -48.24 22.29
CA SER B 336 4.91 -47.84 21.39
C SER B 336 5.29 -46.66 20.50
N LEU B 337 6.38 -45.95 20.82
CA LEU B 337 6.83 -44.82 20.00
C LEU B 337 7.72 -45.24 18.84
N TYR B 338 8.11 -46.51 18.77
CA TYR B 338 8.78 -46.98 17.58
C TYR B 338 7.89 -46.66 16.38
N LEU B 339 8.50 -46.07 15.35
CA LEU B 339 7.90 -45.56 14.11
C LEU B 339 7.55 -44.07 14.20
N ASP B 340 7.63 -43.45 15.40
CA ASP B 340 7.30 -42.04 15.56
C ASP B 340 8.55 -41.19 15.36
N ARG B 341 8.46 -40.25 14.41
CA ARG B 341 9.57 -39.33 14.20
C ARG B 341 9.63 -38.28 15.31
N GLU B 342 10.73 -37.53 15.33
CA GLU B 342 11.03 -36.68 16.48
C GLU B 342 9.96 -35.62 16.73
N HIS B 343 9.28 -35.17 15.68
CA HIS B 343 8.23 -34.16 15.81
C HIS B 343 6.98 -34.66 16.54
N ASN B 344 6.91 -35.94 16.89
CA ASN B 344 5.70 -36.51 17.49
C ASN B 344 5.66 -36.36 19.00
N ARG B 345 6.45 -35.45 19.58
CA ARG B 345 6.54 -35.36 21.02
C ARG B 345 5.18 -34.99 21.64
N GLY B 346 5.03 -35.30 22.92
CA GLY B 346 3.90 -34.80 23.69
C GLY B 346 2.63 -35.62 23.58
N LYS B 347 2.69 -36.85 23.07
CA LYS B 347 1.50 -37.67 22.91
C LYS B 347 1.30 -38.68 24.04
N VAL B 348 2.37 -39.35 24.47
CA VAL B 348 2.26 -40.51 25.35
C VAL B 348 2.76 -40.15 26.74
N LEU B 349 1.94 -40.44 27.75
CA LEU B 349 2.30 -40.23 29.14
C LEU B 349 2.06 -41.50 29.93
N VAL B 350 2.68 -41.58 31.10
CA VAL B 350 2.44 -42.68 32.04
C VAL B 350 1.99 -42.07 33.34
N GLU B 351 0.90 -42.61 33.89
CA GLU B 351 0.39 -42.20 35.19
C GLU B 351 0.90 -43.16 36.24
N VAL B 352 1.69 -42.64 37.19
CA VAL B 352 2.32 -43.44 38.23
C VAL B 352 1.40 -43.56 39.44
N MET C 1 -6.30 -21.40 -73.41
CA MET C 1 -5.74 -21.40 -72.06
C MET C 1 -6.10 -22.70 -71.34
N ARG C 2 -5.08 -23.52 -71.07
CA ARG C 2 -5.28 -24.77 -70.36
C ARG C 2 -4.95 -24.57 -68.89
N ILE C 3 -5.88 -24.99 -68.01
CA ILE C 3 -5.83 -24.69 -66.57
C ILE C 3 -6.16 -25.97 -65.81
N GLU C 4 -5.27 -26.38 -64.93
CA GLU C 4 -5.50 -27.52 -64.07
C GLU C 4 -6.00 -27.04 -62.71
N LYS C 5 -6.90 -27.80 -62.11
CA LYS C 5 -7.46 -27.48 -60.79
C LYS C 5 -7.57 -28.74 -59.97
N TRP C 6 -7.17 -28.68 -58.70
CA TRP C 6 -7.51 -29.72 -57.74
C TRP C 6 -8.87 -29.39 -57.14
N VAL C 7 -9.86 -30.26 -57.36
CA VAL C 7 -11.24 -29.99 -56.98
C VAL C 7 -11.69 -30.99 -55.93
N VAL C 8 -12.75 -30.59 -55.20
CA VAL C 8 -13.34 -31.44 -54.18
C VAL C 8 -14.12 -32.56 -54.86
N ARG C 9 -13.70 -33.80 -54.64
CA ARG C 9 -14.36 -34.95 -55.23
C ARG C 9 -15.43 -35.53 -54.31
N GLU C 10 -15.18 -35.59 -53.01
CA GLU C 10 -16.20 -36.07 -52.09
C GLU C 10 -15.91 -35.54 -50.68
N HIS C 11 -16.98 -35.37 -49.90
CA HIS C 11 -16.89 -34.88 -48.53
C HIS C 11 -16.60 -36.04 -47.57
N LEU C 12 -15.45 -35.97 -46.88
CA LEU C 12 -15.04 -36.94 -45.87
C LEU C 12 -14.32 -36.20 -44.74
N ASP C 13 -14.71 -36.45 -43.49
CA ASP C 13 -14.18 -35.71 -42.35
C ASP C 13 -13.11 -36.53 -41.63
N GLY C 14 -11.85 -36.13 -41.79
CA GLY C 14 -10.75 -36.80 -41.12
C GLY C 14 -9.98 -37.73 -42.02
N VAL C 15 -10.71 -38.62 -42.70
CA VAL C 15 -10.18 -39.58 -43.68
C VAL C 15 -9.07 -38.92 -44.49
N PRO C 16 -7.81 -39.30 -44.27
CA PRO C 16 -6.69 -38.64 -44.95
C PRO C 16 -6.41 -39.12 -46.36
N ASP C 17 -7.25 -39.97 -46.95
CA ASP C 17 -7.02 -40.40 -48.32
C ASP C 17 -7.14 -39.23 -49.28
N VAL C 18 -6.02 -38.85 -49.92
CA VAL C 18 -6.05 -37.67 -50.77
C VAL C 18 -6.65 -37.94 -52.14
N ASN C 19 -6.65 -39.19 -52.60
CA ASN C 19 -7.17 -39.50 -53.94
C ASN C 19 -8.65 -39.82 -53.95
N ARG C 20 -9.29 -39.98 -52.79
CA ARG C 20 -10.74 -40.03 -52.73
C ARG C 20 -11.36 -38.66 -52.43
N VAL C 21 -10.64 -37.77 -51.75
CA VAL C 21 -11.20 -36.46 -51.43
C VAL C 21 -11.00 -35.49 -52.61
N TYR C 22 -9.80 -35.47 -53.18
CA TYR C 22 -9.46 -34.51 -54.24
C TYR C 22 -9.28 -35.21 -55.59
N GLU C 23 -9.43 -34.42 -56.65
CA GLU C 23 -9.26 -34.91 -58.00
C GLU C 23 -8.85 -33.75 -58.89
N LYS C 24 -7.86 -34.00 -59.75
CA LYS C 24 -7.36 -32.96 -60.63
C LYS C 24 -8.11 -33.00 -61.95
N VAL C 25 -8.64 -31.86 -62.36
CA VAL C 25 -9.28 -31.73 -63.66
C VAL C 25 -8.55 -30.67 -64.45
N VAL C 26 -8.60 -30.81 -65.76
CA VAL C 26 -7.96 -29.86 -66.67
C VAL C 26 -9.01 -29.49 -67.70
N GLU C 27 -9.47 -28.25 -67.67
CA GLU C 27 -10.40 -27.75 -68.67
C GLU C 27 -9.71 -26.75 -69.57
N ASP C 28 -10.39 -26.41 -70.65
CA ASP C 28 -9.93 -25.38 -71.57
C ASP C 28 -10.76 -24.14 -71.33
N VAL C 29 -10.11 -23.03 -71.03
CA VAL C 29 -10.78 -21.80 -70.66
C VAL C 29 -10.41 -20.72 -71.67
N ARG C 30 -11.40 -19.94 -72.09
CA ARG C 30 -11.12 -18.79 -72.93
C ARG C 30 -10.99 -17.56 -72.04
N ILE C 31 -9.87 -16.86 -72.16
CA ILE C 31 -9.60 -15.68 -71.34
C ILE C 31 -10.30 -14.48 -71.98
N ASP C 32 -11.18 -13.83 -71.20
CA ASP C 32 -11.91 -12.63 -71.63
C ASP C 32 -12.02 -11.71 -70.41
N LEU C 33 -10.93 -10.98 -70.12
CA LEU C 33 -10.84 -10.21 -68.89
C LEU C 33 -11.79 -9.03 -68.89
N ARG C 34 -12.58 -8.90 -67.84
CA ARG C 34 -13.27 -7.64 -67.61
C ARG C 34 -12.23 -6.57 -67.30
N PRO C 35 -12.60 -5.28 -67.36
CA PRO C 35 -11.54 -4.25 -67.28
C PRO C 35 -10.70 -4.28 -66.02
N ASP C 36 -11.22 -4.75 -64.88
CA ASP C 36 -10.44 -4.78 -63.65
C ASP C 36 -9.83 -6.15 -63.38
N GLU C 37 -10.10 -7.15 -64.21
CA GLU C 37 -9.61 -8.49 -63.95
C GLU C 37 -8.16 -8.63 -64.40
N MET C 38 -7.55 -9.72 -63.93
CA MET C 38 -6.21 -10.11 -64.31
C MET C 38 -6.14 -11.62 -64.43
N LEU C 39 -5.29 -12.10 -65.33
CA LEU C 39 -4.93 -13.51 -65.41
C LEU C 39 -3.65 -13.71 -64.63
N PHE C 40 -3.73 -14.56 -63.59
CA PHE C 40 -2.64 -14.83 -62.67
C PHE C 40 -2.07 -16.21 -62.93
N ARG C 41 -0.76 -16.34 -62.78
CA ARG C 41 -0.08 -17.63 -62.83
C ARG C 41 0.35 -18.04 -61.41
N THR C 42 -0.17 -19.15 -60.93
CA THR C 42 0.16 -19.57 -59.56
C THR C 42 1.63 -19.96 -59.46
N ARG C 43 2.34 -19.38 -58.50
CA ARG C 43 3.74 -19.75 -58.31
C ARG C 43 3.94 -20.63 -57.08
N TYR C 44 3.16 -20.40 -56.02
CA TYR C 44 3.24 -21.19 -54.80
C TYR C 44 1.84 -21.30 -54.20
N VAL C 45 1.54 -22.45 -53.58
CA VAL C 45 0.32 -22.57 -52.80
C VAL C 45 0.63 -23.10 -51.41
N SER C 46 -0.29 -22.79 -50.48
CA SER C 46 -0.24 -23.24 -49.10
C SER C 46 -1.09 -24.48 -48.94
N VAL C 47 -0.61 -25.43 -48.16
CA VAL C 47 -1.44 -26.53 -47.67
C VAL C 47 -1.52 -26.41 -46.17
N ASP C 48 -2.72 -26.59 -45.62
CA ASP C 48 -2.97 -26.27 -44.23
C ASP C 48 -3.99 -27.24 -43.64
N PRO C 49 -3.91 -27.51 -42.34
CA PRO C 49 -4.89 -28.42 -41.73
C PRO C 49 -6.33 -28.00 -41.93
N TYR C 50 -6.62 -26.69 -41.96
CA TYR C 50 -8.01 -26.25 -42.05
C TYR C 50 -8.66 -26.65 -43.36
N GLN C 51 -7.87 -27.00 -44.37
CA GLN C 51 -8.49 -27.35 -45.65
C GLN C 51 -9.35 -28.60 -45.52
N ASN C 52 -9.16 -29.40 -44.47
CA ASN C 52 -10.07 -30.51 -44.17
C ASN C 52 -11.50 -30.01 -44.06
N GLY C 53 -11.74 -29.05 -43.17
CA GLY C 53 -13.09 -28.55 -42.97
C GLY C 53 -13.59 -27.68 -44.09
N LEU C 54 -12.67 -26.98 -44.79
CA LEU C 54 -13.08 -26.18 -45.93
C LEU C 54 -13.63 -27.05 -47.05
N ALA C 55 -13.01 -28.21 -47.27
CA ALA C 55 -13.51 -29.13 -48.29
C ALA C 55 -14.92 -29.59 -47.97
N LEU C 56 -15.17 -29.92 -46.69
CA LEU C 56 -16.52 -30.31 -46.29
C LEU C 56 -17.55 -29.23 -46.59
N GLU C 57 -17.12 -27.97 -46.70
CA GLU C 57 -18.03 -26.89 -47.05
C GLU C 57 -17.83 -26.41 -48.49
N THR C 58 -16.98 -27.07 -49.26
CA THR C 58 -16.84 -26.68 -50.66
C THR C 58 -17.75 -27.55 -51.52
N PRO C 59 -18.53 -26.95 -52.42
CA PRO C 59 -19.40 -27.77 -53.29
C PRO C 59 -18.56 -28.73 -54.10
N ILE C 60 -19.07 -29.97 -54.24
CA ILE C 60 -18.39 -30.96 -55.05
C ILE C 60 -18.09 -30.40 -56.42
N GLY C 61 -16.90 -30.70 -56.93
CA GLY C 61 -16.47 -30.23 -58.22
C GLY C 61 -15.75 -28.91 -58.21
N HIS C 62 -15.89 -28.13 -57.14
CA HIS C 62 -15.23 -26.83 -57.05
C HIS C 62 -13.82 -26.98 -56.47
N HIS C 63 -12.94 -26.07 -56.86
CA HIS C 63 -11.54 -26.15 -56.48
C HIS C 63 -11.36 -25.89 -54.98
N MET C 64 -10.23 -26.35 -54.46
CA MET C 64 -9.93 -26.17 -53.05
C MET C 64 -9.32 -24.79 -52.82
N GLY C 65 -9.83 -24.07 -51.82
CA GLY C 65 -9.30 -22.77 -51.51
C GLY C 65 -7.97 -22.87 -50.78
N ALA C 66 -7.16 -21.83 -50.94
CA ALA C 66 -5.82 -21.84 -50.38
C ALA C 66 -5.21 -20.47 -50.57
N ASP C 67 -4.35 -20.08 -49.64
CA ASP C 67 -3.51 -18.90 -49.87
C ASP C 67 -2.43 -19.27 -50.89
N SER C 68 -2.20 -18.38 -51.84
CA SER C 68 -1.23 -18.65 -52.88
C SER C 68 -0.48 -17.37 -53.20
N ILE C 69 0.62 -17.53 -53.93
CA ILE C 69 1.38 -16.44 -54.50
C ILE C 69 1.24 -16.58 -55.99
N MET C 70 0.89 -15.47 -56.67
CA MET C 70 0.46 -15.50 -58.05
C MET C 70 1.17 -14.39 -58.82
N GLU C 71 1.46 -14.66 -60.08
CA GLU C 71 2.17 -13.73 -60.94
C GLU C 71 1.20 -13.18 -61.97
N VAL C 72 1.22 -11.87 -62.18
CA VAL C 72 0.27 -11.28 -63.12
C VAL C 72 0.83 -11.45 -64.53
N VAL C 73 0.08 -12.15 -65.38
CA VAL C 73 0.50 -12.38 -66.75
C VAL C 73 -0.34 -11.59 -67.75
N GLU C 74 -1.61 -11.32 -67.47
CA GLU C 74 -2.45 -10.44 -68.28
C GLU C 74 -3.17 -9.50 -67.32
N ALA C 75 -3.39 -8.24 -67.73
CA ALA C 75 -4.11 -7.29 -66.88
C ALA C 75 -4.96 -6.38 -67.74
N GLY C 76 -6.25 -6.28 -67.39
CA GLY C 76 -7.15 -5.33 -68.00
C GLY C 76 -6.79 -3.90 -67.67
N PRO C 77 -7.42 -2.95 -68.37
CA PRO C 77 -7.00 -1.54 -68.22
C PRO C 77 -7.27 -0.95 -66.85
N ALA C 78 -8.26 -1.45 -66.12
CA ALA C 78 -8.54 -0.97 -64.77
C ALA C 78 -8.00 -1.91 -63.70
N ALA C 79 -7.12 -2.83 -64.06
CA ALA C 79 -6.65 -3.85 -63.13
C ALA C 79 -5.81 -3.23 -62.00
N ALA C 80 -5.91 -3.82 -60.81
CA ALA C 80 -5.20 -3.27 -59.66
C ALA C 80 -3.70 -3.52 -59.73
N PHE C 81 -3.27 -4.58 -60.41
CA PHE C 81 -1.85 -4.91 -60.42
C PHE C 81 -1.36 -4.95 -61.87
N ALA C 82 -0.04 -4.76 -62.03
CA ALA C 82 0.61 -4.71 -63.32
C ALA C 82 1.12 -6.08 -63.73
N VAL C 83 1.17 -6.32 -65.05
CA VAL C 83 1.81 -7.51 -65.59
C VAL C 83 3.18 -7.66 -64.94
N GLY C 84 3.52 -8.88 -64.56
CA GLY C 84 4.79 -9.12 -63.89
C GLY C 84 4.77 -8.99 -62.38
N ASP C 85 3.74 -8.37 -61.79
CA ASP C 85 3.68 -8.28 -60.33
C ASP C 85 3.52 -9.65 -59.70
N LEU C 86 4.08 -9.82 -58.48
CA LEU C 86 3.80 -10.96 -57.62
C LEU C 86 2.76 -10.55 -56.56
N VAL C 87 1.74 -11.37 -56.39
CA VAL C 87 0.55 -11.04 -55.62
C VAL C 87 0.26 -12.21 -54.69
N GLN C 88 -0.23 -11.91 -53.49
CA GLN C 88 -0.63 -12.94 -52.54
C GLN C 88 -2.13 -12.80 -52.30
N GLY C 89 -2.84 -13.91 -52.48
CA GLY C 89 -4.28 -13.91 -52.30
C GLY C 89 -4.79 -15.33 -52.19
N PHE C 90 -6.09 -15.45 -51.93
CA PHE C 90 -6.71 -16.76 -51.71
C PHE C 90 -7.04 -17.41 -53.06
N GLY C 91 -5.97 -17.66 -53.82
CA GLY C 91 -6.12 -18.09 -55.21
C GLY C 91 -6.52 -19.54 -55.36
N GLY C 92 -6.14 -20.39 -54.42
CA GLY C 92 -6.57 -21.77 -54.46
C GLY C 92 -5.62 -22.69 -55.20
N TRP C 93 -5.97 -23.97 -55.21
CA TRP C 93 -5.15 -25.01 -55.82
C TRP C 93 -5.49 -25.06 -57.30
N ARG C 94 -4.98 -24.08 -58.04
CA ARG C 94 -5.19 -23.98 -59.48
C ARG C 94 -3.93 -23.43 -60.12
N THR C 95 -3.65 -23.87 -61.35
CA THR C 95 -2.45 -23.35 -61.99
C THR C 95 -2.62 -21.90 -62.39
N HIS C 96 -3.86 -21.48 -62.65
CA HIS C 96 -4.15 -20.13 -63.13
C HIS C 96 -5.46 -19.66 -62.52
N VAL C 97 -5.58 -18.34 -62.38
CA VAL C 97 -6.73 -17.70 -61.74
C VAL C 97 -7.07 -16.42 -62.50
N VAL C 98 -8.36 -16.19 -62.75
CA VAL C 98 -8.87 -14.92 -63.29
C VAL C 98 -9.61 -14.21 -62.15
N HIS C 99 -9.11 -13.04 -61.75
CA HIS C 99 -9.66 -12.34 -60.60
C HIS C 99 -9.30 -10.85 -60.68
N ASN C 100 -10.11 -10.01 -60.04
CA ASN C 100 -9.79 -8.59 -59.90
C ASN C 100 -9.07 -8.27 -58.59
N GLY C 101 -8.95 -9.23 -57.67
CA GLY C 101 -8.21 -9.03 -56.46
C GLY C 101 -9.03 -8.49 -55.31
N ALA C 102 -10.34 -8.36 -55.49
CA ALA C 102 -11.22 -7.77 -54.47
C ALA C 102 -11.54 -8.75 -53.35
N GLU C 103 -11.87 -8.20 -52.17
CA GLU C 103 -12.40 -9.06 -51.12
C GLU C 103 -13.64 -9.78 -51.62
N GLU C 104 -13.91 -10.92 -51.00
CA GLU C 104 -15.01 -11.80 -51.39
C GLU C 104 -15.83 -12.15 -50.16
N LEU C 105 -17.12 -11.82 -50.20
CA LEU C 105 -18.04 -12.25 -49.16
C LEU C 105 -18.52 -13.67 -49.42
N TRP C 106 -18.52 -14.50 -48.38
CA TRP C 106 -18.76 -15.94 -48.49
C TRP C 106 -19.65 -16.36 -47.34
N THR C 107 -20.88 -16.81 -47.62
CA THR C 107 -21.89 -16.98 -46.59
C THR C 107 -22.42 -18.39 -46.40
N THR C 108 -22.03 -19.36 -47.23
CA THR C 108 -22.65 -20.68 -47.12
C THR C 108 -22.05 -21.53 -46.01
N GLY C 109 -21.00 -21.06 -45.32
CA GLY C 109 -20.44 -21.79 -44.20
C GLY C 109 -21.19 -21.51 -42.91
N ILE C 110 -20.62 -22.03 -41.81
CA ILE C 110 -21.22 -21.90 -40.49
C ILE C 110 -21.45 -20.43 -40.15
N PHE C 111 -20.40 -19.64 -40.26
CA PHE C 111 -20.47 -18.19 -40.09
C PHE C 111 -20.09 -17.53 -41.41
N PRO C 112 -20.53 -16.28 -41.61
CA PRO C 112 -20.09 -15.56 -42.82
C PRO C 112 -18.61 -15.24 -42.75
N MET C 113 -18.01 -15.09 -43.94
CA MET C 113 -16.58 -14.82 -44.09
C MET C 113 -16.35 -13.79 -45.19
N VAL C 114 -15.28 -13.01 -45.02
CA VAL C 114 -14.77 -12.10 -46.05
C VAL C 114 -13.34 -12.52 -46.36
N PHE C 115 -13.13 -13.19 -47.48
CA PHE C 115 -11.78 -13.49 -47.94
C PHE C 115 -11.04 -12.19 -48.21
N PRO C 116 -9.82 -12.01 -47.71
CA PRO C 116 -9.13 -10.73 -47.87
C PRO C 116 -8.88 -10.40 -49.34
N ALA C 117 -8.72 -9.12 -49.62
CA ALA C 117 -8.31 -8.69 -50.94
C ALA C 117 -6.89 -9.16 -51.23
N TYR C 118 -6.62 -9.49 -52.50
CA TYR C 118 -5.26 -9.79 -52.93
C TYR C 118 -4.35 -8.61 -52.60
N ARG C 119 -3.06 -8.89 -52.42
CA ARG C 119 -2.09 -7.87 -52.06
C ARG C 119 -0.83 -8.04 -52.89
N ARG C 120 -0.21 -6.92 -53.24
CA ARG C 120 1.01 -6.98 -54.03
C ARG C 120 2.21 -7.20 -53.12
N LEU C 121 3.13 -8.07 -53.55
CA LEU C 121 4.38 -8.27 -52.83
C LEU C 121 5.43 -7.30 -53.38
N ASP C 122 6.03 -6.51 -52.50
CA ASP C 122 7.14 -5.64 -52.89
C ASP C 122 8.30 -6.49 -53.38
N PRO C 123 8.82 -6.25 -54.60
CA PRO C 123 9.92 -7.09 -55.09
C PRO C 123 11.14 -7.05 -54.20
N SER C 124 11.46 -5.88 -53.63
CA SER C 124 12.67 -5.77 -52.82
C SER C 124 12.51 -6.34 -51.41
N TRP C 125 11.36 -6.92 -51.08
CA TRP C 125 11.23 -7.58 -49.78
C TRP C 125 12.08 -8.84 -49.69
N TYR C 126 12.27 -9.56 -50.82
CA TYR C 126 12.65 -10.96 -50.80
C TYR C 126 13.94 -11.22 -51.56
N GLY C 127 14.58 -12.33 -51.22
CA GLY C 127 15.89 -12.63 -51.77
C GLY C 127 16.40 -13.96 -51.26
N GLU C 128 17.72 -14.12 -51.29
CA GLU C 128 18.33 -15.42 -51.01
C GLU C 128 18.08 -15.85 -49.56
N ARG C 129 18.38 -14.99 -48.61
CA ARG C 129 18.19 -15.37 -47.21
C ARG C 129 16.75 -15.21 -46.76
N LEU C 130 15.87 -14.68 -47.61
CA LEU C 130 14.45 -14.52 -47.27
C LEU C 130 13.64 -14.67 -48.55
N PRO C 131 13.46 -15.90 -49.02
CA PRO C 131 12.84 -16.10 -50.33
C PRO C 131 11.38 -15.67 -50.37
N VAL C 132 10.93 -15.40 -51.59
CA VAL C 132 9.54 -15.04 -51.86
C VAL C 132 8.55 -16.02 -51.25
N SER C 133 8.89 -17.31 -51.20
CA SER C 133 7.93 -18.27 -50.68
C SER C 133 7.54 -17.95 -49.23
N THR C 134 8.35 -17.18 -48.51
CA THR C 134 7.99 -16.87 -47.13
C THR C 134 6.81 -15.94 -47.04
N ALA C 135 6.36 -15.37 -48.16
CA ALA C 135 5.13 -14.59 -48.14
C ALA C 135 3.89 -15.43 -47.81
N LEU C 136 4.01 -16.76 -47.78
CA LEU C 136 2.95 -17.63 -47.27
C LEU C 136 3.29 -18.17 -45.89
N GLY C 137 4.40 -17.72 -45.32
CA GLY C 137 4.87 -18.23 -44.04
C GLY C 137 5.25 -17.10 -43.10
N ILE C 138 6.51 -17.08 -42.65
CA ILE C 138 6.93 -16.14 -41.63
C ILE C 138 6.77 -14.69 -42.08
N MET C 139 6.81 -14.42 -43.38
CA MET C 139 6.63 -13.06 -43.87
C MET C 139 5.21 -12.78 -44.35
N GLY C 140 4.28 -13.70 -44.11
CA GLY C 140 2.91 -13.48 -44.53
C GLY C 140 1.96 -13.55 -43.37
N ALA C 141 0.74 -14.04 -43.59
CA ALA C 141 -0.24 -14.09 -42.50
C ALA C 141 0.23 -14.92 -41.31
N PRO C 142 0.77 -16.14 -41.47
CA PRO C 142 1.29 -16.86 -40.29
C PRO C 142 2.27 -16.04 -39.46
N GLY C 143 3.24 -15.41 -40.12
CA GLY C 143 4.23 -14.65 -39.38
C GLY C 143 3.63 -13.40 -38.77
N MET C 144 2.73 -12.74 -39.50
CA MET C 144 2.06 -11.58 -38.92
C MET C 144 1.14 -11.96 -37.76
N THR C 145 0.60 -13.18 -37.76
CA THR C 145 -0.23 -13.61 -36.63
C THR C 145 0.57 -13.50 -35.34
N ALA C 146 1.82 -13.99 -35.37
CA ALA C 146 2.67 -13.91 -34.18
C ALA C 146 3.26 -12.52 -34.01
N TRP C 147 3.86 -11.97 -35.06
CA TRP C 147 4.62 -10.73 -34.90
C TRP C 147 3.71 -9.54 -34.66
N GLY C 148 2.58 -9.47 -35.36
CA GLY C 148 1.63 -8.41 -35.07
C GLY C 148 1.11 -8.49 -33.64
N THR C 149 0.83 -9.70 -33.17
CA THR C 149 0.30 -9.82 -31.81
C THR C 149 1.32 -9.33 -30.78
N LEU C 150 2.57 -9.78 -30.90
CA LEU C 150 3.61 -9.40 -29.94
C LEU C 150 3.88 -7.90 -29.96
N THR C 151 3.90 -7.28 -31.14
CA THR C 151 4.25 -5.88 -31.20
C THR C 151 3.07 -4.96 -31.00
N ARG C 152 1.87 -5.40 -31.32
CA ARG C 152 0.70 -4.53 -31.31
C ARG C 152 -0.25 -4.81 -30.17
N PHE C 153 -0.10 -5.91 -29.45
CA PHE C 153 -1.06 -6.22 -28.40
C PHE C 153 -0.49 -6.84 -27.14
N LEU C 154 0.37 -7.86 -27.25
CA LEU C 154 0.56 -8.75 -26.10
C LEU C 154 1.35 -8.10 -24.96
N GLU C 155 2.18 -7.10 -25.26
CA GLU C 155 2.93 -6.36 -24.24
C GLU C 155 3.67 -7.32 -23.31
N VAL C 156 4.54 -8.14 -23.89
CA VAL C 156 5.37 -9.01 -23.06
C VAL C 156 6.40 -8.17 -22.33
N ARG C 157 6.40 -8.26 -20.95
CA ARG C 157 7.34 -7.50 -20.14
C ARG C 157 8.43 -8.42 -19.59
N PRO C 158 9.64 -7.90 -19.34
CA PRO C 158 10.69 -8.76 -18.79
C PRO C 158 10.19 -9.43 -17.51
N GLY C 159 10.47 -10.72 -17.38
CA GLY C 159 10.01 -11.49 -16.25
C GLY C 159 8.63 -12.08 -16.38
N ASP C 160 7.88 -11.73 -17.42
CA ASP C 160 6.54 -12.29 -17.60
C ASP C 160 6.63 -13.79 -17.85
N THR C 161 5.66 -14.53 -17.32
CA THR C 161 5.45 -15.92 -17.72
C THR C 161 4.45 -15.92 -18.88
N VAL C 162 4.87 -16.51 -20.00
CA VAL C 162 4.11 -16.55 -21.23
C VAL C 162 3.73 -17.99 -21.50
N VAL C 163 2.46 -18.25 -21.78
CA VAL C 163 2.00 -19.58 -22.17
C VAL C 163 1.52 -19.52 -23.60
N VAL C 164 1.95 -20.49 -24.40
CA VAL C 164 1.57 -20.59 -25.82
C VAL C 164 0.93 -21.95 -25.98
N SER C 165 -0.34 -21.97 -26.37
CA SER C 165 -1.00 -23.24 -26.63
C SER C 165 -0.87 -23.61 -28.10
N GLY C 166 -0.88 -24.91 -28.35
CA GLY C 166 -0.61 -25.44 -29.68
C GLY C 166 0.67 -24.87 -30.22
N ALA C 167 1.76 -25.01 -29.47
CA ALA C 167 2.97 -24.26 -29.76
C ALA C 167 3.83 -24.87 -30.87
N SER C 168 3.57 -26.09 -31.33
CA SER C 168 4.52 -26.73 -32.24
C SER C 168 4.43 -26.21 -33.68
N GLY C 169 3.37 -25.50 -34.05
CA GLY C 169 3.27 -24.96 -35.40
C GLY C 169 4.16 -23.75 -35.59
N SER C 170 4.24 -23.28 -36.85
CA SER C 170 5.16 -22.17 -37.11
C SER C 170 4.73 -20.90 -36.39
N ILE C 171 3.42 -20.72 -36.18
CA ILE C 171 2.96 -19.55 -35.43
C ILE C 171 3.39 -19.66 -33.96
N GLY C 172 3.15 -20.82 -33.35
CA GLY C 172 3.49 -20.99 -31.94
C GLY C 172 4.98 -20.82 -31.67
N THR C 173 5.82 -21.44 -32.51
CA THR C 173 7.26 -21.38 -32.24
C THR C 173 7.81 -19.99 -32.45
N LEU C 174 7.22 -19.21 -33.36
CA LEU C 174 7.66 -17.83 -33.54
C LEU C 174 7.29 -16.97 -32.34
N VAL C 175 6.04 -17.05 -31.88
CA VAL C 175 5.63 -16.38 -30.65
C VAL C 175 6.64 -16.69 -29.54
N GLY C 176 6.99 -17.97 -29.41
CA GLY C 176 7.90 -18.38 -28.35
C GLY C 176 9.24 -17.68 -28.43
N GLN C 177 9.81 -17.60 -29.64
CA GLN C 177 11.08 -16.91 -29.82
C GLN C 177 10.96 -15.42 -29.55
N LEU C 178 9.87 -14.81 -30.01
CA LEU C 178 9.71 -13.38 -29.84
C LEU C 178 9.49 -13.03 -28.38
N ALA C 179 8.75 -13.88 -27.67
CA ALA C 179 8.58 -13.71 -26.23
C ALA C 179 9.91 -13.80 -25.49
N LYS C 180 10.79 -14.73 -25.88
CA LYS C 180 12.11 -14.79 -25.26
C LYS C 180 12.90 -13.52 -25.52
N ARG C 181 12.83 -13.00 -26.75
CA ARG C 181 13.54 -11.78 -27.11
C ARG C 181 13.05 -10.60 -26.32
N ALA C 182 11.76 -10.58 -26.01
CA ALA C 182 11.19 -9.51 -25.20
C ALA C 182 11.57 -9.63 -23.72
N GLY C 183 12.34 -10.65 -23.32
CA GLY C 183 12.77 -10.74 -21.94
C GLY C 183 11.87 -11.55 -21.02
N ALA C 184 10.99 -12.38 -21.58
CA ALA C 184 10.09 -13.19 -20.76
C ALA C 184 10.86 -14.03 -19.75
N GLY C 185 10.33 -14.09 -18.53
CA GLY C 185 10.99 -14.88 -17.49
C GLY C 185 10.83 -16.36 -17.72
N ARG C 186 9.71 -16.76 -18.31
CA ARG C 186 9.46 -18.17 -18.57
C ARG C 186 8.51 -18.26 -19.75
N VAL C 187 8.83 -19.11 -20.71
CA VAL C 187 7.97 -19.34 -21.86
C VAL C 187 7.57 -20.80 -21.84
N VAL C 188 6.27 -21.05 -21.69
CA VAL C 188 5.69 -22.38 -21.57
C VAL C 188 4.90 -22.66 -22.84
N GLY C 189 5.09 -23.83 -23.41
CA GLY C 189 4.35 -24.23 -24.60
C GLY C 189 3.61 -25.52 -24.30
N THR C 190 2.46 -25.69 -24.94
CA THR C 190 1.79 -26.97 -24.87
C THR C 190 1.81 -27.63 -26.24
N THR C 191 1.80 -28.96 -26.25
CA THR C 191 1.80 -29.71 -27.50
C THR C 191 1.14 -31.06 -27.29
N GLY C 192 0.83 -31.73 -28.40
CA GLY C 192 0.03 -32.93 -28.36
C GLY C 192 0.76 -34.25 -28.36
N SER C 193 2.09 -34.26 -28.43
CA SER C 193 2.81 -35.50 -28.60
C SER C 193 4.20 -35.42 -27.98
N PRO C 194 4.70 -36.52 -27.42
CA PRO C 194 6.07 -36.50 -26.89
C PRO C 194 7.12 -36.11 -27.91
N GLY C 195 6.99 -36.56 -29.15
CA GLY C 195 7.94 -36.17 -30.17
C GLY C 195 8.01 -34.66 -30.34
N LYS C 196 6.86 -34.03 -30.59
CA LYS C 196 6.80 -32.57 -30.66
C LYS C 196 7.30 -31.94 -29.37
N ALA C 197 6.94 -32.53 -28.21
CA ALA C 197 7.40 -32.02 -26.93
C ALA C 197 8.93 -31.90 -26.90
N GLU C 198 9.63 -32.94 -27.37
CA GLU C 198 11.08 -32.86 -27.38
C GLU C 198 11.59 -31.74 -28.29
N TYR C 199 10.92 -31.55 -29.44
CA TYR C 199 11.31 -30.47 -30.35
C TYR C 199 11.27 -29.11 -29.65
N LEU C 200 10.11 -28.76 -29.07
CA LEU C 200 9.96 -27.44 -28.47
C LEU C 200 11.04 -27.17 -27.45
N ARG C 201 11.34 -28.17 -26.60
CA ARG C 201 12.42 -28.01 -25.63
C ARG C 201 13.72 -27.64 -26.34
N GLU C 202 14.00 -28.29 -27.47
CA GLU C 202 15.26 -28.10 -28.16
C GLU C 202 15.29 -26.80 -28.96
N LEU C 203 14.12 -26.29 -29.39
CA LEU C 203 14.09 -24.93 -29.89
C LEU C 203 14.50 -23.96 -28.79
N GLY C 204 14.05 -24.21 -27.56
CA GLY C 204 14.40 -23.40 -26.42
C GLY C 204 13.23 -22.97 -25.55
N PHE C 205 12.06 -23.58 -25.74
CA PHE C 205 10.95 -23.35 -24.79
C PHE C 205 11.38 -23.80 -23.41
N ASP C 206 11.20 -22.92 -22.43
CA ASP C 206 11.64 -23.24 -21.06
C ASP C 206 10.95 -24.48 -20.52
N GLU C 207 9.64 -24.58 -20.71
CA GLU C 207 8.84 -25.67 -20.18
C GLU C 207 7.84 -26.06 -21.26
N VAL C 208 7.55 -27.35 -21.35
CA VAL C 208 6.60 -27.88 -22.31
C VAL C 208 5.62 -28.76 -21.54
N VAL C 209 4.32 -28.56 -21.77
CA VAL C 209 3.27 -29.36 -21.17
C VAL C 209 2.66 -30.22 -22.26
N LEU C 210 2.55 -31.52 -21.98
CA LEU C 210 1.98 -32.48 -22.91
C LEU C 210 0.48 -32.48 -22.75
N TYR C 211 -0.26 -32.29 -23.84
CA TYR C 211 -1.71 -32.27 -23.76
C TYR C 211 -2.30 -32.95 -24.98
N THR C 212 -3.04 -34.04 -24.76
CA THR C 212 -3.83 -34.68 -25.80
C THR C 212 -5.29 -34.25 -25.64
N GLN C 213 -5.92 -33.84 -26.74
CA GLN C 213 -7.33 -33.47 -26.69
C GLN C 213 -8.15 -34.63 -26.12
N GLY C 214 -9.09 -34.30 -25.26
CA GLY C 214 -9.83 -35.30 -24.51
C GLY C 214 -9.21 -35.66 -23.17
N ASP C 215 -7.94 -35.34 -22.95
CA ASP C 215 -7.29 -35.59 -21.67
C ASP C 215 -8.07 -34.88 -20.56
N ASP C 216 -8.32 -35.61 -19.47
CA ASP C 216 -9.01 -35.05 -18.32
C ASP C 216 -8.39 -33.72 -17.93
N ALA C 217 -9.25 -32.77 -17.53
CA ALA C 217 -8.83 -31.37 -17.43
C ALA C 217 -7.94 -31.11 -16.21
N GLU C 218 -8.34 -31.57 -15.03
CA GLU C 218 -7.63 -31.14 -13.83
C GLU C 218 -6.15 -31.50 -13.90
N LYS C 219 -5.82 -32.57 -14.62
CA LYS C 219 -4.41 -32.95 -14.78
C LYS C 219 -3.63 -31.91 -15.58
N VAL C 220 -4.24 -31.32 -16.61
CA VAL C 220 -3.47 -30.35 -17.38
C VAL C 220 -3.37 -29.06 -16.58
N ARG C 221 -4.38 -28.75 -15.76
CA ARG C 221 -4.24 -27.64 -14.83
C ARG C 221 -3.04 -27.86 -13.91
N GLN C 222 -2.95 -29.04 -13.31
CA GLN C 222 -1.84 -29.35 -12.43
C GLN C 222 -0.51 -29.30 -13.18
N ALA C 223 -0.46 -29.87 -14.40
CA ALA C 223 0.76 -29.78 -15.20
C ALA C 223 1.12 -28.32 -15.48
N LEU C 224 0.14 -27.48 -15.77
CA LEU C 224 0.44 -26.08 -16.05
C LEU C 224 0.86 -25.35 -14.79
N LEU C 225 0.28 -25.73 -13.64
CA LEU C 225 0.71 -25.18 -12.35
C LEU C 225 2.20 -25.45 -12.11
N LEU C 226 2.67 -26.64 -12.45
CA LEU C 226 4.07 -26.96 -12.23
C LEU C 226 4.97 -26.20 -13.22
N ALA C 227 4.51 -26.00 -14.45
CA ALA C 227 5.33 -25.34 -15.47
C ALA C 227 5.36 -23.84 -15.25
N ALA C 228 4.31 -23.29 -14.64
CA ALA C 228 4.14 -21.85 -14.44
C ALA C 228 3.93 -21.57 -12.95
N PRO C 229 4.94 -21.84 -12.11
CA PRO C 229 4.72 -21.73 -10.66
C PRO C 229 4.40 -20.33 -10.21
N ASP C 230 4.65 -19.31 -11.03
CA ASP C 230 4.38 -17.94 -10.59
C ASP C 230 3.13 -17.37 -11.23
N GLY C 231 2.29 -18.22 -11.81
CA GLY C 231 1.10 -17.74 -12.50
C GLY C 231 1.40 -17.37 -13.94
N VAL C 232 0.35 -16.99 -14.67
CA VAL C 232 0.45 -16.68 -16.08
C VAL C 232 0.17 -15.21 -16.29
N ASP C 233 1.14 -14.49 -16.86
CA ASP C 233 0.93 -13.10 -17.23
C ASP C 233 0.41 -12.93 -18.65
N ARG C 234 0.83 -13.78 -19.58
CA ARG C 234 0.51 -13.60 -20.99
C ARG C 234 0.16 -14.95 -21.58
N TYR C 235 -0.92 -15.00 -22.36
CA TYR C 235 -1.37 -16.25 -22.97
C TYR C 235 -1.65 -16.02 -24.44
N PHE C 236 -0.95 -16.76 -25.30
CA PHE C 236 -1.20 -16.75 -26.74
C PHE C 236 -1.91 -18.06 -27.08
N ASP C 237 -3.20 -17.98 -27.36
CA ASP C 237 -4.04 -19.17 -27.41
C ASP C 237 -4.24 -19.51 -28.88
N ASN C 238 -3.52 -20.53 -29.36
CA ASN C 238 -3.69 -21.07 -30.69
C ASN C 238 -4.46 -22.38 -30.69
N LEU C 239 -5.25 -22.64 -29.65
CA LEU C 239 -5.81 -23.97 -29.49
C LEU C 239 -7.23 -23.98 -28.95
N GLY C 240 -7.50 -23.19 -27.91
CA GLY C 240 -8.79 -23.20 -27.26
C GLY C 240 -8.99 -24.42 -26.39
N GLY C 241 -10.18 -24.52 -25.80
CA GLY C 241 -10.58 -25.74 -25.15
C GLY C 241 -10.05 -25.86 -23.73
N THR C 242 -9.90 -27.11 -23.30
CA THR C 242 -9.64 -27.33 -21.88
C THR C 242 -8.29 -26.77 -21.44
N VAL C 243 -7.30 -26.68 -22.35
CA VAL C 243 -6.04 -26.03 -21.98
C VAL C 243 -6.27 -24.57 -21.63
N THR C 244 -7.12 -23.90 -22.41
CA THR C 244 -7.45 -22.50 -22.13
C THR C 244 -8.24 -22.38 -20.83
N ASP C 245 -9.16 -23.33 -20.60
CA ASP C 245 -9.93 -23.32 -19.36
C ASP C 245 -9.02 -23.42 -18.14
N ALA C 246 -7.95 -24.22 -18.25
CA ALA C 246 -7.00 -24.35 -17.15
C ALA C 246 -6.19 -23.07 -16.96
N VAL C 247 -5.71 -22.48 -18.06
CA VAL C 247 -4.94 -21.25 -17.94
C VAL C 247 -5.77 -20.16 -17.27
N PHE C 248 -7.07 -20.10 -17.59
CA PHE C 248 -7.86 -19.03 -17.00
C PHE C 248 -8.07 -19.20 -15.50
N THR C 249 -7.62 -20.31 -14.91
CA THR C 249 -7.66 -20.45 -13.45
C THR C 249 -6.39 -19.95 -12.80
N MET C 250 -5.41 -19.50 -13.60
CA MET C 250 -4.13 -19.15 -13.00
C MET C 250 -3.58 -17.85 -13.57
N LEU C 251 -4.43 -16.98 -14.10
CA LEU C 251 -3.96 -15.71 -14.64
C LEU C 251 -3.63 -14.76 -13.50
N ASN C 252 -2.48 -14.09 -13.61
CA ASN C 252 -2.12 -13.03 -12.68
C ASN C 252 -2.93 -11.77 -13.00
N VAL C 253 -2.89 -10.79 -12.08
CA VAL C 253 -3.69 -9.59 -12.29
C VAL C 253 -3.17 -8.85 -13.51
N ASP C 254 -4.07 -8.15 -14.20
CA ASP C 254 -3.74 -7.39 -15.40
C ASP C 254 -3.02 -8.26 -16.43
N SER C 255 -3.45 -9.51 -16.58
CA SER C 255 -2.89 -10.37 -17.62
C SER C 255 -3.38 -9.92 -19.00
N ARG C 256 -2.77 -10.46 -20.05
CA ARG C 256 -3.19 -10.16 -21.42
C ARG C 256 -3.25 -11.45 -22.23
N VAL C 257 -4.32 -11.64 -23.00
CA VAL C 257 -4.63 -12.92 -23.62
C VAL C 257 -4.98 -12.69 -25.10
N ALA C 258 -4.24 -13.34 -25.99
CA ALA C 258 -4.54 -13.26 -27.42
C ALA C 258 -5.19 -14.58 -27.84
N VAL C 259 -6.33 -14.50 -28.51
CA VAL C 259 -7.02 -15.69 -28.98
C VAL C 259 -7.07 -15.63 -30.50
N CYS C 260 -6.49 -16.63 -31.16
CA CYS C 260 -6.40 -16.63 -32.62
C CYS C 260 -7.71 -17.07 -33.27
N TRP C 261 -8.21 -16.26 -34.19
CA TRP C 261 -9.25 -16.71 -35.11
C TRP C 261 -8.76 -17.93 -35.87
N GLN C 262 -9.66 -18.88 -36.10
CA GLN C 262 -9.38 -20.02 -36.95
C GLN C 262 -10.63 -20.32 -37.77
N TRP C 263 -10.45 -20.96 -38.92
CA TRP C 263 -11.60 -21.41 -39.69
C TRP C 263 -12.52 -22.24 -38.81
N ALA C 264 -13.74 -21.74 -38.61
CA ALA C 264 -14.63 -22.29 -37.59
C ALA C 264 -14.86 -23.77 -37.82
N THR C 265 -15.09 -24.49 -36.73
CA THR C 265 -15.31 -25.94 -36.76
C THR C 265 -16.44 -26.25 -35.80
N THR C 266 -17.45 -26.99 -36.27
CA THR C 266 -18.52 -27.45 -35.38
C THR C 266 -18.04 -28.72 -34.67
N VAL C 267 -17.20 -28.50 -33.66
CA VAL C 267 -16.90 -29.54 -32.69
C VAL C 267 -17.81 -29.29 -31.49
N ASN C 268 -18.01 -30.33 -30.68
CA ASN C 268 -19.09 -30.36 -29.67
C ASN C 268 -20.39 -30.15 -30.45
N GLY C 269 -21.24 -29.20 -30.07
CA GLY C 269 -22.34 -28.78 -30.93
C GLY C 269 -22.08 -27.40 -31.50
N GLU C 270 -21.16 -26.67 -30.84
CA GLU C 270 -20.77 -25.33 -31.24
C GLU C 270 -19.34 -25.32 -31.80
N LEU C 271 -18.33 -25.42 -30.91
CA LEU C 271 -16.93 -25.38 -31.30
C LEU C 271 -16.04 -25.62 -30.09
N THR C 272 -15.10 -26.58 -30.19
CA THR C 272 -14.12 -26.78 -29.13
C THR C 272 -12.79 -26.11 -29.41
N GLY C 273 -12.61 -25.53 -30.60
CA GLY C 273 -11.44 -24.73 -30.92
C GLY C 273 -11.47 -23.42 -30.16
N PRO C 274 -10.76 -22.40 -30.65
CA PRO C 274 -10.60 -21.16 -29.90
C PRO C 274 -11.94 -20.47 -29.64
N ARG C 275 -12.04 -19.89 -28.44
CA ARG C 275 -13.22 -19.12 -28.05
C ARG C 275 -12.76 -17.89 -27.30
N LEU C 276 -13.53 -16.81 -27.39
CA LEU C 276 -13.11 -15.57 -26.77
C LEU C 276 -14.18 -15.02 -25.85
N LEU C 277 -15.40 -14.82 -26.34
CA LEU C 277 -16.43 -14.13 -25.57
C LEU C 277 -16.68 -14.71 -24.18
N PRO C 278 -16.70 -16.03 -23.95
CA PRO C 278 -16.96 -16.51 -22.58
C PRO C 278 -15.97 -15.97 -21.58
N TYR C 279 -14.74 -15.70 -22.01
CA TYR C 279 -13.69 -15.33 -21.09
C TYR C 279 -13.62 -13.84 -20.78
N ILE C 280 -14.36 -12.99 -21.51
CA ILE C 280 -14.19 -11.56 -21.26
C ILE C 280 -14.70 -11.15 -19.88
N MET C 281 -15.48 -12.00 -19.22
CA MET C 281 -16.01 -11.66 -17.91
C MET C 281 -14.95 -11.73 -16.81
N PHE C 282 -13.80 -12.36 -17.05
CA PHE C 282 -12.77 -12.50 -16.01
C PHE C 282 -12.17 -11.14 -15.69
N PRO C 283 -11.91 -10.85 -14.42
CA PRO C 283 -11.54 -9.48 -14.02
C PRO C 283 -10.07 -9.17 -14.24
N ARG C 284 -9.79 -7.89 -14.47
CA ARG C 284 -8.44 -7.40 -14.70
C ARG C 284 -7.68 -8.28 -15.68
N THR C 285 -8.31 -8.55 -16.81
CA THR C 285 -7.63 -9.17 -17.94
C THR C 285 -8.00 -8.41 -19.21
N THR C 286 -7.08 -8.42 -20.19
CA THR C 286 -7.37 -7.86 -21.50
C THR C 286 -7.28 -8.98 -22.53
N ILE C 287 -8.33 -9.15 -23.32
CA ILE C 287 -8.41 -10.23 -24.31
C ILE C 287 -8.58 -9.60 -25.69
N ARG C 288 -7.89 -10.15 -26.69
CA ARG C 288 -8.07 -9.68 -28.05
C ARG C 288 -8.07 -10.87 -28.99
N GLY C 289 -9.01 -10.88 -29.94
CA GLY C 289 -9.01 -11.90 -30.97
C GLY C 289 -8.07 -11.47 -32.09
N ILE C 290 -7.32 -12.42 -32.63
CA ILE C 290 -6.21 -12.12 -33.52
C ILE C 290 -6.55 -12.59 -34.92
N PHE C 291 -6.37 -11.71 -35.91
CA PHE C 291 -6.57 -12.05 -37.32
C PHE C 291 -5.55 -11.26 -38.13
N ALA C 292 -4.53 -11.96 -38.65
CA ALA C 292 -3.34 -11.28 -39.17
C ALA C 292 -3.68 -10.17 -40.16
N GLN C 293 -4.67 -10.40 -41.04
CA GLN C 293 -4.91 -9.45 -42.13
C GLN C 293 -5.40 -8.10 -41.63
N GLU C 294 -5.91 -8.06 -40.41
CA GLU C 294 -6.21 -6.77 -39.77
C GLU C 294 -5.01 -5.83 -39.85
N TRP C 295 -3.80 -6.39 -39.79
CA TRP C 295 -2.57 -5.60 -39.81
C TRP C 295 -1.88 -5.59 -41.18
N PHE C 296 -2.57 -5.98 -42.24
CA PHE C 296 -1.97 -5.97 -43.57
C PHE C 296 -2.08 -4.57 -44.17
N THR C 297 -1.52 -3.61 -43.44
CA THR C 297 -1.42 -2.25 -43.95
C THR C 297 -0.03 -2.04 -44.49
N GLU C 298 0.10 -1.11 -45.44
CA GLU C 298 1.42 -0.90 -46.03
C GLU C 298 2.47 -0.50 -45.00
N PRO C 299 2.19 0.37 -44.01
CA PRO C 299 3.20 0.58 -42.96
C PRO C 299 3.51 -0.67 -42.12
N LEU C 300 2.49 -1.45 -41.72
CA LEU C 300 2.77 -2.58 -40.85
C LEU C 300 3.47 -3.70 -41.61
N LEU C 301 3.06 -3.97 -42.84
CA LEU C 301 3.76 -4.97 -43.64
C LEU C 301 5.20 -4.54 -43.92
N ALA C 302 5.43 -3.25 -44.15
CA ALA C 302 6.81 -2.79 -44.34
C ALA C 302 7.60 -2.92 -43.04
N GLN C 303 6.99 -2.58 -41.90
CA GLN C 303 7.69 -2.70 -40.62
C GLN C 303 8.07 -4.14 -40.35
N MET C 304 7.16 -5.10 -40.58
CA MET C 304 7.48 -6.50 -40.32
C MET C 304 8.65 -6.96 -41.19
N HIS C 305 8.63 -6.62 -42.47
CA HIS C 305 9.73 -7.07 -43.32
C HIS C 305 11.04 -6.40 -42.89
N GLN C 306 10.97 -5.15 -42.44
CA GLN C 306 12.15 -4.45 -41.96
C GLN C 306 12.67 -5.07 -40.66
N GLU C 307 11.78 -5.26 -39.67
CA GLU C 307 12.22 -5.67 -38.34
C GLU C 307 12.32 -7.20 -38.22
N LEU C 308 11.22 -7.91 -38.42
CA LEU C 308 11.27 -9.37 -38.38
C LEU C 308 12.10 -9.93 -39.53
N GLY C 309 11.95 -9.39 -40.74
CA GLY C 309 12.79 -9.84 -41.84
C GLY C 309 14.26 -9.66 -41.56
N GLY C 310 14.62 -8.56 -40.88
CA GLY C 310 16.01 -8.34 -40.51
C GLY C 310 16.52 -9.33 -39.49
N LEU C 311 15.66 -9.71 -38.53
CA LEU C 311 16.04 -10.74 -37.58
C LEU C 311 16.20 -12.08 -38.27
N VAL C 312 15.30 -12.40 -39.20
CA VAL C 312 15.44 -13.65 -39.95
C VAL C 312 16.73 -13.64 -40.76
N ARG C 313 16.96 -12.55 -41.51
CA ARG C 313 18.14 -12.47 -42.37
C ARG C 313 19.43 -12.51 -41.58
N ASP C 314 19.41 -12.14 -40.30
CA ASP C 314 20.57 -12.19 -39.44
C ASP C 314 20.65 -13.47 -38.61
N GLY C 315 19.71 -14.40 -38.78
CA GLY C 315 19.75 -15.64 -38.04
C GLY C 315 19.28 -15.55 -36.61
N GLU C 316 18.78 -14.38 -36.17
CA GLU C 316 18.28 -14.27 -34.80
C GLU C 316 16.96 -15.00 -34.62
N ILE C 317 16.16 -15.13 -35.69
CA ILE C 317 14.87 -15.80 -35.64
C ILE C 317 14.90 -16.92 -36.67
N ARG C 318 14.59 -18.14 -36.23
CA ARG C 318 14.63 -19.29 -37.11
C ARG C 318 13.22 -19.65 -37.54
N TYR C 319 13.12 -20.23 -38.73
CA TYR C 319 11.84 -20.68 -39.27
C TYR C 319 12.08 -21.93 -40.12
N HIS C 320 11.04 -22.76 -40.22
CA HIS C 320 11.12 -24.00 -40.97
C HIS C 320 9.97 -24.05 -41.96
N GLN C 321 10.32 -24.36 -43.21
CA GLN C 321 9.42 -24.40 -44.34
C GLN C 321 9.71 -25.65 -45.15
N THR C 322 8.66 -26.40 -45.52
CA THR C 322 8.78 -27.54 -46.41
C THR C 322 8.08 -27.19 -47.71
N VAL C 323 8.86 -27.10 -48.78
CA VAL C 323 8.39 -26.69 -50.10
C VAL C 323 8.49 -27.90 -51.02
N HIS C 324 7.36 -28.51 -51.36
CA HIS C 324 7.31 -29.53 -52.40
C HIS C 324 7.37 -28.87 -53.77
N LYS C 325 7.72 -29.65 -54.78
CA LYS C 325 7.84 -29.18 -56.16
C LYS C 325 6.72 -29.76 -57.00
N GLY C 326 5.99 -28.91 -57.72
CA GLY C 326 5.08 -29.38 -58.74
C GLY C 326 3.62 -29.44 -58.35
N PHE C 327 2.76 -28.95 -59.25
CA PHE C 327 1.32 -28.88 -59.02
C PHE C 327 0.74 -30.26 -58.72
N ASP C 328 1.30 -31.31 -59.31
CA ASP C 328 0.77 -32.64 -59.04
C ASP C 328 1.13 -33.16 -57.65
N GLU C 329 2.02 -32.49 -56.93
CA GLU C 329 2.38 -32.95 -55.60
C GLU C 329 1.51 -32.36 -54.49
N ILE C 330 0.50 -31.55 -54.84
CA ILE C 330 -0.24 -30.81 -53.81
C ILE C 330 -0.99 -31.74 -52.86
N PRO C 331 -1.80 -32.70 -53.33
CA PRO C 331 -2.38 -33.66 -52.38
C PRO C 331 -1.36 -34.41 -51.55
N ALA C 332 -0.19 -34.72 -52.10
CA ALA C 332 0.86 -35.36 -51.31
C ALA C 332 1.37 -34.43 -50.22
N ALA C 333 1.59 -33.16 -50.58
CA ALA C 333 1.97 -32.16 -49.57
C ALA C 333 0.92 -32.04 -48.49
N TYR C 334 -0.36 -32.03 -48.88
CA TYR C 334 -1.43 -31.95 -47.91
C TYR C 334 -1.45 -33.17 -47.00
N ARG C 335 -1.20 -34.35 -47.57
CA ARG C 335 -1.20 -35.55 -46.75
C ARG C 335 -0.05 -35.56 -45.77
N SER C 336 1.06 -34.90 -46.11
CA SER C 336 2.20 -34.83 -45.21
C SER C 336 1.95 -33.95 -44.00
N LEU C 337 0.83 -33.22 -43.97
CA LEU C 337 0.45 -32.52 -42.74
C LEU C 337 0.07 -33.49 -41.63
N TYR C 338 -0.34 -34.71 -41.99
CA TYR C 338 -0.75 -35.70 -40.99
C TYR C 338 0.19 -36.89 -40.91
N LEU C 339 0.74 -37.32 -42.05
CA LEU C 339 1.57 -38.51 -42.12
C LEU C 339 3.05 -38.21 -41.90
N ASP C 340 3.44 -36.95 -41.79
CA ASP C 340 4.82 -36.60 -41.50
C ASP C 340 4.90 -35.65 -40.32
N ARG C 341 6.09 -35.12 -40.06
CA ARG C 341 6.31 -34.09 -39.06
C ARG C 341 5.94 -34.62 -37.67
N GLU C 342 6.55 -35.77 -37.31
CA GLU C 342 6.41 -36.30 -35.96
C GLU C 342 6.74 -35.22 -34.94
N HIS C 343 7.89 -34.58 -35.11
CA HIS C 343 8.21 -33.32 -34.47
C HIS C 343 7.77 -32.17 -35.37
N ASN C 344 7.15 -31.15 -34.76
CA ASN C 344 6.86 -29.86 -35.39
C ASN C 344 5.77 -29.93 -36.44
N ARG C 345 5.13 -28.78 -36.69
CA ARG C 345 4.24 -28.58 -37.82
C ARG C 345 4.76 -27.34 -38.57
N GLY C 346 5.92 -27.50 -39.21
CA GLY C 346 6.46 -26.43 -40.03
C GLY C 346 5.57 -26.12 -41.21
N LYS C 347 5.64 -24.88 -41.68
CA LYS C 347 4.79 -24.44 -42.77
C LYS C 347 5.12 -25.23 -44.04
N VAL C 348 4.08 -25.84 -44.64
CA VAL C 348 4.24 -26.69 -45.83
C VAL C 348 3.68 -25.92 -47.02
N LEU C 349 4.47 -25.84 -48.09
CA LEU C 349 4.09 -25.14 -49.30
C LEU C 349 4.39 -26.03 -50.50
N VAL C 350 3.81 -25.70 -51.66
CA VAL C 350 4.14 -26.37 -52.92
C VAL C 350 4.49 -25.31 -53.95
N GLU C 351 5.63 -25.48 -54.62
CA GLU C 351 6.07 -24.57 -55.67
C GLU C 351 5.59 -25.09 -57.03
N VAL C 352 4.72 -24.33 -57.69
CA VAL C 352 4.08 -24.78 -58.91
C VAL C 352 4.68 -24.09 -60.13
N MET D 1 -28.96 -18.46 14.18
CA MET D 1 -29.75 -17.90 13.10
C MET D 1 -30.51 -19.01 12.36
N ARG D 2 -31.79 -18.77 12.10
CA ARG D 2 -32.56 -19.58 11.17
C ARG D 2 -32.32 -19.02 9.79
N ILE D 3 -31.88 -19.87 8.86
CA ILE D 3 -31.64 -19.45 7.49
C ILE D 3 -32.40 -20.39 6.57
N GLU D 4 -33.16 -19.82 5.64
CA GLU D 4 -33.89 -20.59 4.63
C GLU D 4 -33.18 -20.42 3.29
N LYS D 5 -33.06 -21.52 2.55
CA LYS D 5 -32.49 -21.48 1.20
C LYS D 5 -33.44 -22.16 0.23
N TRP D 6 -33.45 -21.69 -1.00
CA TRP D 6 -34.05 -22.43 -2.10
C TRP D 6 -32.92 -23.17 -2.81
N VAL D 7 -32.99 -24.50 -2.82
CA VAL D 7 -31.94 -25.32 -3.38
C VAL D 7 -32.44 -25.98 -4.65
N VAL D 8 -31.50 -26.53 -5.42
CA VAL D 8 -31.85 -27.27 -6.63
C VAL D 8 -32.18 -28.70 -6.23
N ARG D 9 -33.41 -29.13 -6.53
CA ARG D 9 -33.87 -30.46 -6.14
C ARG D 9 -33.62 -31.50 -7.23
N GLU D 10 -33.77 -31.11 -8.50
CA GLU D 10 -33.65 -32.03 -9.62
C GLU D 10 -33.28 -31.22 -10.85
N HIS D 11 -32.69 -31.90 -11.83
CA HIS D 11 -32.26 -31.27 -13.07
C HIS D 11 -33.22 -31.62 -14.19
N LEU D 12 -33.86 -30.59 -14.77
CA LEU D 12 -34.77 -30.78 -15.89
C LEU D 12 -34.62 -29.63 -16.87
N ASP D 13 -34.87 -29.93 -18.14
CA ASP D 13 -34.65 -28.98 -19.22
C ASP D 13 -35.95 -28.25 -19.56
N GLY D 14 -35.91 -26.92 -19.46
CA GLY D 14 -36.99 -26.05 -19.88
C GLY D 14 -38.28 -26.17 -19.12
N VAL D 15 -38.36 -27.03 -18.10
CA VAL D 15 -39.60 -27.22 -17.35
C VAL D 15 -39.93 -25.93 -16.63
N PRO D 16 -41.14 -25.38 -16.84
CA PRO D 16 -41.58 -24.23 -16.03
C PRO D 16 -42.17 -24.61 -14.68
N ASP D 17 -42.06 -25.89 -14.28
CA ASP D 17 -42.59 -26.35 -13.00
C ASP D 17 -41.53 -26.08 -11.92
N VAL D 18 -41.73 -24.99 -11.18
CA VAL D 18 -40.75 -24.58 -10.19
C VAL D 18 -40.75 -25.51 -8.98
N ASN D 19 -41.91 -26.09 -8.65
CA ASN D 19 -41.98 -26.93 -7.46
C ASN D 19 -41.30 -28.27 -7.67
N ARG D 20 -41.04 -28.64 -8.93
CA ARG D 20 -40.26 -29.84 -9.23
C ARG D 20 -38.77 -29.54 -9.17
N VAL D 21 -38.35 -28.34 -9.60
CA VAL D 21 -36.94 -27.99 -9.69
C VAL D 21 -36.39 -27.48 -8.36
N TYR D 22 -37.16 -26.68 -7.64
CA TYR D 22 -36.70 -26.05 -6.41
C TYR D 22 -37.53 -26.51 -5.23
N GLU D 23 -36.87 -26.69 -4.08
CA GLU D 23 -37.54 -26.93 -2.80
C GLU D 23 -36.85 -26.10 -1.73
N LYS D 24 -37.63 -25.66 -0.75
CA LYS D 24 -37.10 -24.80 0.29
C LYS D 24 -36.58 -25.63 1.46
N VAL D 25 -35.40 -25.25 1.95
CA VAL D 25 -34.72 -25.94 3.06
C VAL D 25 -34.52 -24.93 4.18
N VAL D 26 -34.77 -25.37 5.42
CA VAL D 26 -34.55 -24.55 6.60
C VAL D 26 -33.61 -25.30 7.53
N GLU D 27 -32.69 -24.57 8.15
CA GLU D 27 -31.81 -25.13 9.17
C GLU D 27 -31.37 -24.03 10.11
N ASP D 28 -30.86 -24.43 11.26
CA ASP D 28 -30.29 -23.53 12.23
C ASP D 28 -28.77 -23.60 12.11
N VAL D 29 -28.14 -22.48 11.76
CA VAL D 29 -26.71 -22.44 11.47
C VAL D 29 -26.01 -21.71 12.61
N ARG D 30 -24.89 -22.25 13.05
CA ARG D 30 -24.05 -21.58 14.04
C ARG D 30 -23.27 -20.48 13.33
N ILE D 31 -23.34 -19.26 13.87
CA ILE D 31 -22.71 -18.09 13.27
C ILE D 31 -21.45 -17.80 14.07
N ASP D 32 -20.33 -18.32 13.57
CA ASP D 32 -19.01 -18.15 14.18
C ASP D 32 -18.14 -17.52 13.09
N LEU D 33 -18.11 -16.19 13.04
CA LEU D 33 -17.49 -15.49 11.91
C LEU D 33 -15.98 -15.60 11.97
N ARG D 34 -15.37 -16.07 10.89
CA ARG D 34 -13.95 -15.91 10.74
C ARG D 34 -13.62 -14.41 10.66
N PRO D 35 -12.37 -14.02 10.89
CA PRO D 35 -12.08 -12.58 11.06
C PRO D 35 -12.55 -11.68 9.93
N ASP D 36 -12.54 -12.15 8.68
CA ASP D 36 -12.91 -11.32 7.53
C ASP D 36 -14.34 -11.58 7.05
N GLU D 37 -15.12 -12.38 7.77
CA GLU D 37 -16.45 -12.73 7.27
C GLU D 37 -17.51 -11.79 7.85
N MET D 38 -18.63 -11.68 7.13
CA MET D 38 -19.78 -10.92 7.59
C MET D 38 -21.01 -11.81 7.50
N LEU D 39 -21.94 -11.60 8.43
CA LEU D 39 -23.28 -12.18 8.31
C LEU D 39 -24.16 -11.15 7.61
N PHE D 40 -24.79 -11.56 6.51
CA PHE D 40 -25.56 -10.69 5.63
C PHE D 40 -27.03 -11.05 5.70
N ARG D 41 -27.89 -10.04 5.71
CA ARG D 41 -29.34 -10.26 5.61
C ARG D 41 -29.79 -9.88 4.21
N THR D 42 -30.30 -10.86 3.46
CA THR D 42 -30.72 -10.57 2.07
C THR D 42 -31.92 -9.65 2.07
N ARG D 43 -31.84 -8.57 1.28
CA ARG D 43 -32.98 -7.66 1.17
C ARG D 43 -33.71 -7.77 -0.16
N TYR D 44 -33.00 -8.10 -1.23
CA TYR D 44 -33.60 -8.29 -2.54
C TYR D 44 -32.82 -9.37 -3.26
N VAL D 45 -33.52 -10.18 -4.08
CA VAL D 45 -32.85 -11.11 -4.97
C VAL D 45 -33.36 -10.88 -6.38
N SER D 46 -32.49 -11.17 -7.36
CA SER D 46 -32.91 -11.14 -8.74
C SER D 46 -33.37 -12.53 -9.17
N VAL D 47 -34.33 -12.56 -10.08
CA VAL D 47 -34.73 -13.78 -10.76
C VAL D 47 -34.55 -13.57 -12.27
N ASP D 48 -33.85 -14.50 -12.94
CA ASP D 48 -33.41 -14.31 -14.33
C ASP D 48 -33.49 -15.60 -15.15
N PRO D 49 -33.72 -15.50 -16.46
CA PRO D 49 -33.80 -16.72 -17.28
C PRO D 49 -32.56 -17.60 -17.23
N TYR D 50 -31.41 -17.04 -16.92
CA TYR D 50 -30.19 -17.82 -16.91
C TYR D 50 -30.16 -18.84 -15.79
N GLN D 51 -30.97 -18.61 -14.76
CA GLN D 51 -30.96 -19.51 -13.62
C GLN D 51 -31.40 -20.92 -14.00
N ASN D 52 -32.15 -21.07 -15.10
CA ASN D 52 -32.50 -22.40 -15.60
C ASN D 52 -31.25 -23.22 -15.89
N GLY D 53 -30.37 -22.68 -16.73
CA GLY D 53 -29.15 -23.39 -17.05
C GLY D 53 -28.22 -23.50 -15.86
N LEU D 54 -28.18 -22.46 -15.01
CA LEU D 54 -27.32 -22.53 -13.84
C LEU D 54 -27.80 -23.61 -12.86
N ALA D 55 -29.11 -23.84 -12.79
CA ALA D 55 -29.59 -24.94 -11.95
C ALA D 55 -29.07 -26.27 -12.47
N LEU D 56 -29.05 -26.44 -13.79
CA LEU D 56 -28.52 -27.68 -14.36
C LEU D 56 -27.08 -27.93 -13.93
N GLU D 57 -26.30 -26.87 -13.72
CA GLU D 57 -24.91 -26.99 -13.34
C GLU D 57 -24.71 -26.89 -11.84
N THR D 58 -25.79 -26.94 -11.07
CA THR D 58 -25.75 -26.82 -9.62
C THR D 58 -25.98 -28.18 -8.99
N PRO D 59 -25.09 -28.63 -8.10
CA PRO D 59 -25.33 -29.91 -7.41
C PRO D 59 -26.62 -29.87 -6.62
N ILE D 60 -27.35 -30.99 -6.64
CA ILE D 60 -28.58 -31.11 -5.86
C ILE D 60 -28.30 -30.73 -4.42
N GLY D 61 -29.19 -29.94 -3.82
CA GLY D 61 -29.06 -29.55 -2.44
C GLY D 61 -28.29 -28.28 -2.19
N HIS D 62 -27.64 -27.71 -3.20
CA HIS D 62 -27.01 -26.41 -3.08
C HIS D 62 -27.99 -25.31 -3.46
N HIS D 63 -27.81 -24.13 -2.89
CA HIS D 63 -28.72 -23.02 -3.17
C HIS D 63 -28.57 -22.52 -4.60
N MET D 64 -29.63 -21.87 -5.08
CA MET D 64 -29.65 -21.26 -6.39
C MET D 64 -28.88 -19.95 -6.36
N GLY D 65 -27.87 -19.82 -7.23
CA GLY D 65 -27.14 -18.57 -7.29
C GLY D 65 -28.01 -17.47 -7.85
N ALA D 66 -27.69 -16.23 -7.49
CA ALA D 66 -28.50 -15.09 -7.91
C ALA D 66 -27.78 -13.82 -7.48
N ASP D 67 -27.91 -12.77 -8.28
CA ASP D 67 -27.49 -11.47 -7.79
C ASP D 67 -28.45 -11.00 -6.71
N SER D 68 -27.92 -10.40 -5.66
CA SER D 68 -28.78 -9.99 -4.55
C SER D 68 -28.28 -8.68 -3.96
N ILE D 69 -29.14 -8.07 -3.13
CA ILE D 69 -28.75 -6.92 -2.32
C ILE D 69 -28.84 -7.36 -0.87
N MET D 70 -27.79 -7.09 -0.11
CA MET D 70 -27.60 -7.67 1.21
C MET D 70 -27.22 -6.58 2.20
N GLU D 71 -27.64 -6.77 3.45
CA GLU D 71 -27.34 -5.84 4.52
C GLU D 71 -26.42 -6.51 5.53
N VAL D 72 -25.32 -5.84 5.87
CA VAL D 72 -24.41 -6.39 6.85
C VAL D 72 -25.08 -6.32 8.22
N VAL D 73 -25.26 -7.47 8.86
CA VAL D 73 -25.78 -7.47 10.21
C VAL D 73 -24.71 -7.78 11.26
N GLU D 74 -23.69 -8.56 10.92
CA GLU D 74 -22.55 -8.80 11.82
C GLU D 74 -21.28 -8.79 10.99
N ALA D 75 -20.17 -8.33 11.58
CA ALA D 75 -18.92 -8.18 10.84
C ALA D 75 -17.73 -8.60 11.71
N GLY D 76 -16.93 -9.53 11.21
CA GLY D 76 -15.68 -9.87 11.84
C GLY D 76 -14.76 -8.67 11.95
N PRO D 77 -13.74 -8.75 12.80
CA PRO D 77 -12.87 -7.59 13.00
C PRO D 77 -12.06 -7.20 11.76
N ALA D 78 -11.94 -8.07 10.77
CA ALA D 78 -11.15 -7.77 9.58
C ALA D 78 -12.01 -7.72 8.33
N ALA D 79 -13.29 -7.41 8.47
CA ALA D 79 -14.23 -7.49 7.36
C ALA D 79 -14.18 -6.26 6.47
N ALA D 80 -14.56 -6.46 5.20
CA ALA D 80 -14.48 -5.39 4.22
C ALA D 80 -15.54 -4.32 4.43
N PHE D 81 -16.68 -4.68 5.01
CA PHE D 81 -17.82 -3.80 5.14
C PHE D 81 -18.24 -3.73 6.60
N ALA D 82 -19.07 -2.73 6.93
CA ALA D 82 -19.47 -2.42 8.29
C ALA D 82 -20.94 -2.77 8.53
N VAL D 83 -21.26 -3.09 9.80
CA VAL D 83 -22.65 -3.37 10.15
C VAL D 83 -23.53 -2.27 9.59
N GLY D 84 -24.65 -2.65 8.99
CA GLY D 84 -25.54 -1.69 8.40
C GLY D 84 -25.27 -1.36 6.93
N ASP D 85 -24.07 -1.64 6.44
CA ASP D 85 -23.77 -1.36 5.02
C ASP D 85 -24.70 -2.16 4.13
N LEU D 86 -24.99 -1.61 2.94
CA LEU D 86 -25.75 -2.28 1.89
C LEU D 86 -24.79 -2.68 0.78
N VAL D 87 -24.91 -3.92 0.33
CA VAL D 87 -23.89 -4.59 -0.48
C VAL D 87 -24.60 -5.35 -1.58
N GLN D 88 -24.03 -5.31 -2.79
CA GLN D 88 -24.57 -6.02 -3.95
C GLN D 88 -23.58 -7.11 -4.36
N GLY D 89 -24.08 -8.34 -4.50
CA GLY D 89 -23.23 -9.46 -4.85
C GLY D 89 -24.07 -10.69 -5.08
N PHE D 90 -23.39 -11.75 -5.55
CA PHE D 90 -24.06 -13.00 -5.94
C PHE D 90 -24.38 -13.84 -4.70
N GLY D 91 -25.24 -13.27 -3.83
CA GLY D 91 -25.58 -13.97 -2.59
C GLY D 91 -26.51 -15.16 -2.77
N GLY D 92 -27.37 -15.12 -3.79
CA GLY D 92 -28.22 -16.26 -4.08
C GLY D 92 -29.57 -16.19 -3.37
N TRP D 93 -30.37 -17.23 -3.59
CA TRP D 93 -31.72 -17.31 -3.02
C TRP D 93 -31.62 -17.87 -1.60
N ARG D 94 -31.17 -17.01 -0.69
CA ARG D 94 -30.98 -17.37 0.72
C ARG D 94 -31.37 -16.18 1.59
N THR D 95 -31.99 -16.45 2.75
CA THR D 95 -32.35 -15.33 3.61
C THR D 95 -31.13 -14.64 4.19
N HIS D 96 -30.03 -15.38 4.35
CA HIS D 96 -28.85 -14.85 5.03
C HIS D 96 -27.61 -15.51 4.45
N VAL D 97 -26.51 -14.77 4.48
CA VAL D 97 -25.26 -15.20 3.83
C VAL D 97 -24.09 -14.93 4.75
N VAL D 98 -23.23 -15.93 4.95
CA VAL D 98 -21.95 -15.74 5.62
C VAL D 98 -20.89 -15.80 4.53
N HIS D 99 -20.15 -14.70 4.38
CA HIS D 99 -19.24 -14.55 3.25
C HIS D 99 -18.29 -13.42 3.57
N ASN D 100 -17.11 -13.45 2.93
CA ASN D 100 -16.15 -12.37 3.13
C ASN D 100 -16.17 -11.35 2.00
N GLY D 101 -16.98 -11.56 0.97
CA GLY D 101 -17.11 -10.62 -0.12
C GLY D 101 -16.16 -10.85 -1.29
N ALA D 102 -15.35 -11.89 -1.24
CA ALA D 102 -14.29 -12.08 -2.23
C ALA D 102 -14.84 -12.68 -3.53
N GLU D 103 -14.14 -12.43 -4.63
CA GLU D 103 -14.53 -13.07 -5.89
C GLU D 103 -14.49 -14.59 -5.73
N GLU D 104 -15.23 -15.27 -6.59
CA GLU D 104 -15.35 -16.73 -6.55
C GLU D 104 -15.12 -17.31 -7.95
N LEU D 105 -14.08 -18.14 -8.08
CA LEU D 105 -13.89 -18.94 -9.29
C LEU D 105 -14.79 -20.16 -9.28
N TRP D 106 -15.61 -20.29 -10.31
CA TRP D 106 -16.64 -21.32 -10.41
C TRP D 106 -16.37 -22.11 -11.68
N THR D 107 -15.97 -23.38 -11.54
CA THR D 107 -15.46 -24.16 -12.66
C THR D 107 -16.36 -25.30 -13.08
N THR D 108 -17.45 -25.56 -12.38
CA THR D 108 -18.22 -26.76 -12.71
C THR D 108 -19.14 -26.57 -13.91
N GLY D 109 -19.11 -25.40 -14.55
CA GLY D 109 -19.94 -25.14 -15.71
C GLY D 109 -19.22 -25.44 -17.00
N ILE D 110 -19.88 -25.08 -18.10
CA ILE D 110 -19.31 -25.25 -19.44
C ILE D 110 -17.97 -24.52 -19.53
N PHE D 111 -17.97 -23.23 -19.22
CA PHE D 111 -16.74 -22.45 -19.14
C PHE D 111 -16.48 -22.02 -17.70
N PRO D 112 -15.23 -21.82 -17.30
CA PRO D 112 -14.98 -21.31 -15.96
C PRO D 112 -15.47 -19.87 -15.83
N MET D 113 -15.85 -19.50 -14.62
CA MET D 113 -16.39 -18.17 -14.37
C MET D 113 -15.81 -17.63 -13.09
N VAL D 114 -15.65 -16.30 -13.04
CA VAL D 114 -15.33 -15.63 -11.78
C VAL D 114 -16.52 -14.75 -11.44
N PHE D 115 -17.20 -15.10 -10.33
CA PHE D 115 -18.25 -14.24 -9.80
C PHE D 115 -17.62 -12.98 -9.23
N PRO D 116 -18.13 -11.79 -9.55
CA PRO D 116 -17.47 -10.57 -9.08
C PRO D 116 -17.50 -10.52 -7.55
N ALA D 117 -16.54 -9.77 -7.00
CA ALA D 117 -16.52 -9.50 -5.57
C ALA D 117 -17.70 -8.62 -5.17
N TYR D 118 -18.16 -8.78 -3.92
CA TYR D 118 -19.28 -7.96 -3.44
C TYR D 118 -18.88 -6.50 -3.48
N ARG D 119 -19.87 -5.62 -3.68
CA ARG D 119 -19.60 -4.20 -3.81
C ARG D 119 -20.55 -3.42 -2.92
N ARG D 120 -20.04 -2.38 -2.29
CA ARG D 120 -20.85 -1.59 -1.41
C ARG D 120 -21.69 -0.62 -2.16
N LEU D 121 -22.92 -0.45 -1.72
CA LEU D 121 -23.85 0.51 -2.31
C LEU D 121 -23.86 1.79 -1.47
N ASP D 122 -23.84 2.92 -2.15
CA ASP D 122 -23.94 4.20 -1.46
C ASP D 122 -25.41 4.53 -1.26
N PRO D 123 -25.94 4.39 -0.03
CA PRO D 123 -27.39 4.46 0.16
C PRO D 123 -28.01 5.78 -0.23
N SER D 124 -27.19 6.81 -0.47
CA SER D 124 -27.67 8.14 -0.82
C SER D 124 -27.93 8.32 -2.30
N TRP D 125 -27.41 7.44 -3.15
CA TRP D 125 -27.76 7.45 -4.56
C TRP D 125 -29.24 7.21 -4.80
N TYR D 126 -29.97 6.71 -3.80
CA TYR D 126 -31.27 6.09 -4.01
C TYR D 126 -32.33 6.74 -3.14
N GLY D 127 -33.58 6.43 -3.46
CA GLY D 127 -34.74 6.92 -2.75
C GLY D 127 -35.93 6.75 -3.66
N GLU D 128 -36.88 7.68 -3.62
CA GLU D 128 -37.96 7.62 -4.59
C GLU D 128 -37.41 7.85 -5.99
N ARG D 129 -38.24 7.57 -7.00
CA ARG D 129 -37.85 7.61 -8.41
C ARG D 129 -36.79 6.55 -8.73
N LEU D 130 -35.79 6.40 -7.85
CA LEU D 130 -34.64 5.52 -8.07
C LEU D 130 -34.40 4.69 -6.82
N PRO D 131 -35.19 3.65 -6.58
CA PRO D 131 -35.05 2.87 -5.35
C PRO D 131 -33.79 2.04 -5.31
N VAL D 132 -33.43 1.60 -4.09
CA VAL D 132 -32.21 0.82 -3.92
C VAL D 132 -32.27 -0.46 -4.72
N SER D 133 -33.48 -0.97 -4.97
CA SER D 133 -33.61 -2.20 -5.77
C SER D 133 -33.07 -2.04 -7.20
N THR D 134 -32.97 -0.81 -7.73
CA THR D 134 -32.45 -0.65 -9.10
C THR D 134 -30.98 -1.04 -9.20
N ALA D 135 -30.27 -1.14 -8.07
CA ALA D 135 -28.91 -1.67 -8.06
C ALA D 135 -28.84 -3.09 -8.61
N LEU D 136 -29.99 -3.75 -8.79
CA LEU D 136 -30.07 -5.00 -9.51
C LEU D 136 -30.56 -4.81 -10.94
N GLY D 137 -30.78 -3.56 -11.35
CA GLY D 137 -31.36 -3.29 -12.65
C GLY D 137 -30.64 -2.12 -13.30
N ILE D 138 -31.37 -1.03 -13.50
CA ILE D 138 -30.85 0.08 -14.28
C ILE D 138 -29.64 0.74 -13.60
N MET D 139 -29.52 0.63 -12.27
CA MET D 139 -28.36 1.20 -11.59
C MET D 139 -27.30 0.15 -11.27
N GLY D 140 -27.43 -1.05 -11.83
CA GLY D 140 -26.51 -2.14 -11.58
C GLY D 140 -25.98 -2.66 -12.90
N ALA D 141 -25.65 -3.96 -12.91
CA ALA D 141 -25.07 -4.56 -14.11
C ALA D 141 -25.94 -4.44 -15.35
N PRO D 142 -27.25 -4.64 -15.32
CA PRO D 142 -28.03 -4.49 -16.55
C PRO D 142 -27.95 -3.08 -17.11
N GLY D 143 -28.17 -2.07 -16.26
CA GLY D 143 -28.05 -0.69 -16.73
C GLY D 143 -26.68 -0.39 -17.26
N MET D 144 -25.63 -0.82 -16.55
CA MET D 144 -24.27 -0.53 -17.00
C MET D 144 -23.96 -1.23 -18.31
N THR D 145 -24.53 -2.43 -18.54
CA THR D 145 -24.32 -3.10 -19.82
C THR D 145 -24.68 -2.17 -20.98
N ALA D 146 -25.79 -1.44 -20.86
CA ALA D 146 -26.21 -0.52 -21.91
C ALA D 146 -25.43 0.80 -21.88
N TRP D 147 -25.34 1.41 -20.71
CA TRP D 147 -24.80 2.76 -20.59
C TRP D 147 -23.29 2.77 -20.70
N GLY D 148 -22.62 1.77 -20.13
CA GLY D 148 -21.19 1.65 -20.34
C GLY D 148 -20.84 1.46 -21.80
N THR D 149 -21.60 0.62 -22.51
CA THR D 149 -21.30 0.36 -23.91
C THR D 149 -21.46 1.64 -24.72
N LEU D 150 -22.50 2.41 -24.43
CA LEU D 150 -22.76 3.58 -25.24
C LEU D 150 -21.78 4.70 -24.92
N THR D 151 -21.37 4.83 -23.66
CA THR D 151 -20.47 5.93 -23.33
C THR D 151 -19.00 5.57 -23.51
N ARG D 152 -18.65 4.29 -23.45
CA ARG D 152 -17.26 3.90 -23.54
C ARG D 152 -16.86 3.21 -24.84
N PHE D 153 -17.81 2.81 -25.69
CA PHE D 153 -17.39 2.06 -26.87
C PHE D 153 -18.14 2.37 -28.16
N LEU D 154 -19.47 2.42 -28.12
CA LEU D 154 -20.22 2.33 -29.39
C LEU D 154 -20.06 3.56 -30.26
N GLU D 155 -19.78 4.73 -29.69
CA GLU D 155 -19.55 5.94 -30.51
C GLU D 155 -20.69 6.20 -31.51
N VAL D 156 -21.91 6.29 -30.96
CA VAL D 156 -23.07 6.64 -31.78
C VAL D 156 -22.97 8.12 -32.15
N ARG D 157 -23.00 8.41 -33.45
CA ARG D 157 -22.93 9.79 -33.94
C ARG D 157 -24.25 10.21 -34.57
N PRO D 158 -24.54 11.51 -34.63
CA PRO D 158 -25.69 11.97 -35.42
C PRO D 158 -25.61 11.46 -36.84
N GLY D 159 -26.74 10.95 -37.34
CA GLY D 159 -26.80 10.34 -38.64
C GLY D 159 -26.64 8.83 -38.66
N ASP D 160 -26.11 8.23 -37.59
CA ASP D 160 -25.78 6.80 -37.63
C ASP D 160 -27.05 5.95 -37.61
N THR D 161 -27.02 4.85 -38.36
CA THR D 161 -28.02 3.80 -38.23
C THR D 161 -27.56 2.77 -37.19
N VAL D 162 -28.37 2.59 -36.15
CA VAL D 162 -28.06 1.66 -35.07
C VAL D 162 -29.08 0.54 -35.10
N VAL D 163 -28.61 -0.70 -35.05
CA VAL D 163 -29.46 -1.88 -34.95
C VAL D 163 -29.24 -2.50 -33.57
N VAL D 164 -30.33 -2.82 -32.86
CA VAL D 164 -30.29 -3.47 -31.55
C VAL D 164 -31.05 -4.79 -31.67
N SER D 165 -30.36 -5.90 -31.45
CA SER D 165 -31.04 -7.18 -31.45
C SER D 165 -31.45 -7.54 -30.02
N GLY D 166 -32.55 -8.29 -29.90
CA GLY D 166 -33.10 -8.56 -28.57
C GLY D 166 -33.56 -7.27 -27.93
N ALA D 167 -34.30 -6.47 -28.70
CA ALA D 167 -34.53 -5.09 -28.30
C ALA D 167 -35.62 -4.94 -27.25
N SER D 168 -36.45 -5.96 -27.03
CA SER D 168 -37.52 -5.82 -26.03
C SER D 168 -37.01 -5.94 -24.60
N GLY D 169 -35.82 -6.50 -24.40
CA GLY D 169 -35.30 -6.64 -23.05
C GLY D 169 -35.00 -5.28 -22.44
N SER D 170 -34.82 -5.29 -21.12
CA SER D 170 -34.50 -4.05 -20.42
C SER D 170 -33.15 -3.49 -20.88
N ILE D 171 -32.25 -4.34 -21.32
CA ILE D 171 -30.99 -3.82 -21.84
C ILE D 171 -31.20 -3.23 -23.24
N GLY D 172 -31.87 -3.95 -24.12
CA GLY D 172 -32.13 -3.43 -25.46
C GLY D 172 -32.92 -2.13 -25.46
N THR D 173 -33.91 -2.01 -24.58
CA THR D 173 -34.73 -0.80 -24.59
C THR D 173 -33.97 0.40 -24.05
N LEU D 174 -33.04 0.18 -23.12
CA LEU D 174 -32.19 1.28 -22.69
C LEU D 174 -31.23 1.70 -23.78
N VAL D 175 -30.77 0.75 -24.61
CA VAL D 175 -29.81 1.08 -25.65
C VAL D 175 -30.47 1.89 -26.75
N GLY D 176 -31.69 1.54 -27.12
CA GLY D 176 -32.41 2.34 -28.10
C GLY D 176 -32.64 3.76 -27.63
N GLN D 177 -33.00 3.92 -26.36
CA GLN D 177 -33.24 5.27 -25.83
C GLN D 177 -31.97 6.09 -25.81
N LEU D 178 -30.86 5.49 -25.36
CA LEU D 178 -29.59 6.20 -25.30
C LEU D 178 -29.04 6.48 -26.68
N ALA D 179 -29.30 5.58 -27.63
CA ALA D 179 -28.88 5.79 -29.02
C ALA D 179 -29.67 6.92 -29.66
N LYS D 180 -30.98 6.98 -29.42
CA LYS D 180 -31.75 8.07 -30.00
C LYS D 180 -31.31 9.40 -29.41
N ARG D 181 -31.08 9.45 -28.09
CA ARG D 181 -30.61 10.67 -27.45
C ARG D 181 -29.26 11.13 -28.01
N ALA D 182 -28.41 10.19 -28.42
CA ALA D 182 -27.12 10.54 -28.99
C ALA D 182 -27.23 11.07 -30.42
N GLY D 183 -28.44 11.17 -30.98
CA GLY D 183 -28.61 11.71 -32.31
C GLY D 183 -28.67 10.71 -33.42
N ALA D 184 -28.87 9.42 -33.12
CA ALA D 184 -28.86 8.41 -34.17
C ALA D 184 -29.88 8.72 -35.25
N GLY D 185 -29.43 8.64 -36.51
CA GLY D 185 -30.34 8.89 -37.62
C GLY D 185 -31.47 7.89 -37.69
N ARG D 186 -31.21 6.64 -37.33
CA ARG D 186 -32.23 5.58 -37.38
C ARG D 186 -31.88 4.48 -36.39
N VAL D 187 -32.83 4.17 -35.51
CA VAL D 187 -32.68 3.12 -34.51
C VAL D 187 -33.64 1.99 -34.86
N VAL D 188 -33.10 0.82 -35.15
CA VAL D 188 -33.86 -0.35 -35.57
C VAL D 188 -33.74 -1.40 -34.47
N GLY D 189 -34.86 -2.00 -34.10
CA GLY D 189 -34.88 -3.01 -33.04
C GLY D 189 -35.47 -4.31 -33.56
N THR D 190 -34.93 -5.43 -33.07
CA THR D 190 -35.54 -6.72 -33.35
C THR D 190 -36.22 -7.24 -32.09
N THR D 191 -37.29 -8.00 -32.31
CA THR D 191 -38.01 -8.66 -31.24
C THR D 191 -38.78 -9.83 -31.84
N GLY D 192 -39.17 -10.77 -30.98
CA GLY D 192 -39.92 -11.94 -31.40
C GLY D 192 -41.42 -11.84 -31.30
N SER D 193 -41.94 -10.74 -30.77
CA SER D 193 -43.37 -10.58 -30.51
C SER D 193 -43.95 -9.39 -31.27
N PRO D 194 -44.85 -9.61 -32.24
CA PRO D 194 -45.47 -8.48 -32.95
C PRO D 194 -46.24 -7.52 -32.06
N GLY D 195 -46.46 -7.84 -30.78
CA GLY D 195 -47.24 -7.01 -29.90
C GLY D 195 -46.49 -5.93 -29.17
N LYS D 196 -45.16 -5.90 -29.28
CA LYS D 196 -44.38 -4.86 -28.64
C LYS D 196 -43.89 -3.79 -29.61
N ALA D 197 -44.24 -3.91 -30.89
CA ALA D 197 -43.75 -2.96 -31.89
C ALA D 197 -44.14 -1.53 -31.55
N GLU D 198 -45.39 -1.34 -31.09
CA GLU D 198 -45.80 -0.01 -30.64
C GLU D 198 -45.01 0.41 -29.41
N TYR D 199 -44.81 -0.51 -28.46
CA TYR D 199 -44.07 -0.20 -27.25
C TYR D 199 -42.65 0.26 -27.57
N LEU D 200 -41.93 -0.53 -28.36
CA LEU D 200 -40.59 -0.13 -28.79
C LEU D 200 -40.61 1.24 -29.47
N ARG D 201 -41.62 1.51 -30.30
CA ARG D 201 -41.67 2.77 -31.03
C ARG D 201 -41.71 3.97 -30.09
N GLU D 202 -42.47 3.87 -29.00
CA GLU D 202 -42.57 4.99 -28.07
C GLU D 202 -41.26 5.27 -27.34
N LEU D 203 -40.35 4.30 -27.31
CA LEU D 203 -39.14 4.44 -26.52
C LEU D 203 -37.93 4.95 -27.30
N GLY D 204 -37.99 4.93 -28.63
CA GLY D 204 -36.87 5.46 -29.39
C GLY D 204 -36.55 4.69 -30.66
N PHE D 205 -37.15 3.53 -30.85
CA PHE D 205 -36.89 2.72 -32.03
C PHE D 205 -37.71 3.26 -33.19
N ASP D 206 -37.04 3.65 -34.27
CA ASP D 206 -37.75 4.12 -35.44
C ASP D 206 -38.42 2.99 -36.21
N GLU D 207 -37.97 1.76 -36.03
CA GLU D 207 -38.51 0.63 -36.75
C GLU D 207 -38.26 -0.64 -35.97
N VAL D 208 -39.19 -1.57 -36.07
CA VAL D 208 -39.09 -2.87 -35.40
C VAL D 208 -39.11 -3.96 -36.45
N VAL D 209 -38.15 -4.86 -36.39
CA VAL D 209 -38.08 -6.02 -37.28
C VAL D 209 -38.33 -7.26 -36.45
N LEU D 210 -39.24 -8.11 -36.91
CA LEU D 210 -39.61 -9.30 -36.16
C LEU D 210 -38.72 -10.48 -36.54
N TYR D 211 -38.38 -11.29 -35.55
CA TYR D 211 -37.40 -12.35 -35.76
C TYR D 211 -37.52 -13.36 -34.62
N THR D 212 -37.76 -14.61 -34.97
CA THR D 212 -37.63 -15.75 -34.06
C THR D 212 -36.56 -16.66 -34.64
N GLN D 213 -35.77 -17.30 -33.77
CA GLN D 213 -34.86 -18.31 -34.29
C GLN D 213 -35.64 -19.43 -34.93
N GLY D 214 -35.22 -19.82 -36.13
CA GLY D 214 -36.03 -20.64 -37.01
C GLY D 214 -36.66 -19.87 -38.16
N ASP D 215 -36.48 -18.55 -38.20
CA ASP D 215 -36.76 -17.79 -39.41
C ASP D 215 -35.59 -17.94 -40.37
N ASP D 216 -35.91 -18.16 -41.64
CA ASP D 216 -34.88 -18.30 -42.67
C ASP D 216 -33.99 -17.07 -42.67
N ALA D 217 -32.68 -17.30 -42.85
CA ALA D 217 -31.70 -16.23 -42.71
C ALA D 217 -31.76 -15.23 -43.86
N GLU D 218 -32.10 -15.70 -45.05
CA GLU D 218 -32.28 -14.77 -46.17
C GLU D 218 -33.48 -13.87 -45.93
N LYS D 219 -34.49 -14.37 -45.23
CA LYS D 219 -35.64 -13.54 -44.91
C LYS D 219 -35.28 -12.44 -43.92
N VAL D 220 -34.43 -12.76 -42.93
CA VAL D 220 -34.04 -11.74 -41.95
C VAL D 220 -33.19 -10.65 -42.61
N ARG D 221 -32.25 -11.05 -43.46
CA ARG D 221 -31.49 -10.09 -44.25
C ARG D 221 -32.41 -9.13 -44.99
N GLN D 222 -33.46 -9.66 -45.61
CA GLN D 222 -34.38 -8.84 -46.39
C GLN D 222 -35.06 -7.79 -45.53
N ALA D 223 -35.64 -8.20 -44.41
CA ALA D 223 -36.33 -7.26 -43.54
C ALA D 223 -35.38 -6.16 -43.08
N LEU D 224 -34.16 -6.53 -42.66
CA LEU D 224 -33.20 -5.53 -42.22
C LEU D 224 -32.82 -4.57 -43.34
N LEU D 225 -32.71 -5.07 -44.58
CA LEU D 225 -32.42 -4.16 -45.69
C LEU D 225 -33.50 -3.11 -45.84
N LEU D 226 -34.77 -3.51 -45.75
CA LEU D 226 -35.87 -2.55 -45.77
C LEU D 226 -35.91 -1.66 -44.54
N ALA D 227 -35.36 -2.11 -43.41
CA ALA D 227 -35.42 -1.31 -42.20
C ALA D 227 -34.24 -0.36 -42.04
N ALA D 228 -33.06 -0.74 -42.54
CA ALA D 228 -31.86 0.09 -42.45
C ALA D 228 -31.36 0.33 -43.87
N PRO D 229 -31.97 1.25 -44.61
CA PRO D 229 -31.64 1.41 -46.03
C PRO D 229 -30.23 1.91 -46.31
N ASP D 230 -29.66 2.71 -45.41
CA ASP D 230 -28.33 3.25 -45.61
C ASP D 230 -27.26 2.40 -44.96
N GLY D 231 -27.53 1.12 -44.72
CA GLY D 231 -26.56 0.24 -44.10
C GLY D 231 -26.51 0.45 -42.61
N VAL D 232 -25.76 -0.42 -41.95
CA VAL D 232 -25.69 -0.44 -40.49
C VAL D 232 -24.37 0.17 -40.06
N ASP D 233 -24.43 1.25 -39.29
CA ASP D 233 -23.23 1.85 -38.71
C ASP D 233 -22.87 1.26 -37.35
N ARG D 234 -23.87 0.92 -36.54
CA ARG D 234 -23.63 0.47 -35.18
C ARG D 234 -24.56 -0.69 -34.89
N TYR D 235 -24.04 -1.71 -34.21
CA TYR D 235 -24.80 -2.91 -33.90
C TYR D 235 -24.58 -3.26 -32.43
N PHE D 236 -25.67 -3.34 -31.68
CA PHE D 236 -25.63 -3.78 -30.28
C PHE D 236 -26.31 -5.16 -30.23
N ASP D 237 -25.50 -6.20 -30.04
CA ASP D 237 -25.96 -7.59 -30.20
C ASP D 237 -26.23 -8.21 -28.82
N ASN D 238 -27.50 -8.49 -28.54
CA ASN D 238 -27.90 -9.20 -27.33
C ASN D 238 -28.36 -10.62 -27.59
N LEU D 239 -28.40 -11.06 -28.85
CA LEU D 239 -28.99 -12.34 -29.21
C LEU D 239 -28.01 -13.29 -29.88
N GLY D 240 -27.20 -12.80 -30.81
CA GLY D 240 -26.41 -13.67 -31.64
C GLY D 240 -27.27 -14.39 -32.66
N GLY D 241 -26.61 -15.12 -33.54
CA GLY D 241 -27.29 -16.02 -34.44
C GLY D 241 -27.62 -15.42 -35.79
N THR D 242 -28.73 -15.89 -36.37
CA THR D 242 -29.14 -15.51 -37.71
C THR D 242 -29.17 -14.00 -37.91
N VAL D 243 -29.74 -13.26 -36.96
CA VAL D 243 -29.86 -11.81 -37.12
C VAL D 243 -28.49 -11.17 -37.20
N THR D 244 -27.55 -11.63 -36.37
CA THR D 244 -26.19 -11.11 -36.42
C THR D 244 -25.50 -11.48 -37.72
N ASP D 245 -25.71 -12.72 -38.19
CA ASP D 245 -25.17 -13.08 -39.49
C ASP D 245 -25.73 -12.18 -40.59
N ALA D 246 -27.00 -11.80 -40.47
CA ALA D 246 -27.60 -10.92 -41.48
C ALA D 246 -27.01 -9.52 -41.43
N VAL D 247 -26.84 -8.97 -40.21
CA VAL D 247 -26.29 -7.63 -40.04
C VAL D 247 -24.88 -7.56 -40.59
N PHE D 248 -24.09 -8.61 -40.41
CA PHE D 248 -22.72 -8.51 -40.86
C PHE D 248 -22.60 -8.50 -42.38
N THR D 249 -23.67 -8.78 -43.12
CA THR D 249 -23.61 -8.57 -44.56
C THR D 249 -23.90 -7.14 -44.96
N MET D 250 -24.24 -6.26 -44.01
CA MET D 250 -24.68 -4.92 -44.38
C MET D 250 -24.04 -3.86 -43.50
N LEU D 251 -22.87 -4.14 -42.93
CA LEU D 251 -22.19 -3.14 -42.15
C LEU D 251 -21.60 -2.09 -43.08
N ASN D 252 -21.69 -0.82 -42.68
CA ASN D 252 -21.04 0.24 -43.42
C ASN D 252 -19.56 0.26 -43.09
N VAL D 253 -18.79 1.03 -43.86
CA VAL D 253 -17.37 1.20 -43.58
C VAL D 253 -17.18 1.77 -42.19
N ASP D 254 -16.19 1.23 -41.47
CA ASP D 254 -15.81 1.63 -40.11
C ASP D 254 -16.99 1.54 -39.13
N SER D 255 -17.79 0.49 -39.26
CA SER D 255 -18.84 0.21 -38.29
C SER D 255 -18.26 -0.22 -36.95
N ARG D 256 -19.12 -0.26 -35.93
CA ARG D 256 -18.72 -0.64 -34.57
C ARG D 256 -19.79 -1.58 -34.02
N VAL D 257 -19.37 -2.71 -33.42
CA VAL D 257 -20.29 -3.78 -33.03
C VAL D 257 -19.98 -4.18 -31.59
N ALA D 258 -20.99 -4.10 -30.72
CA ALA D 258 -20.90 -4.58 -29.35
C ALA D 258 -21.63 -5.91 -29.24
N VAL D 259 -20.96 -6.92 -28.70
CA VAL D 259 -21.55 -8.25 -28.51
C VAL D 259 -21.60 -8.53 -27.02
N CYS D 260 -22.78 -8.85 -26.49
CA CYS D 260 -22.94 -8.99 -25.03
C CYS D 260 -22.61 -10.40 -24.55
N TRP D 261 -21.72 -10.48 -23.56
CA TRP D 261 -21.50 -11.74 -22.85
C TRP D 261 -22.81 -12.19 -22.23
N GLN D 262 -23.03 -13.51 -22.21
CA GLN D 262 -24.18 -14.08 -21.51
C GLN D 262 -23.79 -15.44 -20.93
N TRP D 263 -24.44 -15.81 -19.82
CA TRP D 263 -24.21 -17.11 -19.20
C TRP D 263 -24.23 -18.23 -20.23
N ALA D 264 -23.18 -19.04 -20.24
CA ALA D 264 -23.03 -20.10 -21.24
C ALA D 264 -24.07 -21.18 -20.96
N THR D 265 -25.07 -21.26 -21.82
CA THR D 265 -26.13 -22.26 -21.74
C THR D 265 -26.22 -22.93 -23.10
N THR D 266 -25.30 -23.87 -23.35
CA THR D 266 -25.37 -24.77 -24.50
C THR D 266 -26.22 -26.00 -24.19
N VAL D 267 -26.85 -26.03 -23.00
CA VAL D 267 -27.50 -27.24 -22.51
C VAL D 267 -28.61 -27.72 -23.45
N ASN D 268 -29.33 -26.79 -24.08
CA ASN D 268 -30.45 -27.16 -24.95
C ASN D 268 -30.41 -26.35 -26.22
N GLY D 269 -30.65 -27.01 -27.35
CA GLY D 269 -30.64 -26.35 -28.64
C GLY D 269 -29.35 -25.66 -28.99
N GLU D 270 -28.23 -26.13 -28.41
CA GLU D 270 -26.89 -25.54 -28.55
C GLU D 270 -26.78 -24.19 -27.84
N LEU D 271 -25.67 -23.49 -28.09
CA LEU D 271 -25.44 -22.15 -27.57
C LEU D 271 -25.38 -21.18 -28.75
N THR D 272 -26.52 -20.98 -29.40
CA THR D 272 -26.58 -19.99 -30.47
C THR D 272 -26.79 -18.57 -29.93
N GLY D 273 -26.39 -18.32 -28.68
CA GLY D 273 -26.33 -17.00 -28.13
C GLY D 273 -25.20 -16.21 -28.78
N PRO D 274 -24.85 -15.06 -28.22
CA PRO D 274 -23.86 -14.19 -28.86
C PRO D 274 -22.53 -14.90 -29.09
N ARG D 275 -21.91 -14.58 -30.22
CA ARG D 275 -20.57 -15.03 -30.57
C ARG D 275 -19.77 -13.81 -31.01
N LEU D 276 -18.46 -13.82 -30.74
CA LEU D 276 -17.57 -12.73 -31.10
C LEU D 276 -16.47 -13.21 -32.04
N LEU D 277 -15.66 -14.18 -31.64
CA LEU D 277 -14.43 -14.48 -32.39
C LEU D 277 -14.63 -14.74 -33.88
N PRO D 278 -15.67 -15.43 -34.35
CA PRO D 278 -15.79 -15.66 -35.81
C PRO D 278 -15.88 -14.38 -36.63
N TYR D 279 -16.34 -13.28 -36.03
CA TYR D 279 -16.57 -12.05 -36.79
C TYR D 279 -15.39 -11.10 -36.82
N ILE D 280 -14.37 -11.28 -35.97
CA ILE D 280 -13.28 -10.30 -35.98
C ILE D 280 -12.49 -10.34 -37.28
N MET D 281 -12.74 -11.32 -38.13
CA MET D 281 -12.03 -11.32 -39.39
C MET D 281 -12.57 -10.30 -40.38
N PHE D 282 -13.76 -9.73 -40.15
CA PHE D 282 -14.34 -8.80 -41.12
C PHE D 282 -13.54 -7.49 -41.12
N PRO D 283 -13.24 -6.93 -42.30
CA PRO D 283 -12.41 -5.74 -42.34
C PRO D 283 -13.21 -4.46 -42.06
N ARG D 284 -12.50 -3.42 -41.64
CA ARG D 284 -13.06 -2.08 -41.44
C ARG D 284 -14.24 -2.11 -40.46
N THR D 285 -14.09 -2.85 -39.38
CA THR D 285 -15.07 -2.88 -38.30
C THR D 285 -14.32 -3.00 -36.99
N THR D 286 -14.94 -2.53 -35.91
CA THR D 286 -14.41 -2.68 -34.56
C THR D 286 -15.44 -3.44 -33.76
N ILE D 287 -15.03 -4.54 -33.11
CA ILE D 287 -15.96 -5.36 -32.36
C ILE D 287 -15.44 -5.47 -30.94
N ARG D 288 -16.35 -5.34 -29.96
CA ARG D 288 -15.98 -5.45 -28.57
C ARG D 288 -17.00 -6.31 -27.83
N GLY D 289 -16.51 -7.22 -26.99
CA GLY D 289 -17.38 -8.01 -26.14
C GLY D 289 -17.69 -7.23 -24.87
N ILE D 290 -18.94 -7.29 -24.44
CA ILE D 290 -19.45 -6.40 -23.40
C ILE D 290 -19.71 -7.22 -22.15
N PHE D 291 -19.17 -6.78 -21.00
CA PHE D 291 -19.49 -7.36 -19.70
C PHE D 291 -19.48 -6.24 -18.66
N ALA D 292 -20.66 -5.95 -18.09
CA ALA D 292 -20.84 -4.68 -17.38
C ALA D 292 -19.85 -4.50 -16.24
N GLN D 293 -19.55 -5.59 -15.53
CA GLN D 293 -18.70 -5.44 -14.35
C GLN D 293 -17.31 -4.97 -14.70
N GLU D 294 -16.95 -4.96 -15.96
CA GLU D 294 -15.67 -4.42 -16.34
C GLU D 294 -15.61 -2.96 -15.99
N TRP D 295 -16.75 -2.29 -16.02
CA TRP D 295 -16.81 -0.87 -15.77
C TRP D 295 -17.27 -0.54 -14.35
N PHE D 296 -17.17 -1.50 -13.44
CA PHE D 296 -17.57 -1.29 -12.05
C PHE D 296 -16.42 -0.68 -11.25
N THR D 297 -15.91 0.45 -11.74
CA THR D 297 -14.95 1.26 -11.01
C THR D 297 -15.70 2.41 -10.33
N GLU D 298 -15.04 3.00 -9.34
CA GLU D 298 -15.68 4.10 -8.61
C GLU D 298 -16.00 5.27 -9.52
N PRO D 299 -15.09 5.79 -10.34
CA PRO D 299 -15.48 6.87 -11.26
C PRO D 299 -16.67 6.52 -12.14
N LEU D 300 -16.72 5.29 -12.67
CA LEU D 300 -17.73 5.00 -13.70
C LEU D 300 -19.09 4.71 -13.09
N LEU D 301 -19.12 3.99 -11.97
CA LEU D 301 -20.38 3.84 -11.24
C LEU D 301 -20.90 5.21 -10.77
N ALA D 302 -20.00 6.10 -10.35
CA ALA D 302 -20.40 7.46 -9.97
C ALA D 302 -20.98 8.21 -11.15
N GLN D 303 -20.30 8.15 -12.29
CA GLN D 303 -20.78 8.84 -13.47
C GLN D 303 -22.14 8.32 -13.88
N MET D 304 -22.32 6.99 -13.86
CA MET D 304 -23.60 6.41 -14.28
C MET D 304 -24.73 6.81 -13.34
N HIS D 305 -24.50 6.74 -12.03
CA HIS D 305 -25.56 7.13 -11.09
C HIS D 305 -25.93 8.59 -11.26
N GLN D 306 -24.93 9.45 -11.44
CA GLN D 306 -25.17 10.88 -11.57
C GLN D 306 -25.83 11.20 -12.91
N GLU D 307 -25.26 10.69 -14.00
CA GLU D 307 -25.74 11.04 -15.33
C GLU D 307 -26.96 10.24 -15.74
N LEU D 308 -26.90 8.91 -15.60
CA LEU D 308 -28.05 8.11 -16.01
C LEU D 308 -29.15 8.17 -14.96
N GLY D 309 -28.78 8.11 -13.67
CA GLY D 309 -29.77 8.31 -12.62
C GLY D 309 -30.46 9.65 -12.74
N GLY D 310 -29.70 10.71 -13.01
CA GLY D 310 -30.28 11.99 -13.36
C GLY D 310 -31.37 11.87 -14.40
N LEU D 311 -31.06 11.23 -15.54
CA LEU D 311 -32.04 11.10 -16.61
C LEU D 311 -33.27 10.31 -16.19
N VAL D 312 -33.10 9.35 -15.28
CA VAL D 312 -34.25 8.57 -14.84
C VAL D 312 -35.14 9.40 -13.90
N ARG D 313 -34.53 10.16 -12.99
CA ARG D 313 -35.30 10.99 -12.08
C ARG D 313 -36.02 12.13 -12.81
N ASP D 314 -35.41 12.65 -13.87
CA ASP D 314 -36.05 13.71 -14.66
C ASP D 314 -37.23 13.18 -15.49
N GLY D 315 -37.24 11.89 -15.79
CA GLY D 315 -38.20 11.33 -16.72
C GLY D 315 -37.70 11.20 -18.14
N GLU D 316 -36.43 11.54 -18.40
CA GLU D 316 -35.87 11.49 -19.75
C GLU D 316 -35.69 10.06 -20.23
N ILE D 317 -35.31 9.16 -19.32
CA ILE D 317 -35.09 7.76 -19.63
C ILE D 317 -36.06 6.96 -18.79
N ARG D 318 -36.79 6.04 -19.43
CA ARG D 318 -37.84 5.27 -18.77
C ARG D 318 -37.39 3.83 -18.59
N TYR D 319 -37.76 3.23 -17.47
CA TYR D 319 -37.43 1.84 -17.22
C TYR D 319 -38.56 1.19 -16.44
N HIS D 320 -38.53 -0.14 -16.35
CA HIS D 320 -39.50 -0.85 -15.52
C HIS D 320 -38.86 -2.07 -14.90
N GLN D 321 -39.19 -2.32 -13.63
CA GLN D 321 -38.87 -3.60 -13.01
C GLN D 321 -40.07 -4.07 -12.21
N THR D 322 -40.30 -5.37 -12.20
CA THR D 322 -41.39 -5.96 -11.43
C THR D 322 -40.82 -6.49 -10.11
N VAL D 323 -41.37 -6.03 -8.99
CA VAL D 323 -40.86 -6.41 -7.68
C VAL D 323 -41.91 -7.24 -6.95
N HIS D 324 -41.59 -8.51 -6.68
CA HIS D 324 -42.42 -9.37 -5.87
C HIS D 324 -41.99 -9.29 -4.41
N LYS D 325 -42.85 -9.77 -3.51
CA LYS D 325 -42.60 -9.62 -2.08
C LYS D 325 -42.68 -10.97 -1.39
N GLY D 326 -41.62 -11.33 -0.67
CA GLY D 326 -41.64 -12.55 0.14
C GLY D 326 -40.70 -13.62 -0.36
N PHE D 327 -39.81 -14.07 0.54
CA PHE D 327 -38.87 -15.13 0.21
C PHE D 327 -39.56 -16.34 -0.39
N ASP D 328 -40.77 -16.62 0.04
CA ASP D 328 -41.48 -17.76 -0.46
C ASP D 328 -42.08 -17.52 -1.82
N GLU D 329 -42.06 -16.30 -2.31
CA GLU D 329 -42.52 -16.00 -3.66
C GLU D 329 -41.47 -16.24 -4.73
N ILE D 330 -40.22 -16.52 -4.35
CA ILE D 330 -39.13 -16.57 -5.34
C ILE D 330 -39.42 -17.55 -6.46
N PRO D 331 -39.73 -18.83 -6.20
CA PRO D 331 -40.09 -19.71 -7.33
C PRO D 331 -41.23 -19.18 -8.16
N ALA D 332 -42.23 -18.56 -7.55
CA ALA D 332 -43.32 -17.98 -8.33
C ALA D 332 -42.82 -16.88 -9.25
N ALA D 333 -42.04 -15.94 -8.69
CA ALA D 333 -41.46 -14.88 -9.52
C ALA D 333 -40.63 -15.48 -10.64
N TYR D 334 -39.92 -16.59 -10.38
CA TYR D 334 -39.16 -17.24 -11.45
C TYR D 334 -40.08 -17.83 -12.50
N ARG D 335 -41.21 -18.42 -12.07
CA ARG D 335 -42.16 -18.95 -13.03
C ARG D 335 -42.64 -17.87 -13.99
N SER D 336 -42.80 -16.64 -13.49
CA SER D 336 -43.43 -15.60 -14.28
C SER D 336 -42.55 -15.13 -15.42
N LEU D 337 -41.23 -15.10 -15.23
CA LEU D 337 -40.37 -14.79 -16.36
C LEU D 337 -40.35 -15.92 -17.36
N TYR D 338 -40.53 -17.16 -16.90
CA TYR D 338 -40.60 -18.29 -17.83
C TYR D 338 -42.00 -18.50 -18.38
N LEU D 339 -42.68 -17.39 -18.65
CA LEU D 339 -43.75 -17.32 -19.65
C LEU D 339 -43.16 -17.03 -21.03
N ASP D 340 -42.14 -17.83 -21.40
CA ASP D 340 -41.42 -17.72 -22.67
C ASP D 340 -40.64 -16.42 -22.80
N ARG D 341 -39.64 -16.21 -21.94
CA ARG D 341 -38.76 -15.06 -22.02
C ARG D 341 -37.32 -15.54 -21.89
N GLU D 342 -36.55 -15.44 -22.97
CA GLU D 342 -35.14 -15.78 -22.90
C GLU D 342 -34.37 -14.66 -22.19
N HIS D 343 -33.06 -14.63 -22.37
CA HIS D 343 -32.19 -13.82 -21.51
C HIS D 343 -31.91 -12.47 -22.17
N ASN D 344 -32.73 -11.47 -21.83
CA ASN D 344 -32.52 -10.08 -22.26
C ASN D 344 -32.59 -9.06 -21.12
N ARG D 345 -33.31 -9.35 -20.04
CA ARG D 345 -33.65 -8.34 -19.04
C ARG D 345 -33.43 -8.86 -17.63
N GLY D 346 -32.76 -8.05 -16.80
CA GLY D 346 -32.77 -8.27 -15.36
C GLY D 346 -33.91 -7.46 -14.75
N LYS D 347 -35.14 -7.87 -15.04
CA LYS D 347 -36.31 -7.02 -14.87
C LYS D 347 -37.30 -7.53 -13.83
N VAL D 348 -37.02 -8.65 -13.17
CA VAL D 348 -37.89 -9.18 -12.11
C VAL D 348 -37.04 -9.36 -10.86
N LEU D 349 -37.53 -8.85 -9.73
CA LEU D 349 -36.84 -8.97 -8.45
C LEU D 349 -37.81 -9.45 -7.38
N VAL D 350 -37.26 -9.81 -6.23
CA VAL D 350 -38.08 -10.19 -5.07
C VAL D 350 -37.53 -9.45 -3.85
N GLU D 351 -38.41 -8.71 -3.17
CA GLU D 351 -38.09 -8.14 -1.88
C GLU D 351 -38.32 -9.20 -0.80
N VAL D 352 -37.30 -9.47 0.00
CA VAL D 352 -37.43 -10.50 1.03
C VAL D 352 -37.23 -9.90 2.41
N MET E 1 -9.68 37.92 60.08
CA MET E 1 -10.10 39.20 59.54
C MET E 1 -11.30 39.02 58.60
N ARG E 2 -12.11 40.06 58.45
CA ARG E 2 -13.24 40.00 57.52
C ARG E 2 -12.76 40.32 56.11
N ILE E 3 -12.99 39.39 55.18
CA ILE E 3 -12.75 39.59 53.75
C ILE E 3 -14.07 39.43 53.04
N GLU E 4 -14.45 40.44 52.25
CA GLU E 4 -15.65 40.38 51.44
C GLU E 4 -15.26 40.17 49.98
N LYS E 5 -16.14 39.50 49.23
CA LYS E 5 -15.91 39.24 47.82
C LYS E 5 -17.25 39.24 47.11
N TRP E 6 -17.24 39.64 45.84
CA TRP E 6 -18.38 39.46 44.95
C TRP E 6 -18.12 38.22 44.11
N VAL E 7 -18.96 37.21 44.26
CA VAL E 7 -18.73 35.95 43.58
C VAL E 7 -19.78 35.77 42.49
N VAL E 8 -19.44 34.94 41.50
CA VAL E 8 -20.37 34.59 40.45
C VAL E 8 -21.39 33.60 41.02
N ARG E 9 -22.64 34.04 41.14
CA ARG E 9 -23.69 33.18 41.66
C ARG E 9 -24.37 32.37 40.56
N GLU E 10 -24.59 32.97 39.40
CA GLU E 10 -25.27 32.31 38.28
C GLU E 10 -24.55 32.62 36.98
N HIS E 11 -24.62 31.67 36.05
CA HIS E 11 -24.04 31.82 34.71
C HIS E 11 -25.16 32.29 33.79
N LEU E 12 -25.19 33.59 33.52
CA LEU E 12 -26.24 34.22 32.73
C LEU E 12 -25.62 35.04 31.61
N ASP E 13 -26.22 34.95 30.41
CA ASP E 13 -25.66 35.54 29.20
C ASP E 13 -26.43 36.81 28.84
N GLY E 14 -25.70 37.86 28.51
CA GLY E 14 -26.30 39.13 28.14
C GLY E 14 -26.93 39.84 29.30
N VAL E 15 -27.29 39.08 30.33
CA VAL E 15 -28.08 39.52 31.47
C VAL E 15 -27.42 40.72 32.14
N PRO E 16 -27.94 41.93 31.94
CA PRO E 16 -27.50 43.07 32.74
C PRO E 16 -28.12 43.12 34.13
N ASP E 17 -28.77 42.03 34.55
CA ASP E 17 -29.31 41.88 35.90
C ASP E 17 -28.28 41.11 36.73
N VAL E 18 -27.34 41.85 37.32
CA VAL E 18 -26.29 41.23 38.12
C VAL E 18 -26.69 41.03 39.57
N ASN E 19 -27.89 41.43 39.95
CA ASN E 19 -28.47 40.88 41.17
C ASN E 19 -28.66 39.39 41.04
N ARG E 20 -28.79 38.88 39.82
CA ARG E 20 -28.92 37.45 39.53
C ARG E 20 -27.65 36.85 38.94
N VAL E 21 -26.50 37.51 39.11
CA VAL E 21 -25.23 36.97 38.62
C VAL E 21 -24.17 37.09 39.72
N TYR E 22 -24.21 38.15 40.50
CA TYR E 22 -23.18 38.41 41.50
C TYR E 22 -23.78 38.40 42.90
N GLU E 23 -23.02 37.84 43.84
CA GLU E 23 -23.41 37.74 45.23
C GLU E 23 -22.24 38.15 46.10
N LYS E 24 -22.51 38.92 47.16
CA LYS E 24 -21.48 39.33 48.10
C LYS E 24 -21.34 38.29 49.21
N VAL E 25 -20.11 37.81 49.41
CA VAL E 25 -19.78 36.82 50.42
C VAL E 25 -18.81 37.46 51.41
N VAL E 26 -19.04 37.23 52.70
CA VAL E 26 -18.19 37.73 53.76
C VAL E 26 -17.61 36.54 54.52
N GLU E 27 -16.30 36.56 54.74
CA GLU E 27 -15.61 35.44 55.36
C GLU E 27 -14.74 35.92 56.51
N ASP E 28 -14.75 35.15 57.58
CA ASP E 28 -13.79 35.29 58.67
C ASP E 28 -12.61 34.38 58.35
N VAL E 29 -11.47 34.99 58.06
CA VAL E 29 -10.31 34.30 57.51
C VAL E 29 -9.13 34.50 58.44
N ARG E 30 -8.42 33.43 58.74
CA ARG E 30 -7.17 33.49 59.50
C ARG E 30 -6.01 33.40 58.51
N ILE E 31 -5.14 34.41 58.53
CA ILE E 31 -4.12 34.59 57.49
C ILE E 31 -2.87 33.79 57.86
N ASP E 32 -2.45 32.86 56.98
CA ASP E 32 -1.25 32.05 57.18
C ASP E 32 -0.39 32.12 55.92
N LEU E 33 0.34 33.22 55.77
CA LEU E 33 1.09 33.48 54.55
C LEU E 33 2.24 32.50 54.40
N ARG E 34 2.29 31.79 53.27
CA ARG E 34 3.53 31.17 52.84
C ARG E 34 4.59 32.27 52.73
N PRO E 35 5.88 31.90 52.77
CA PRO E 35 6.93 32.93 52.91
C PRO E 35 6.97 33.94 51.76
N ASP E 36 6.59 33.55 50.55
CA ASP E 36 6.61 34.48 49.43
C ASP E 36 5.24 35.13 49.17
N GLU E 37 4.25 34.87 50.02
CA GLU E 37 2.93 35.47 49.82
C GLU E 37 2.82 36.79 50.58
N MET E 38 2.10 37.75 49.97
CA MET E 38 1.78 39.01 50.63
C MET E 38 0.27 39.11 50.82
N LEU E 39 -0.11 39.95 51.78
CA LEU E 39 -1.50 40.28 52.02
C LEU E 39 -1.73 41.68 51.50
N PHE E 40 -2.67 41.83 50.57
CA PHE E 40 -2.96 43.11 49.93
C PHE E 40 -4.33 43.61 50.35
N ARG E 41 -4.43 44.93 50.51
CA ARG E 41 -5.70 45.63 50.66
C ARG E 41 -6.08 46.21 49.31
N THR E 42 -7.25 45.83 48.81
CA THR E 42 -7.70 46.38 47.53
C THR E 42 -8.11 47.85 47.68
N ARG E 43 -7.55 48.71 46.86
CA ARG E 43 -7.85 50.14 46.89
C ARG E 43 -8.78 50.59 45.75
N TYR E 44 -8.65 50.00 44.56
CA TYR E 44 -9.56 50.30 43.46
C TYR E 44 -9.72 49.01 42.65
N VAL E 45 -10.89 48.86 42.00
CA VAL E 45 -11.14 47.75 41.08
C VAL E 45 -11.63 48.32 39.75
N SER E 46 -11.35 47.59 38.68
CA SER E 46 -11.89 47.91 37.36
C SER E 46 -13.20 47.16 37.13
N VAL E 47 -14.14 47.79 36.42
CA VAL E 47 -15.31 47.11 35.88
C VAL E 47 -15.31 47.33 34.36
N ASP E 48 -15.60 46.25 33.61
CA ASP E 48 -15.38 46.19 32.16
C ASP E 48 -16.42 45.27 31.52
N PRO E 49 -16.78 45.50 30.25
CA PRO E 49 -17.77 44.61 29.60
C PRO E 49 -17.32 43.17 29.45
N TYR E 50 -16.01 42.88 29.33
CA TYR E 50 -15.57 41.50 29.17
C TYR E 50 -15.89 40.64 30.39
N GLN E 51 -16.11 41.24 31.56
CA GLN E 51 -16.40 40.42 32.72
C GLN E 51 -17.71 39.67 32.55
N ASN E 52 -18.57 40.13 31.65
CA ASN E 52 -19.75 39.36 31.26
C ASN E 52 -19.36 37.95 30.80
N GLY E 53 -18.40 37.85 29.88
CA GLY E 53 -17.97 36.55 29.40
C GLY E 53 -17.10 35.79 30.37
N LEU E 54 -16.23 36.49 31.10
CA LEU E 54 -15.39 35.83 32.06
C LEU E 54 -16.20 35.20 33.20
N ALA E 55 -17.32 35.83 33.57
CA ALA E 55 -18.18 35.24 34.60
C ALA E 55 -18.76 33.91 34.13
N LEU E 56 -19.14 33.82 32.84
CA LEU E 56 -19.67 32.58 32.31
C LEU E 56 -18.71 31.41 32.54
N GLU E 57 -17.41 31.67 32.39
CA GLU E 57 -16.39 30.66 32.58
C GLU E 57 -15.79 30.70 34.00
N THR E 58 -16.40 31.44 34.89
CA THR E 58 -15.89 31.40 36.26
C THR E 58 -16.65 30.36 37.07
N PRO E 59 -15.96 29.43 37.72
CA PRO E 59 -16.63 28.43 38.55
C PRO E 59 -17.59 29.09 39.55
N ILE E 60 -18.76 28.47 39.73
CA ILE E 60 -19.75 28.99 40.67
C ILE E 60 -19.10 29.12 42.05
N GLY E 61 -19.31 30.26 42.70
CA GLY E 61 -18.76 30.53 44.01
C GLY E 61 -17.44 31.27 44.01
N HIS E 62 -16.67 31.19 42.92
CA HIS E 62 -15.39 31.89 42.83
C HIS E 62 -15.61 33.39 42.69
N HIS E 63 -14.60 34.16 43.09
CA HIS E 63 -14.73 35.61 42.98
C HIS E 63 -14.64 36.04 41.53
N MET E 64 -15.16 37.24 41.26
CA MET E 64 -15.10 37.81 39.92
C MET E 64 -13.73 38.43 39.66
N GLY E 65 -13.01 37.89 38.69
CA GLY E 65 -11.72 38.45 38.33
C GLY E 65 -11.85 39.89 37.84
N ALA E 66 -10.76 40.65 38.04
CA ALA E 66 -10.75 42.06 37.67
C ALA E 66 -9.38 42.66 37.89
N ASP E 67 -8.96 43.61 37.06
CA ASP E 67 -7.77 44.36 37.37
C ASP E 67 -8.04 45.27 38.57
N SER E 68 -7.04 45.37 39.45
CA SER E 68 -7.21 46.20 40.61
C SER E 68 -5.90 46.87 40.98
N ILE E 69 -6.01 47.88 41.85
CA ILE E 69 -4.87 48.49 42.54
C ILE E 69 -4.92 48.01 43.99
N MET E 70 -3.79 47.53 44.50
CA MET E 70 -3.70 46.86 45.80
C MET E 70 -2.55 47.44 46.60
N GLU E 71 -2.73 47.54 47.91
CA GLU E 71 -1.70 48.02 48.83
C GLU E 71 -1.22 46.86 49.71
N VAL E 72 0.08 46.67 49.79
CA VAL E 72 0.63 45.56 50.57
C VAL E 72 0.46 45.91 52.04
N VAL E 73 -0.23 45.04 52.79
CA VAL E 73 -0.36 45.26 54.23
C VAL E 73 0.39 44.22 55.07
N GLU E 74 0.76 43.08 54.50
CA GLU E 74 1.59 42.10 55.22
C GLU E 74 2.53 41.46 54.22
N ALA E 75 3.82 41.40 54.56
CA ALA E 75 4.82 40.88 53.63
C ALA E 75 6.06 40.38 54.37
N GLY E 76 6.52 39.19 53.98
CA GLY E 76 7.71 38.59 54.57
C GLY E 76 8.98 38.93 53.81
N PRO E 77 10.13 38.51 54.36
CA PRO E 77 11.40 38.85 53.72
C PRO E 77 11.56 38.28 52.32
N ALA E 78 10.90 37.16 52.00
CA ALA E 78 11.02 36.54 50.69
C ALA E 78 9.92 36.97 49.72
N ALA E 79 9.05 37.90 50.12
CA ALA E 79 8.01 38.40 49.26
C ALA E 79 8.55 39.50 48.35
N ALA E 80 7.92 39.63 47.18
CA ALA E 80 8.44 40.49 46.10
C ALA E 80 8.27 41.97 46.39
N PHE E 81 7.26 42.36 47.18
CA PHE E 81 7.01 43.75 47.52
C PHE E 81 6.97 43.90 49.04
N ALA E 82 7.05 45.14 49.49
CA ALA E 82 7.10 45.49 50.91
C ALA E 82 5.79 46.13 51.35
N VAL E 83 5.59 46.18 52.68
CA VAL E 83 4.41 46.85 53.20
C VAL E 83 4.42 48.31 52.79
N GLY E 84 3.25 48.84 52.40
CA GLY E 84 3.13 50.21 51.96
C GLY E 84 3.19 50.40 50.46
N ASP E 85 3.75 49.44 49.71
CA ASP E 85 3.77 49.51 48.26
C ASP E 85 2.36 49.46 47.67
N LEU E 86 2.12 50.25 46.62
CA LEU E 86 0.93 50.07 45.78
C LEU E 86 1.31 49.26 44.55
N VAL E 87 0.50 48.25 44.24
CA VAL E 87 0.76 47.39 43.10
C VAL E 87 -0.51 47.34 42.26
N GLN E 88 -0.35 46.98 40.98
CA GLN E 88 -1.50 46.76 40.10
C GLN E 88 -1.44 45.30 39.65
N GLY E 89 -2.57 44.60 39.75
CA GLY E 89 -2.59 43.21 39.33
C GLY E 89 -4.02 42.74 39.20
N PHE E 90 -4.19 41.47 38.81
CA PHE E 90 -5.52 40.89 38.62
C PHE E 90 -6.06 40.37 39.97
N GLY E 91 -6.29 41.30 40.89
CA GLY E 91 -6.71 40.91 42.23
C GLY E 91 -8.17 40.53 42.36
N GLY E 92 -9.03 41.07 41.51
CA GLY E 92 -10.44 40.72 41.56
C GLY E 92 -11.26 41.58 42.49
N TRP E 93 -12.57 41.36 42.43
CA TRP E 93 -13.52 42.09 43.25
C TRP E 93 -13.51 41.50 44.68
N ARG E 94 -12.40 41.73 45.38
CA ARG E 94 -12.20 41.27 46.77
C ARG E 94 -11.60 42.39 47.58
N THR E 95 -11.93 42.45 48.89
CA THR E 95 -11.41 43.54 49.71
C THR E 95 -9.94 43.35 50.01
N HIS E 96 -9.50 42.10 50.10
CA HIS E 96 -8.13 41.77 50.46
C HIS E 96 -7.74 40.55 49.64
N VAL E 97 -6.43 40.40 49.43
CA VAL E 97 -5.91 39.38 48.52
C VAL E 97 -4.63 38.83 49.10
N VAL E 98 -4.49 37.50 49.09
CA VAL E 98 -3.22 36.84 49.40
C VAL E 98 -2.66 36.26 48.10
N HIS E 99 -1.41 36.61 47.78
CA HIS E 99 -0.82 36.25 46.50
C HIS E 99 0.68 36.55 46.58
N ASN E 100 1.47 35.84 45.76
CA ASN E 100 2.91 36.09 45.68
C ASN E 100 3.30 37.09 44.58
N GLY E 101 2.34 37.62 43.84
CA GLY E 101 2.64 38.59 42.79
C GLY E 101 3.19 38.00 41.49
N ALA E 102 3.42 36.68 41.44
CA ALA E 102 3.97 36.04 40.24
C ALA E 102 2.89 35.83 39.18
N GLU E 103 3.34 35.67 37.92
CA GLU E 103 2.45 35.28 36.83
C GLU E 103 1.71 34.01 37.20
N GLU E 104 0.49 33.86 36.67
CA GLU E 104 -0.40 32.77 37.07
C GLU E 104 -1.14 32.20 35.88
N LEU E 105 -0.95 30.90 35.62
CA LEU E 105 -1.68 30.22 34.55
C LEU E 105 -3.14 30.01 34.94
N TRP E 106 -3.97 29.75 33.94
CA TRP E 106 -5.41 29.66 34.15
C TRP E 106 -6.01 28.90 32.98
N THR E 107 -6.45 27.67 33.22
CA THR E 107 -6.93 26.81 32.13
C THR E 107 -8.41 26.48 32.29
N THR E 108 -9.15 27.29 33.04
CA THR E 108 -10.58 27.09 33.16
C THR E 108 -11.33 27.55 31.92
N GLY E 109 -10.68 28.29 31.02
CA GLY E 109 -11.29 28.73 29.79
C GLY E 109 -10.94 27.82 28.62
N ILE E 110 -11.43 28.22 27.45
CA ILE E 110 -11.22 27.42 26.26
C ILE E 110 -9.74 27.42 25.86
N PHE E 111 -9.08 28.54 26.03
CA PHE E 111 -7.65 28.60 25.85
C PHE E 111 -6.99 28.93 27.17
N PRO E 112 -5.77 28.47 27.40
CA PRO E 112 -5.07 28.85 28.63
C PRO E 112 -4.66 30.31 28.60
N MET E 113 -4.64 30.92 29.79
CA MET E 113 -4.21 32.29 29.98
C MET E 113 -3.06 32.36 30.98
N VAL E 114 -2.29 33.43 30.88
CA VAL E 114 -1.28 33.76 31.87
C VAL E 114 -1.63 35.14 32.40
N PHE E 115 -2.05 35.20 33.65
CA PHE E 115 -2.23 36.51 34.27
C PHE E 115 -0.87 37.16 34.44
N PRO E 116 -0.70 38.43 34.07
CA PRO E 116 0.61 39.06 34.24
C PRO E 116 1.05 39.06 35.70
N ALA E 117 2.36 39.10 35.92
CA ALA E 117 2.85 39.36 37.26
C ALA E 117 2.33 40.70 37.76
N TYR E 118 2.12 40.80 39.07
CA TYR E 118 1.78 42.09 39.67
C TYR E 118 2.92 43.06 39.44
N ARG E 119 2.60 44.36 39.37
CA ARG E 119 3.61 45.38 39.12
C ARG E 119 3.53 46.50 40.14
N ARG E 120 4.69 46.99 40.57
CA ARG E 120 4.74 48.09 41.51
C ARG E 120 4.41 49.41 40.84
N LEU E 121 3.63 50.23 41.54
CA LEU E 121 3.31 51.58 41.12
C LEU E 121 4.24 52.58 41.78
N ASP E 122 4.83 53.47 40.98
CA ASP E 122 5.69 54.51 41.51
C ASP E 122 4.81 55.63 42.03
N PRO E 123 4.78 55.86 43.35
CA PRO E 123 3.88 56.89 43.90
C PRO E 123 4.10 58.28 43.30
N SER E 124 5.33 58.62 42.93
CA SER E 124 5.57 59.94 42.37
C SER E 124 4.96 60.12 40.98
N TRP E 125 4.44 59.06 40.35
CA TRP E 125 3.88 59.17 38.99
C TRP E 125 2.52 59.87 38.98
N TYR E 126 1.84 59.95 40.12
CA TYR E 126 0.44 60.36 40.19
C TYR E 126 0.30 61.61 41.06
N GLY E 127 -0.84 62.26 40.91
CA GLY E 127 -1.09 63.46 41.66
C GLY E 127 -2.50 63.95 41.43
N GLU E 128 -2.71 65.23 41.73
CA GLU E 128 -4.05 65.81 41.67
C GLU E 128 -4.67 65.66 40.29
N ARG E 129 -3.96 66.04 39.23
CA ARG E 129 -4.65 65.99 37.94
C ARG E 129 -4.56 64.64 37.27
N LEU E 130 -3.80 63.72 37.84
CA LEU E 130 -3.60 62.39 37.27
C LEU E 130 -3.55 61.38 38.41
N PRO E 131 -4.71 61.05 38.98
CA PRO E 131 -4.71 60.27 40.23
C PRO E 131 -4.26 58.85 40.02
N VAL E 132 -3.88 58.20 41.14
CA VAL E 132 -3.46 56.81 41.10
C VAL E 132 -4.55 55.91 40.52
N SER E 133 -5.82 56.32 40.54
CA SER E 133 -6.84 55.48 39.91
C SER E 133 -6.61 55.35 38.42
N THR E 134 -5.92 56.32 37.81
CA THR E 134 -5.65 56.17 36.38
C THR E 134 -4.74 54.98 36.10
N ALA E 135 -4.17 54.34 37.14
CA ALA E 135 -3.36 53.17 36.87
C ALA E 135 -4.20 52.01 36.34
N LEU E 136 -5.52 52.13 36.38
CA LEU E 136 -6.42 51.16 35.76
C LEU E 136 -7.05 51.68 34.47
N GLY E 137 -6.61 52.84 33.97
CA GLY E 137 -7.23 53.46 32.81
C GLY E 137 -6.11 53.96 31.92
N ILE E 138 -6.07 55.27 31.66
CA ILE E 138 -5.11 55.80 30.70
C ILE E 138 -3.67 55.59 31.13
N MET E 139 -3.39 55.42 32.44
CA MET E 139 -2.02 55.18 32.84
C MET E 139 -1.75 53.72 33.07
N GLY E 140 -2.67 52.84 32.68
CA GLY E 140 -2.47 51.41 32.85
C GLY E 140 -2.69 50.70 31.52
N ALA E 141 -3.21 49.47 31.62
CA ALA E 141 -3.39 48.65 30.41
C ALA E 141 -4.24 49.31 29.34
N PRO E 142 -5.39 49.93 29.62
CA PRO E 142 -6.17 50.52 28.53
C PRO E 142 -5.40 51.60 27.80
N GLY E 143 -4.69 52.47 28.52
CA GLY E 143 -3.89 53.49 27.86
C GLY E 143 -2.71 52.91 27.10
N MET E 144 -2.00 51.96 27.71
CA MET E 144 -0.87 51.35 27.02
C MET E 144 -1.31 50.67 25.73
N THR E 145 -2.52 50.09 25.72
CA THR E 145 -3.03 49.47 24.50
C THR E 145 -3.04 50.46 23.34
N ALA E 146 -3.51 51.68 23.60
CA ALA E 146 -3.54 52.72 22.57
C ALA E 146 -2.15 53.30 22.33
N TRP E 147 -1.51 53.74 23.41
CA TRP E 147 -0.23 54.42 23.33
C TRP E 147 0.89 53.51 22.83
N GLY E 148 0.95 52.28 23.36
CA GLY E 148 1.93 51.33 22.87
C GLY E 148 1.75 51.02 21.40
N THR E 149 0.51 50.79 20.97
CA THR E 149 0.29 50.49 19.56
C THR E 149 0.75 51.65 18.70
N LEU E 150 0.34 52.85 19.07
CA LEU E 150 0.62 53.98 18.23
C LEU E 150 2.10 54.33 18.22
N THR E 151 2.83 54.10 19.33
CA THR E 151 4.23 54.49 19.34
C THR E 151 5.19 53.38 18.90
N ARG E 152 4.77 52.12 18.95
CA ARG E 152 5.69 51.02 18.67
C ARG E 152 5.21 50.09 17.55
N PHE E 153 4.10 50.41 16.87
CA PHE E 153 3.69 49.52 15.78
C PHE E 153 2.96 50.22 14.65
N LEU E 154 2.00 51.11 14.96
CA LEU E 154 1.05 51.45 13.92
C LEU E 154 1.62 52.41 12.87
N GLU E 155 2.65 53.19 13.21
CA GLU E 155 3.35 54.09 12.29
C GLU E 155 2.37 54.98 11.52
N VAL E 156 1.58 55.77 12.26
CA VAL E 156 0.65 56.70 11.61
C VAL E 156 1.42 57.90 11.08
N ARG E 157 1.11 58.30 9.87
CA ARG E 157 1.84 59.40 9.25
C ARG E 157 0.85 60.47 8.79
N PRO E 158 1.31 61.72 8.69
CA PRO E 158 0.45 62.76 8.13
C PRO E 158 -0.12 62.34 6.78
N GLY E 159 -1.44 62.52 6.62
CA GLY E 159 -2.13 62.11 5.44
C GLY E 159 -2.68 60.69 5.46
N ASP E 160 -2.31 59.86 6.44
CA ASP E 160 -2.85 58.51 6.49
C ASP E 160 -4.33 58.52 6.85
N THR E 161 -5.05 57.57 6.29
CA THR E 161 -6.43 57.31 6.67
C THR E 161 -6.45 56.20 7.72
N VAL E 162 -7.04 56.47 8.87
CA VAL E 162 -7.04 55.55 10.00
C VAL E 162 -8.49 55.20 10.34
N VAL E 163 -8.79 53.91 10.38
CA VAL E 163 -10.09 53.43 10.82
C VAL E 163 -9.91 52.80 12.20
N VAL E 164 -10.84 53.08 13.11
CA VAL E 164 -10.87 52.47 14.45
C VAL E 164 -12.24 51.83 14.61
N SER E 165 -12.27 50.50 14.69
CA SER E 165 -13.53 49.84 14.96
C SER E 165 -13.79 49.79 16.46
N GLY E 166 -15.07 49.76 16.83
CA GLY E 166 -15.49 49.76 18.21
C GLY E 166 -14.81 50.87 18.96
N ALA E 167 -14.99 52.09 18.48
CA ALA E 167 -14.17 53.22 18.88
C ALA E 167 -14.65 53.94 20.13
N SER E 168 -15.87 53.67 20.60
CA SER E 168 -16.46 54.46 21.67
C SER E 168 -15.89 54.14 23.06
N GLY E 169 -15.09 53.11 23.21
CA GLY E 169 -14.51 52.80 24.50
C GLY E 169 -13.30 53.67 24.76
N SER E 170 -12.74 53.52 25.97
CA SER E 170 -11.60 54.36 26.32
C SER E 170 -10.39 54.05 25.45
N ILE E 171 -10.30 52.84 24.92
CA ILE E 171 -9.18 52.49 24.05
C ILE E 171 -9.38 53.10 22.66
N GLY E 172 -10.60 52.99 22.12
CA GLY E 172 -10.87 53.55 20.81
C GLY E 172 -10.73 55.06 20.77
N THR E 173 -11.27 55.77 21.77
CA THR E 173 -11.23 57.22 21.69
C THR E 173 -9.81 57.76 21.84
N LEU E 174 -8.97 57.09 22.62
CA LEU E 174 -7.58 57.50 22.73
C LEU E 174 -6.78 57.17 21.48
N VAL E 175 -7.08 56.05 20.81
CA VAL E 175 -6.45 55.77 19.52
C VAL E 175 -6.77 56.87 18.52
N GLY E 176 -8.04 57.28 18.45
CA GLY E 176 -8.42 58.31 17.51
C GLY E 176 -7.70 59.63 17.77
N GLN E 177 -7.64 60.03 19.04
CA GLN E 177 -6.97 61.27 19.41
C GLN E 177 -5.48 61.22 19.10
N LEU E 178 -4.82 60.12 19.44
CA LEU E 178 -3.41 60.01 19.13
C LEU E 178 -3.17 60.02 17.62
N ALA E 179 -4.05 59.37 16.86
CA ALA E 179 -3.90 59.34 15.41
C ALA E 179 -4.02 60.74 14.82
N LYS E 180 -5.03 61.50 15.27
CA LYS E 180 -5.15 62.89 14.85
C LYS E 180 -3.89 63.68 15.19
N ARG E 181 -3.37 63.50 16.42
CA ARG E 181 -2.13 64.18 16.80
C ARG E 181 -0.97 63.83 15.90
N ALA E 182 -0.90 62.58 15.41
CA ALA E 182 0.19 62.14 14.54
C ALA E 182 0.04 62.68 13.13
N GLY E 183 -1.06 63.37 12.83
CA GLY E 183 -1.25 63.97 11.54
C GLY E 183 -2.14 63.23 10.57
N ALA E 184 -2.81 62.16 11.00
CA ALA E 184 -3.62 61.38 10.06
C ALA E 184 -4.54 62.31 9.27
N GLY E 185 -4.59 62.07 7.95
CA GLY E 185 -5.43 62.90 7.10
C GLY E 185 -6.91 62.66 7.35
N ARG E 186 -7.26 61.43 7.73
CA ARG E 186 -8.64 61.11 8.00
C ARG E 186 -8.69 60.03 9.08
N VAL E 187 -9.49 60.28 10.12
CA VAL E 187 -9.68 59.34 11.22
C VAL E 187 -11.16 58.99 11.25
N VAL E 188 -11.46 57.74 10.92
CA VAL E 188 -12.83 57.22 10.82
C VAL E 188 -13.07 56.22 11.93
N GLY E 189 -14.15 56.41 12.69
CA GLY E 189 -14.50 55.42 13.70
C GLY E 189 -15.79 54.71 13.36
N THR E 190 -16.00 53.52 13.90
CA THR E 190 -17.29 52.86 13.82
C THR E 190 -17.82 52.69 15.23
N THR E 191 -19.13 52.86 15.40
CA THR E 191 -19.74 52.71 16.71
C THR E 191 -21.19 52.29 16.51
N GLY E 192 -21.83 51.92 17.62
CA GLY E 192 -23.10 51.22 17.56
C GLY E 192 -24.35 52.05 17.78
N SER E 193 -24.23 53.34 18.09
CA SER E 193 -25.40 54.15 18.38
C SER E 193 -25.12 55.57 17.92
N PRO E 194 -26.14 56.30 17.47
CA PRO E 194 -25.92 57.70 17.07
C PRO E 194 -25.57 58.60 18.24
N GLY E 195 -25.75 58.13 19.47
CA GLY E 195 -25.31 58.86 20.64
C GLY E 195 -23.82 58.70 20.87
N LYS E 196 -23.35 57.45 20.88
CA LYS E 196 -21.91 57.19 20.91
C LYS E 196 -21.20 57.85 19.73
N ALA E 197 -21.84 57.86 18.56
CA ALA E 197 -21.24 58.44 17.36
C ALA E 197 -20.96 59.93 17.51
N GLU E 198 -21.72 60.62 18.35
CA GLU E 198 -21.45 62.05 18.51
C GLU E 198 -20.39 62.33 19.57
N TYR E 199 -20.32 61.53 20.64
CA TYR E 199 -19.20 61.64 21.56
C TYR E 199 -17.87 61.49 20.82
N LEU E 200 -17.83 60.61 19.82
CA LEU E 200 -16.63 60.43 19.01
C LEU E 200 -16.33 61.68 18.18
N ARG E 201 -17.35 62.27 17.56
CA ARG E 201 -17.15 63.51 16.83
C ARG E 201 -16.60 64.60 17.74
N GLU E 202 -17.07 64.66 18.98
CA GLU E 202 -16.63 65.69 19.92
C GLU E 202 -15.15 65.54 20.25
N LEU E 203 -14.64 64.31 20.23
CA LEU E 203 -13.25 64.07 20.60
C LEU E 203 -12.30 64.36 19.45
N GLY E 204 -12.77 64.28 18.21
CA GLY E 204 -11.90 64.63 17.09
C GLY E 204 -11.93 63.64 15.95
N PHE E 205 -12.80 62.64 16.00
CA PHE E 205 -12.99 61.74 14.86
C PHE E 205 -13.59 62.52 13.69
N ASP E 206 -13.12 62.24 12.46
CA ASP E 206 -13.57 62.95 11.26
C ASP E 206 -14.88 62.41 10.73
N GLU E 207 -15.12 61.11 10.86
CA GLU E 207 -16.40 60.56 10.49
C GLU E 207 -16.64 59.32 11.32
N VAL E 208 -17.92 58.97 11.48
CA VAL E 208 -18.30 57.80 12.24
C VAL E 208 -19.27 57.01 11.38
N VAL E 209 -18.98 55.75 11.18
CA VAL E 209 -19.86 54.84 10.47
C VAL E 209 -20.57 54.01 11.53
N LEU E 210 -21.89 53.90 11.41
CA LEU E 210 -22.66 53.12 12.37
C LEU E 210 -22.60 51.64 12.01
N TYR E 211 -22.42 50.81 13.03
CA TYR E 211 -22.35 49.35 12.84
C TYR E 211 -22.78 48.68 14.13
N THR E 212 -23.82 47.88 14.07
CA THR E 212 -24.29 47.08 15.20
C THR E 212 -23.94 45.62 14.93
N GLN E 213 -24.86 44.66 15.06
CA GLN E 213 -24.62 43.29 14.64
C GLN E 213 -25.75 42.83 13.73
N GLY E 214 -25.50 41.72 13.04
CA GLY E 214 -26.31 41.37 11.90
C GLY E 214 -26.29 42.41 10.79
N ASP E 215 -25.48 43.45 10.90
CA ASP E 215 -25.44 44.46 9.87
C ASP E 215 -24.90 43.86 8.57
N ASP E 216 -25.51 44.25 7.46
CA ASP E 216 -25.18 43.68 6.18
C ASP E 216 -23.74 44.01 5.80
N ALA E 217 -22.97 42.97 5.46
CA ALA E 217 -21.55 43.17 5.16
C ALA E 217 -21.36 44.09 3.97
N GLU E 218 -22.19 43.94 2.95
CA GLU E 218 -22.14 44.86 1.81
C GLU E 218 -22.63 46.24 2.20
N LYS E 219 -23.51 46.34 3.19
CA LYS E 219 -23.93 47.66 3.67
C LYS E 219 -22.78 48.40 4.33
N VAL E 220 -21.97 47.72 5.14
CA VAL E 220 -20.95 48.43 5.89
C VAL E 220 -19.74 48.73 4.99
N ARG E 221 -19.39 47.80 4.10
CA ARG E 221 -18.36 48.09 3.09
C ARG E 221 -18.67 49.39 2.35
N GLN E 222 -19.89 49.52 1.81
CA GLN E 222 -20.28 50.72 1.09
C GLN E 222 -20.14 51.97 1.96
N ALA E 223 -20.59 51.89 3.22
CA ALA E 223 -20.51 53.05 4.11
C ALA E 223 -19.07 53.39 4.47
N LEU E 224 -18.22 52.37 4.65
CA LEU E 224 -16.81 52.66 4.86
C LEU E 224 -16.17 53.22 3.59
N LEU E 225 -16.68 52.81 2.43
CA LEU E 225 -16.14 53.31 1.16
C LEU E 225 -16.39 54.80 1.01
N LEU E 226 -17.56 55.28 1.46
CA LEU E 226 -17.85 56.71 1.40
C LEU E 226 -17.07 57.48 2.46
N ALA E 227 -16.86 56.88 3.64
CA ALA E 227 -16.09 57.54 4.68
C ALA E 227 -14.59 57.56 4.36
N ALA E 228 -14.10 56.57 3.59
CA ALA E 228 -12.68 56.45 3.27
C ALA E 228 -12.49 56.27 1.77
N PRO E 229 -12.86 57.28 0.97
CA PRO E 229 -12.87 57.09 -0.50
C PRO E 229 -11.51 56.77 -1.08
N ASP E 230 -10.42 57.13 -0.40
CA ASP E 230 -9.06 56.90 -0.88
C ASP E 230 -8.45 55.63 -0.31
N GLY E 231 -9.21 54.83 0.43
CA GLY E 231 -8.71 53.58 0.96
C GLY E 231 -8.22 53.73 2.39
N VAL E 232 -7.89 52.59 2.98
CA VAL E 232 -7.54 52.54 4.41
C VAL E 232 -6.06 52.23 4.53
N ASP E 233 -5.33 53.14 5.17
CA ASP E 233 -3.91 52.95 5.46
C ASP E 233 -3.66 52.23 6.79
N ARG E 234 -4.43 52.55 7.81
CA ARG E 234 -4.15 52.05 9.15
C ARG E 234 -5.47 51.66 9.77
N TYR E 235 -5.48 50.49 10.41
CA TYR E 235 -6.71 49.92 10.98
C TYR E 235 -6.40 49.49 12.41
N PHE E 236 -7.14 50.02 13.35
CA PHE E 236 -7.07 49.59 14.76
C PHE E 236 -8.35 48.84 15.06
N ASP E 237 -8.25 47.51 15.17
CA ASP E 237 -9.39 46.61 15.23
C ASP E 237 -9.69 46.23 16.68
N ASN E 238 -10.79 46.76 17.22
CA ASN E 238 -11.32 46.34 18.51
C ASN E 238 -12.41 45.29 18.42
N LEU E 239 -13.09 45.17 17.29
CA LEU E 239 -14.31 44.37 17.21
C LEU E 239 -14.10 43.00 16.58
N GLY E 240 -13.47 42.95 15.41
CA GLY E 240 -13.56 41.74 14.59
C GLY E 240 -14.82 41.77 13.73
N GLY E 241 -15.17 40.61 13.18
CA GLY E 241 -16.46 40.48 12.52
C GLY E 241 -16.53 41.16 11.17
N THR E 242 -17.76 41.46 10.73
CA THR E 242 -17.94 41.93 9.37
C THR E 242 -17.32 43.30 9.11
N VAL E 243 -17.13 44.13 10.15
CA VAL E 243 -16.47 45.42 9.93
C VAL E 243 -15.04 45.20 9.47
N THR E 244 -14.31 44.27 10.09
CA THR E 244 -12.94 43.99 9.67
C THR E 244 -12.92 43.35 8.28
N ASP E 245 -13.84 42.42 8.02
CA ASP E 245 -13.94 41.82 6.69
C ASP E 245 -14.07 42.89 5.62
N ALA E 246 -14.86 43.93 5.89
CA ALA E 246 -15.04 45.04 4.96
C ALA E 246 -13.78 45.87 4.81
N VAL E 247 -13.09 46.18 5.92
CA VAL E 247 -11.86 46.96 5.83
C VAL E 247 -10.82 46.24 4.97
N PHE E 248 -10.73 44.92 5.12
CA PHE E 248 -9.73 44.19 4.37
C PHE E 248 -10.04 44.11 2.89
N THR E 249 -11.20 44.59 2.42
CA THR E 249 -11.38 44.74 0.99
C THR E 249 -10.84 46.06 0.45
N MET E 250 -10.38 46.96 1.33
CA MET E 250 -10.07 48.32 0.91
C MET E 250 -8.78 48.84 1.54
N LEU E 251 -7.88 47.94 1.92
CA LEU E 251 -6.58 48.36 2.42
C LEU E 251 -5.69 48.87 1.27
N ASN E 252 -4.95 49.95 1.52
CA ASN E 252 -3.96 50.42 0.57
C ASN E 252 -2.68 49.58 0.68
N VAL E 253 -1.77 49.71 -0.30
CA VAL E 253 -0.57 48.90 -0.22
C VAL E 253 0.26 49.37 0.99
N ASP E 254 0.94 48.41 1.60
CA ASP E 254 1.75 48.67 2.79
C ASP E 254 0.93 49.16 3.98
N SER E 255 -0.29 48.69 4.09
CA SER E 255 -1.13 49.07 5.21
C SER E 255 -0.65 48.38 6.48
N ARG E 256 -1.14 48.84 7.62
CA ARG E 256 -0.77 48.25 8.89
C ARG E 256 -2.01 48.11 9.75
N VAL E 257 -2.17 46.96 10.39
CA VAL E 257 -3.40 46.59 11.07
C VAL E 257 -3.07 46.05 12.46
N ALA E 258 -3.67 46.66 13.46
CA ALA E 258 -3.53 46.27 14.86
C ALA E 258 -4.81 45.56 15.30
N VAL E 259 -4.70 44.30 15.71
CA VAL E 259 -5.84 43.51 16.19
C VAL E 259 -5.69 43.29 17.70
N CYS E 260 -6.64 43.82 18.48
CA CYS E 260 -6.55 43.79 19.93
C CYS E 260 -6.95 42.42 20.46
N TRP E 261 -6.06 41.79 21.22
CA TRP E 261 -6.46 40.62 21.98
C TRP E 261 -7.61 40.98 22.91
N GLN E 262 -8.53 40.05 23.10
CA GLN E 262 -9.57 40.25 24.10
C GLN E 262 -9.82 38.98 24.88
N TRP E 263 -10.31 39.18 26.10
CA TRP E 263 -10.63 38.08 27.01
C TRP E 263 -11.41 37.00 26.32
N ALA E 264 -12.48 37.37 25.62
CA ALA E 264 -13.35 36.36 25.03
C ALA E 264 -12.57 35.48 24.06
N THR E 265 -11.50 36.02 23.45
CA THR E 265 -10.71 35.23 22.51
C THR E 265 -10.06 34.04 23.20
N THR E 266 -9.81 34.12 24.51
CA THR E 266 -9.04 33.10 25.21
C THR E 266 -9.82 32.35 26.28
N VAL E 267 -10.66 33.02 27.07
CA VAL E 267 -11.45 32.31 28.08
C VAL E 267 -12.85 31.94 27.58
N ASN E 268 -13.39 32.66 26.58
CA ASN E 268 -14.70 32.34 26.02
C ASN E 268 -14.61 31.75 24.61
N GLY E 269 -13.41 31.42 24.13
CA GLY E 269 -13.22 30.84 22.81
C GLY E 269 -13.89 31.60 21.69
N GLU E 270 -13.96 32.92 21.84
CA GLU E 270 -14.73 33.75 20.90
C GLU E 270 -14.14 33.64 19.50
N LEU E 271 -14.99 33.24 18.56
CA LEU E 271 -14.66 33.22 17.14
C LEU E 271 -15.32 34.34 16.37
N THR E 272 -16.28 35.04 16.98
CA THR E 272 -16.95 36.16 16.33
C THR E 272 -16.27 37.50 16.63
N GLY E 273 -15.46 37.58 17.69
CA GLY E 273 -14.72 38.78 18.00
C GLY E 273 -13.49 38.95 17.12
N PRO E 274 -12.45 39.57 17.66
CA PRO E 274 -11.26 39.83 16.85
C PRO E 274 -10.53 38.55 16.48
N ARG E 275 -10.08 38.50 15.23
CA ARG E 275 -9.30 37.40 14.70
C ARG E 275 -8.07 37.96 14.01
N LEU E 276 -7.01 37.18 13.99
CA LEU E 276 -5.76 37.60 13.36
C LEU E 276 -5.33 36.65 12.25
N LEU E 277 -5.06 35.38 12.57
CA LEU E 277 -4.42 34.50 11.61
C LEU E 277 -5.13 34.42 10.26
N PRO E 278 -6.47 34.47 10.16
CA PRO E 278 -7.09 34.40 8.82
C PRO E 278 -6.62 35.50 7.88
N TYR E 279 -6.20 36.65 8.40
CA TYR E 279 -5.84 37.79 7.59
C TYR E 279 -4.35 37.87 7.29
N ILE E 280 -3.53 37.01 7.89
CA ILE E 280 -2.08 37.04 7.67
C ILE E 280 -1.73 36.83 6.20
N MET E 281 -2.64 36.20 5.45
CA MET E 281 -2.38 35.82 4.07
C MET E 281 -2.48 36.98 3.09
N PHE E 282 -3.14 38.07 3.50
CA PHE E 282 -3.27 39.23 2.63
C PHE E 282 -1.90 39.81 2.32
N PRO E 283 -1.59 40.09 1.06
CA PRO E 283 -0.25 40.58 0.71
C PRO E 283 -0.11 42.07 1.03
N ARG E 284 1.15 42.47 1.18
CA ARG E 284 1.52 43.88 1.35
C ARG E 284 0.75 44.54 2.51
N THR E 285 0.56 43.78 3.59
CA THR E 285 0.00 44.28 4.83
C THR E 285 0.85 43.76 5.98
N THR E 286 0.85 44.51 7.10
CA THR E 286 1.52 44.10 8.33
C THR E 286 0.47 44.09 9.42
N ILE E 287 0.32 42.93 10.09
CA ILE E 287 -0.73 42.71 11.06
C ILE E 287 -0.07 42.26 12.36
N ARG E 288 -0.49 42.84 13.48
CA ARG E 288 0.09 42.48 14.78
C ARG E 288 -1.01 42.40 15.81
N GLY E 289 -0.96 41.35 16.64
CA GLY E 289 -1.89 41.25 17.75
C GLY E 289 -1.40 42.08 18.93
N ILE E 290 -2.29 42.87 19.50
CA ILE E 290 -1.94 43.82 20.55
C ILE E 290 -2.30 43.21 21.89
N PHE E 291 -1.34 43.22 22.81
CA PHE E 291 -1.56 42.80 24.21
C PHE E 291 -0.79 43.77 25.09
N ALA E 292 -1.49 44.70 25.74
CA ALA E 292 -0.84 45.82 26.44
C ALA E 292 0.32 45.38 27.33
N GLN E 293 0.19 44.24 28.01
CA GLN E 293 1.18 43.90 29.05
C GLN E 293 2.51 43.50 28.47
N GLU E 294 2.55 43.17 27.18
CA GLU E 294 3.81 43.08 26.44
C GLU E 294 4.71 44.27 26.73
N TRP E 295 4.13 45.46 26.87
CA TRP E 295 4.89 46.69 27.02
C TRP E 295 5.00 47.15 28.47
N PHE E 296 4.79 46.26 29.43
CA PHE E 296 4.78 46.66 30.83
C PHE E 296 6.17 46.51 31.44
N THR E 297 7.11 47.23 30.86
CA THR E 297 8.43 47.39 31.44
C THR E 297 8.45 48.72 32.16
N GLU E 298 9.23 48.80 33.24
CA GLU E 298 9.30 50.04 33.99
C GLU E 298 9.67 51.24 33.13
N PRO E 299 10.68 51.19 32.25
CA PRO E 299 10.99 52.40 31.48
C PRO E 299 9.94 52.73 30.43
N LEU E 300 9.25 51.76 29.85
CA LEU E 300 8.15 52.09 28.93
C LEU E 300 6.97 52.69 29.68
N LEU E 301 6.60 52.12 30.83
CA LEU E 301 5.56 52.73 31.64
C LEU E 301 5.94 54.15 32.05
N ALA E 302 7.19 54.36 32.46
CA ALA E 302 7.61 55.69 32.89
C ALA E 302 7.48 56.69 31.75
N GLN E 303 7.86 56.29 30.53
CA GLN E 303 7.73 57.19 29.38
C GLN E 303 6.27 57.57 29.15
N MET E 304 5.37 56.59 29.21
CA MET E 304 3.96 56.86 28.98
C MET E 304 3.40 57.81 30.03
N HIS E 305 3.78 57.61 31.30
CA HIS E 305 3.36 58.56 32.32
C HIS E 305 3.93 59.95 32.06
N GLN E 306 5.21 60.02 31.66
CA GLN E 306 5.81 61.32 31.36
C GLN E 306 5.13 61.97 30.16
N GLU E 307 5.03 61.24 29.05
CA GLU E 307 4.56 61.88 27.83
C GLU E 307 3.05 61.91 27.76
N LEU E 308 2.41 60.75 27.78
CA LEU E 308 0.94 60.74 27.73
C LEU E 308 0.35 61.35 29.00
N GLY E 309 0.90 61.01 30.16
CA GLY E 309 0.37 61.59 31.38
C GLY E 309 0.43 63.10 31.33
N GLY E 310 1.52 63.64 30.80
CA GLY E 310 1.66 65.08 30.69
C GLY E 310 0.64 65.70 29.77
N LEU E 311 0.44 65.10 28.60
CA LEU E 311 -0.63 65.56 27.71
C LEU E 311 -1.98 65.55 28.41
N VAL E 312 -2.25 64.52 29.21
CA VAL E 312 -3.50 64.47 29.96
C VAL E 312 -3.52 65.56 31.02
N ARG E 313 -2.35 66.02 31.46
CA ARG E 313 -2.26 67.11 32.42
C ARG E 313 -2.45 68.48 31.75
N ASP E 314 -1.86 68.67 30.57
CA ASP E 314 -2.13 69.86 29.77
C ASP E 314 -3.60 69.97 29.39
N GLY E 315 -4.32 68.85 29.33
CA GLY E 315 -5.59 68.82 28.67
C GLY E 315 -5.52 68.71 27.16
N GLU E 316 -4.32 68.58 26.58
CA GLU E 316 -4.22 68.30 25.15
C GLU E 316 -4.92 67.01 24.76
N ILE E 317 -4.90 66.01 25.64
CA ILE E 317 -5.63 64.76 25.43
C ILE E 317 -6.82 64.75 26.39
N ARG E 318 -8.03 64.70 25.86
CA ARG E 318 -9.21 64.50 26.68
C ARG E 318 -9.23 63.05 27.16
N TYR E 319 -9.37 62.86 28.46
CA TYR E 319 -9.47 61.51 29.01
C TYR E 319 -10.56 61.50 30.06
N HIS E 320 -11.54 60.62 29.88
CA HIS E 320 -12.69 60.54 30.75
C HIS E 320 -12.64 59.29 31.63
N GLN E 321 -13.11 59.42 32.87
CA GLN E 321 -13.05 58.33 33.83
C GLN E 321 -14.05 58.61 34.94
N THR E 322 -14.76 57.57 35.40
CA THR E 322 -15.80 57.70 36.42
C THR E 322 -15.53 56.72 37.56
N VAL E 323 -15.27 57.25 38.75
CA VAL E 323 -14.88 56.42 39.89
C VAL E 323 -16.04 56.38 40.87
N HIS E 324 -16.71 55.24 40.97
CA HIS E 324 -17.71 55.01 42.00
C HIS E 324 -17.03 54.71 43.33
N LYS E 325 -17.77 54.89 44.42
CA LYS E 325 -17.20 54.70 45.75
C LYS E 325 -17.99 53.66 46.53
N GLY E 326 -17.27 52.71 47.11
CA GLY E 326 -17.85 51.71 48.00
C GLY E 326 -17.79 50.31 47.41
N PHE E 327 -17.36 49.34 48.22
CA PHE E 327 -17.30 47.98 47.74
C PHE E 327 -18.66 47.44 47.34
N ASP E 328 -19.73 47.90 48.00
CA ASP E 328 -21.08 47.47 47.65
C ASP E 328 -21.56 48.05 46.34
N GLU E 329 -20.89 49.10 45.85
CA GLU E 329 -21.27 49.75 44.61
C GLU E 329 -20.79 49.01 43.36
N ILE E 330 -19.99 47.96 43.50
CA ILE E 330 -19.30 47.38 42.34
C ILE E 330 -20.28 46.86 41.30
N PRO E 331 -21.34 46.12 41.64
CA PRO E 331 -22.27 45.69 40.59
C PRO E 331 -23.00 46.83 39.92
N ALA E 332 -23.44 47.84 40.69
CA ALA E 332 -24.08 48.99 40.05
C ALA E 332 -23.13 49.71 39.10
N ALA E 333 -21.86 49.85 39.50
CA ALA E 333 -20.87 50.38 38.56
C ALA E 333 -20.74 49.48 37.35
N TYR E 334 -20.83 48.16 37.55
CA TYR E 334 -20.74 47.25 36.44
C TYR E 334 -21.92 47.41 35.48
N ARG E 335 -23.14 47.62 36.00
CA ARG E 335 -24.29 47.77 35.11
C ARG E 335 -24.24 49.07 34.31
N SER E 336 -23.70 50.14 34.89
CA SER E 336 -23.72 51.43 34.22
C SER E 336 -23.02 51.39 32.88
N LEU E 337 -22.19 50.36 32.64
CA LEU E 337 -21.59 50.19 31.33
C LEU E 337 -22.63 50.00 30.25
N TYR E 338 -23.75 49.36 30.59
CA TYR E 338 -24.79 48.94 29.63
C TYR E 338 -25.96 49.92 29.60
N LEU E 339 -25.68 51.21 29.63
CA LEU E 339 -26.72 52.23 29.62
C LEU E 339 -26.61 53.03 28.33
N ASP E 340 -27.76 53.51 27.84
CA ASP E 340 -27.86 54.24 26.59
C ASP E 340 -27.65 55.74 26.78
N ARG E 341 -26.86 56.15 27.78
CA ARG E 341 -26.71 57.55 28.13
C ARG E 341 -25.31 57.76 28.69
N GLU E 342 -25.02 59.04 29.02
CA GLU E 342 -23.76 59.49 29.60
C GLU E 342 -22.56 58.72 29.03
N HIS E 343 -22.44 58.81 27.71
CA HIS E 343 -21.36 58.10 27.02
C HIS E 343 -19.98 58.70 27.30
N ASN E 344 -19.92 59.91 27.87
CA ASN E 344 -18.65 60.46 28.32
C ASN E 344 -18.19 59.89 29.67
N ARG E 345 -18.71 58.73 30.08
CA ARG E 345 -18.33 58.10 31.35
C ARG E 345 -16.89 57.60 31.34
N GLY E 346 -16.32 57.33 30.17
CA GLY E 346 -14.94 56.88 30.10
C GLY E 346 -14.72 55.54 30.83
N LYS E 347 -13.48 55.35 31.28
CA LYS E 347 -13.16 54.17 32.05
C LYS E 347 -13.90 54.23 33.38
N VAL E 348 -14.65 53.16 33.72
CA VAL E 348 -15.38 53.08 34.98
C VAL E 348 -14.57 52.26 36.00
N LEU E 349 -14.52 52.76 37.22
CA LEU E 349 -13.79 52.10 38.30
C LEU E 349 -14.50 52.32 39.62
N VAL E 350 -14.07 51.59 40.64
CA VAL E 350 -14.66 51.74 41.96
C VAL E 350 -13.61 51.83 43.04
N GLU E 351 -13.68 52.87 43.86
CA GLU E 351 -12.78 53.02 45.01
C GLU E 351 -13.30 52.16 46.13
N VAL E 352 -12.41 51.42 46.75
CA VAL E 352 -12.78 50.51 47.78
C VAL E 352 -12.03 50.82 49.05
N MET F 1 -12.85 26.26 -28.20
CA MET F 1 -12.33 24.93 -27.89
C MET F 1 -13.15 24.24 -26.81
N ARG F 2 -12.78 22.99 -26.49
CA ARG F 2 -13.55 22.14 -25.61
C ARG F 2 -12.87 22.04 -24.25
N ILE F 3 -13.62 22.35 -23.19
CA ILE F 3 -13.06 22.50 -21.85
C ILE F 3 -13.94 21.73 -20.87
N GLU F 4 -13.33 20.79 -20.14
CA GLU F 4 -14.02 20.04 -19.11
C GLU F 4 -13.71 20.66 -17.74
N LYS F 5 -14.75 20.85 -16.92
CA LYS F 5 -14.62 21.43 -15.59
C LYS F 5 -15.16 20.44 -14.57
N TRP F 6 -14.49 20.34 -13.43
CA TRP F 6 -15.02 19.63 -12.27
C TRP F 6 -15.74 20.64 -11.40
N VAL F 7 -17.07 20.59 -11.36
CA VAL F 7 -17.84 21.62 -10.69
C VAL F 7 -18.61 21.01 -9.52
N VAL F 8 -19.30 21.86 -8.76
CA VAL F 8 -19.91 21.46 -7.50
C VAL F 8 -21.41 21.32 -7.72
N ARG F 9 -21.89 20.08 -7.73
CA ARG F 9 -23.31 19.80 -7.92
C ARG F 9 -24.11 20.22 -6.69
N GLU F 10 -23.72 19.73 -5.52
CA GLU F 10 -24.45 19.98 -4.30
C GLU F 10 -23.46 20.05 -3.14
N HIS F 11 -23.76 20.91 -2.17
CA HIS F 11 -22.92 21.09 -0.99
C HIS F 11 -23.17 19.91 -0.05
N LEU F 12 -22.43 18.82 -0.27
CA LEU F 12 -22.50 17.66 0.62
C LEU F 12 -21.47 17.85 1.72
N ASP F 13 -21.93 18.12 2.93
CA ASP F 13 -21.06 18.38 4.06
C ASP F 13 -20.37 17.09 4.49
N GLY F 14 -19.73 17.14 5.65
CA GLY F 14 -19.04 15.99 6.19
C GLY F 14 -17.78 15.62 5.43
N VAL F 15 -16.88 14.93 6.10
CA VAL F 15 -15.70 14.33 5.49
C VAL F 15 -16.03 13.53 4.24
N PRO F 16 -17.09 12.66 4.23
CA PRO F 16 -17.31 11.82 3.05
C PRO F 16 -17.88 12.56 1.85
N ASP F 17 -18.41 11.78 0.90
CA ASP F 17 -19.14 12.26 -0.28
C ASP F 17 -18.25 12.99 -1.27
N VAL F 18 -17.80 12.26 -2.29
CA VAL F 18 -17.15 12.83 -3.47
C VAL F 18 -17.81 12.38 -4.76
N ASN F 19 -18.53 11.26 -4.75
CA ASN F 19 -19.24 10.76 -5.91
C ASN F 19 -20.52 11.55 -6.18
N ARG F 20 -20.95 12.39 -5.23
CA ARG F 20 -22.15 13.18 -5.39
C ARG F 20 -21.93 14.69 -5.27
N VAL F 21 -20.73 15.12 -4.90
CA VAL F 21 -20.40 16.54 -4.89
C VAL F 21 -19.94 17.01 -6.26
N TYR F 22 -19.01 16.27 -6.87
CA TYR F 22 -18.31 16.71 -8.07
C TYR F 22 -18.92 16.05 -9.30
N GLU F 23 -19.65 16.83 -10.10
CA GLU F 23 -20.08 16.44 -11.43
C GLU F 23 -19.18 17.08 -12.47
N LYS F 24 -18.82 16.32 -13.50
CA LYS F 24 -17.99 16.85 -14.58
C LYS F 24 -18.87 17.38 -15.70
N VAL F 25 -18.54 18.57 -16.18
CA VAL F 25 -19.20 19.18 -17.31
C VAL F 25 -18.18 19.32 -18.43
N VAL F 26 -18.66 19.26 -19.66
CA VAL F 26 -17.86 19.50 -20.85
C VAL F 26 -18.52 20.61 -21.64
N GLU F 27 -17.74 21.59 -22.08
CA GLU F 27 -18.31 22.72 -22.80
C GLU F 27 -17.32 23.26 -23.82
N ASP F 28 -17.84 23.64 -24.98
CA ASP F 28 -17.10 24.39 -25.98
C ASP F 28 -17.31 25.88 -25.71
N VAL F 29 -16.22 26.62 -25.58
CA VAL F 29 -16.27 28.00 -25.16
C VAL F 29 -15.46 28.85 -26.13
N ARG F 30 -15.96 30.06 -26.40
CA ARG F 30 -15.26 30.98 -27.29
C ARG F 30 -14.02 31.54 -26.60
N ILE F 31 -12.88 31.44 -27.30
CA ILE F 31 -11.60 31.97 -26.82
C ILE F 31 -11.44 33.37 -27.40
N ASP F 32 -11.65 34.40 -26.57
CA ASP F 32 -11.54 35.81 -26.98
C ASP F 32 -10.70 36.55 -25.93
N LEU F 33 -9.38 36.35 -25.99
CA LEU F 33 -8.48 36.88 -24.98
C LEU F 33 -8.49 38.41 -24.98
N ARG F 34 -8.75 38.99 -23.82
CA ARG F 34 -8.39 40.39 -23.61
C ARG F 34 -6.88 40.53 -23.79
N PRO F 35 -6.38 41.76 -24.01
CA PRO F 35 -4.95 41.88 -24.36
C PRO F 35 -4.04 41.36 -23.28
N ASP F 36 -4.48 41.33 -22.03
CA ASP F 36 -3.61 40.84 -20.97
C ASP F 36 -3.92 39.40 -20.59
N GLU F 37 -4.86 38.76 -21.27
CA GLU F 37 -5.28 37.42 -20.88
C GLU F 37 -4.43 36.36 -21.56
N MET F 38 -4.42 35.17 -20.98
CA MET F 38 -3.78 34.02 -21.57
C MET F 38 -4.72 32.82 -21.51
N LEU F 39 -4.56 31.92 -22.45
CA LEU F 39 -5.22 30.62 -22.42
C LEU F 39 -4.19 29.62 -21.93
N PHE F 40 -4.49 28.98 -20.80
CA PHE F 40 -3.62 27.98 -20.19
C PHE F 40 -4.22 26.60 -20.39
N ARG F 41 -3.36 25.61 -20.58
CA ARG F 41 -3.76 24.21 -20.48
C ARG F 41 -3.21 23.65 -19.18
N THR F 42 -4.09 23.08 -18.36
CA THR F 42 -3.67 22.49 -17.09
C THR F 42 -2.83 21.24 -17.32
N ARG F 43 -1.68 21.17 -16.63
CA ARG F 43 -0.82 19.99 -16.66
C ARG F 43 -0.94 19.13 -15.41
N TYR F 44 -0.91 19.75 -14.22
CA TYR F 44 -1.11 19.05 -12.94
C TYR F 44 -2.07 19.84 -12.08
N VAL F 45 -2.85 19.13 -11.26
CA VAL F 45 -3.69 19.77 -10.26
C VAL F 45 -3.35 19.15 -8.91
N SER F 46 -3.53 19.94 -7.86
CA SER F 46 -3.42 19.46 -6.48
C SER F 46 -4.80 19.14 -5.94
N VAL F 47 -4.87 18.12 -5.09
CA VAL F 47 -6.05 17.84 -4.29
C VAL F 47 -5.64 17.92 -2.83
N ASP F 48 -6.51 18.49 -2.00
CA ASP F 48 -6.13 18.90 -0.67
C ASP F 48 -7.35 18.82 0.24
N PRO F 49 -7.16 18.48 1.51
CA PRO F 49 -8.34 18.28 2.37
C PRO F 49 -9.21 19.50 2.51
N TYR F 50 -8.67 20.71 2.31
CA TYR F 50 -9.48 21.91 2.44
C TYR F 50 -10.56 22.00 1.38
N GLN F 51 -10.42 21.27 0.26
CA GLN F 51 -11.41 21.40 -0.81
C GLN F 51 -12.80 20.98 -0.34
N ASN F 52 -12.86 20.09 0.66
CA ASN F 52 -14.12 19.79 1.33
C ASN F 52 -14.84 21.07 1.72
N GLY F 53 -14.14 21.97 2.42
CA GLY F 53 -14.79 23.19 2.86
C GLY F 53 -15.01 24.19 1.75
N LEU F 54 -14.02 24.33 0.86
CA LEU F 54 -14.17 25.26 -0.25
C LEU F 54 -15.36 24.89 -1.13
N ALA F 55 -15.61 23.60 -1.31
CA ALA F 55 -16.80 23.16 -2.03
C ALA F 55 -18.07 23.70 -1.39
N LEU F 56 -18.14 23.70 -0.05
CA LEU F 56 -19.30 24.25 0.63
C LEU F 56 -19.50 25.72 0.28
N GLU F 57 -18.42 26.46 0.07
CA GLU F 57 -18.49 27.88 -0.25
C GLU F 57 -18.54 28.15 -1.74
N THR F 58 -18.26 27.15 -2.58
CA THR F 58 -18.26 27.34 -4.02
C THR F 58 -19.68 27.45 -4.54
N PRO F 59 -20.04 28.52 -5.25
CA PRO F 59 -21.40 28.61 -5.80
C PRO F 59 -21.67 27.44 -6.74
N ILE F 60 -22.91 26.93 -6.68
CA ILE F 60 -23.30 25.81 -7.52
C ILE F 60 -23.01 26.14 -8.98
N GLY F 61 -22.40 25.19 -9.68
CA GLY F 61 -22.05 25.34 -11.08
C GLY F 61 -20.62 25.77 -11.33
N HIS F 62 -20.01 26.47 -10.38
CA HIS F 62 -18.64 26.94 -10.54
C HIS F 62 -17.66 25.83 -10.21
N HIS F 63 -16.49 25.87 -10.84
CA HIS F 63 -15.51 24.81 -10.70
C HIS F 63 -14.90 24.80 -9.30
N MET F 64 -14.33 23.66 -8.95
CA MET F 64 -13.64 23.48 -7.68
C MET F 64 -12.25 24.10 -7.77
N GLY F 65 -11.97 25.09 -6.92
CA GLY F 65 -10.65 25.69 -6.92
C GLY F 65 -9.60 24.70 -6.46
N ALA F 66 -8.38 24.89 -6.97
CA ALA F 66 -7.22 24.11 -6.54
C ALA F 66 -5.96 24.74 -7.08
N ASP F 67 -4.84 24.46 -6.41
CA ASP F 67 -3.56 24.83 -6.97
C ASP F 67 -3.22 23.89 -8.12
N SER F 68 -2.68 24.47 -9.20
CA SER F 68 -2.44 23.72 -10.43
C SER F 68 -1.24 24.30 -11.18
N ILE F 69 -0.66 23.50 -12.06
CA ILE F 69 0.45 23.90 -12.92
C ILE F 69 -0.05 23.94 -14.35
N MET F 70 0.18 25.06 -15.03
CA MET F 70 -0.48 25.37 -16.29
C MET F 70 0.55 25.74 -17.34
N GLU F 71 0.20 25.49 -18.61
CA GLU F 71 1.06 25.83 -19.74
C GLU F 71 0.37 26.90 -20.57
N VAL F 72 1.11 27.96 -20.88
CA VAL F 72 0.59 29.01 -21.75
C VAL F 72 0.61 28.50 -23.20
N VAL F 73 -0.57 28.39 -23.80
CA VAL F 73 -0.68 28.02 -25.21
C VAL F 73 -1.04 29.21 -26.09
N GLU F 74 -1.82 30.17 -25.59
CA GLU F 74 -2.09 31.41 -26.29
C GLU F 74 -1.93 32.58 -25.34
N ALA F 75 -1.54 33.73 -25.88
CA ALA F 75 -1.34 34.90 -25.04
C ALA F 75 -1.70 36.16 -25.79
N GLY F 76 -2.35 37.09 -25.10
CA GLY F 76 -2.58 38.40 -25.65
C GLY F 76 -1.30 39.19 -25.74
N PRO F 77 -1.35 40.36 -26.38
CA PRO F 77 -0.11 41.14 -26.59
C PRO F 77 0.38 41.85 -25.34
N ALA F 78 -0.47 42.02 -24.33
CA ALA F 78 -0.08 42.61 -23.04
C ALA F 78 0.02 41.57 -21.93
N ALA F 79 0.19 40.29 -22.27
CA ALA F 79 0.15 39.27 -21.23
C ALA F 79 1.47 39.18 -20.49
N ALA F 80 1.40 38.60 -19.29
CA ALA F 80 2.55 38.52 -18.40
C ALA F 80 3.52 37.41 -18.78
N PHE F 81 3.04 36.30 -19.34
CA PHE F 81 3.89 35.16 -19.65
C PHE F 81 3.87 34.86 -21.15
N ALA F 82 4.88 34.12 -21.59
CA ALA F 82 5.00 33.79 -23.00
C ALA F 82 4.41 32.42 -23.27
N VAL F 83 4.07 32.18 -24.54
CA VAL F 83 3.59 30.87 -24.93
C VAL F 83 4.70 29.87 -24.67
N GLY F 84 4.34 28.73 -24.08
CA GLY F 84 5.31 27.71 -23.71
C GLY F 84 5.77 27.79 -22.26
N ASP F 85 5.56 28.93 -21.60
CA ASP F 85 5.91 29.04 -20.19
C ASP F 85 5.08 28.08 -19.35
N LEU F 86 5.67 27.59 -18.28
CA LEU F 86 4.95 26.85 -17.25
C LEU F 86 4.66 27.78 -16.08
N VAL F 87 3.43 27.77 -15.59
CA VAL F 87 2.93 28.76 -14.64
C VAL F 87 2.17 28.03 -13.53
N GLN F 88 2.39 28.46 -12.28
CA GLN F 88 1.73 27.87 -11.13
C GLN F 88 0.75 28.88 -10.56
N GLY F 89 -0.50 28.45 -10.36
CA GLY F 89 -1.52 29.35 -9.85
C GLY F 89 -2.76 28.57 -9.46
N PHE F 90 -3.72 29.29 -8.87
CA PHE F 90 -4.98 28.71 -8.43
C PHE F 90 -5.94 28.47 -9.60
N GLY F 91 -5.46 27.70 -10.57
CA GLY F 91 -6.22 27.50 -11.80
C GLY F 91 -7.41 26.57 -11.67
N GLY F 92 -7.34 25.60 -10.75
CA GLY F 92 -8.49 24.77 -10.45
C GLY F 92 -8.54 23.46 -11.23
N TRP F 93 -9.60 22.70 -10.94
CA TRP F 93 -9.88 21.44 -11.63
C TRP F 93 -10.54 21.75 -12.97
N ARG F 94 -9.72 22.20 -13.92
CA ARG F 94 -10.19 22.59 -15.25
C ARG F 94 -9.11 22.21 -16.24
N THR F 95 -9.49 21.67 -17.42
CA THR F 95 -8.46 21.34 -18.40
C THR F 95 -7.83 22.58 -19.00
N HIS F 96 -8.59 23.67 -19.12
CA HIS F 96 -8.08 24.92 -19.64
C HIS F 96 -8.58 26.08 -18.80
N VAL F 97 -7.77 27.13 -18.72
CA VAL F 97 -8.11 28.34 -17.97
C VAL F 97 -7.77 29.56 -18.82
N VAL F 98 -8.69 30.53 -18.86
CA VAL F 98 -8.40 31.86 -19.38
C VAL F 98 -8.27 32.80 -18.18
N HIS F 99 -7.13 33.47 -18.07
CA HIS F 99 -6.81 34.29 -16.90
C HIS F 99 -5.65 35.21 -17.26
N ASN F 100 -5.53 36.34 -16.57
CA ASN F 100 -4.42 37.25 -16.79
C ASN F 100 -3.34 37.11 -15.73
N GLY F 101 -3.48 36.15 -14.81
CA GLY F 101 -2.48 35.86 -13.79
C GLY F 101 -2.52 36.78 -12.58
N ALA F 102 -3.45 37.73 -12.52
CA ALA F 102 -3.46 38.72 -11.44
C ALA F 102 -4.05 38.12 -10.17
N GLU F 103 -3.71 38.75 -9.02
CA GLU F 103 -4.32 38.40 -7.74
C GLU F 103 -5.83 38.43 -7.87
N GLU F 104 -6.50 37.63 -7.05
CA GLU F 104 -7.96 37.61 -7.00
C GLU F 104 -8.43 37.77 -5.56
N LEU F 105 -9.15 38.86 -5.29
CA LEU F 105 -9.83 39.05 -4.02
C LEU F 105 -11.14 38.27 -4.03
N TRP F 106 -11.20 37.21 -3.24
CA TRP F 106 -12.39 36.38 -3.09
C TRP F 106 -13.06 36.69 -1.76
N THR F 107 -14.34 37.07 -1.80
CA THR F 107 -15.06 37.45 -0.58
C THR F 107 -16.35 36.65 -0.38
N THR F 108 -16.37 35.38 -0.79
CA THR F 108 -17.55 34.54 -0.59
C THR F 108 -17.48 33.68 0.66
N GLY F 109 -16.29 33.24 1.05
CA GLY F 109 -16.15 32.30 2.15
C GLY F 109 -16.39 32.94 3.51
N ILE F 110 -16.12 32.16 4.54
CA ILE F 110 -16.22 32.66 5.91
C ILE F 110 -15.41 33.94 6.06
N PHE F 111 -14.15 33.91 5.65
CA PHE F 111 -13.30 35.08 5.64
C PHE F 111 -12.94 35.47 4.22
N PRO F 112 -12.69 36.75 3.96
CA PRO F 112 -12.19 37.17 2.65
C PRO F 112 -10.75 36.72 2.43
N MET F 113 -10.41 36.48 1.17
CA MET F 113 -9.09 35.98 0.82
C MET F 113 -8.57 36.70 -0.42
N VAL F 114 -7.25 36.74 -0.55
CA VAL F 114 -6.61 37.18 -1.79
C VAL F 114 -5.88 35.98 -2.36
N PHE F 115 -6.38 35.46 -3.47
CA PHE F 115 -5.64 34.40 -4.15
C PHE F 115 -4.36 34.99 -4.75
N PRO F 116 -3.24 34.30 -4.64
CA PRO F 116 -1.98 34.86 -5.11
C PRO F 116 -1.96 34.97 -6.63
N ALA F 117 -1.11 35.87 -7.10
CA ALA F 117 -0.89 35.99 -8.54
C ALA F 117 -0.20 34.73 -9.06
N TYR F 118 -0.51 34.38 -10.30
CA TYR F 118 0.22 33.29 -10.95
C TYR F 118 1.70 33.63 -10.99
N ARG F 119 2.52 32.60 -11.02
CA ARG F 119 3.97 32.78 -11.07
C ARG F 119 4.54 31.88 -12.14
N ARG F 120 5.63 32.34 -12.74
CA ARG F 120 6.31 31.56 -13.77
C ARG F 120 7.27 30.56 -13.12
N LEU F 121 7.21 29.32 -13.57
CA LEU F 121 8.19 28.33 -13.15
C LEU F 121 9.44 28.45 -14.02
N ASP F 122 10.59 28.65 -13.39
CA ASP F 122 11.85 28.72 -14.12
C ASP F 122 12.19 27.34 -14.66
N PRO F 123 12.38 27.18 -15.97
CA PRO F 123 12.54 25.83 -16.54
C PRO F 123 13.74 25.07 -16.00
N SER F 124 14.83 25.75 -15.66
CA SER F 124 16.00 25.05 -15.13
C SER F 124 15.75 24.42 -13.77
N TRP F 125 14.74 24.88 -13.02
CA TRP F 125 14.57 24.46 -11.63
C TRP F 125 14.40 22.96 -11.48
N TYR F 126 13.85 22.28 -12.49
CA TYR F 126 13.42 20.91 -12.35
C TYR F 126 14.27 19.98 -13.21
N GLY F 127 14.03 18.69 -13.07
CA GLY F 127 14.82 17.70 -13.77
C GLY F 127 14.39 16.28 -13.48
N GLU F 128 15.38 15.40 -13.35
CA GLU F 128 15.12 13.98 -13.18
C GLU F 128 14.65 13.65 -11.77
N ARG F 129 15.52 13.89 -10.79
CA ARG F 129 15.18 13.66 -9.38
C ARG F 129 14.20 14.69 -8.84
N LEU F 130 13.83 15.70 -9.64
CA LEU F 130 13.05 16.85 -9.16
C LEU F 130 12.07 17.26 -10.25
N PRO F 131 11.02 16.48 -10.46
CA PRO F 131 10.09 16.77 -11.56
C PRO F 131 9.30 18.05 -11.32
N VAL F 132 8.67 18.52 -12.40
CA VAL F 132 7.93 19.79 -12.32
C VAL F 132 6.73 19.66 -11.42
N SER F 133 6.18 18.45 -11.27
CA SER F 133 5.03 18.27 -10.39
C SER F 133 5.35 18.68 -8.94
N THR F 134 6.64 18.74 -8.57
CA THR F 134 7.00 19.14 -7.22
C THR F 134 6.69 20.61 -6.94
N ALA F 135 6.41 21.41 -7.97
CA ALA F 135 5.98 22.80 -7.77
C ALA F 135 4.63 22.91 -7.09
N LEU F 136 3.88 21.81 -6.99
CA LEU F 136 2.68 21.73 -6.16
C LEU F 136 2.97 21.08 -4.81
N GLY F 137 4.23 20.78 -4.52
CA GLY F 137 4.59 20.12 -3.28
C GLY F 137 5.85 20.71 -2.68
N ILE F 138 6.92 19.91 -2.58
CA ILE F 138 8.10 20.28 -1.81
C ILE F 138 8.83 21.47 -2.43
N MET F 139 8.73 21.66 -3.74
CA MET F 139 9.34 22.80 -4.39
C MET F 139 8.38 23.96 -4.55
N GLY F 140 7.14 23.82 -4.08
CA GLY F 140 6.17 24.88 -4.13
C GLY F 140 5.68 25.31 -2.75
N ALA F 141 4.45 25.81 -2.69
CA ALA F 141 3.96 26.39 -1.45
C ALA F 141 4.06 25.43 -0.26
N PRO F 142 3.68 24.14 -0.36
CA PRO F 142 3.84 23.28 0.81
C PRO F 142 5.28 23.18 1.28
N GLY F 143 6.23 23.07 0.36
CA GLY F 143 7.63 22.99 0.75
C GLY F 143 8.20 24.31 1.27
N MET F 144 7.73 25.44 0.72
CA MET F 144 8.19 26.73 1.22
C MET F 144 7.64 27.03 2.61
N THR F 145 6.44 26.53 2.92
CA THR F 145 5.88 26.65 4.25
C THR F 145 6.88 26.14 5.28
N ALA F 146 7.42 24.94 5.03
CA ALA F 146 8.41 24.38 5.94
C ALA F 146 9.74 25.12 5.82
N TRP F 147 10.32 25.17 4.61
CA TRP F 147 11.68 25.69 4.47
C TRP F 147 11.74 27.20 4.74
N GLY F 148 10.74 27.96 4.31
CA GLY F 148 10.75 29.39 4.61
C GLY F 148 10.65 29.69 6.10
N THR F 149 9.80 28.96 6.81
CA THR F 149 9.65 29.19 8.24
C THR F 149 10.96 28.97 8.97
N LEU F 150 11.71 27.94 8.57
CA LEU F 150 12.92 27.57 9.28
C LEU F 150 14.09 28.48 8.93
N THR F 151 14.22 28.86 7.67
CA THR F 151 15.35 29.71 7.31
C THR F 151 15.09 31.18 7.63
N ARG F 152 13.84 31.57 7.86
CA ARG F 152 13.51 32.97 8.06
C ARG F 152 12.80 33.29 9.37
N PHE F 153 12.34 32.30 10.14
CA PHE F 153 11.70 32.61 11.42
C PHE F 153 12.17 31.73 12.57
N LEU F 154 12.05 30.41 12.41
CA LEU F 154 11.99 29.52 13.58
C LEU F 154 13.26 29.57 14.42
N GLU F 155 14.40 29.83 13.79
CA GLU F 155 15.68 29.97 14.48
C GLU F 155 15.97 28.75 15.37
N VAL F 156 15.78 27.56 14.80
CA VAL F 156 16.16 26.34 15.49
C VAL F 156 17.66 26.36 15.76
N ARG F 157 18.04 26.16 17.02
CA ARG F 157 19.43 26.18 17.43
C ARG F 157 19.90 24.79 17.86
N PRO F 158 21.21 24.53 17.83
CA PRO F 158 21.70 23.21 18.28
C PRO F 158 21.27 22.92 19.71
N GLY F 159 20.90 21.65 19.95
CA GLY F 159 20.40 21.23 21.23
C GLY F 159 18.95 21.57 21.51
N ASP F 160 18.28 22.25 20.59
CA ASP F 160 16.89 22.66 20.83
C ASP F 160 15.95 21.46 20.81
N THR F 161 14.87 21.59 21.56
CA THR F 161 13.75 20.67 21.49
C THR F 161 12.72 21.26 20.53
N VAL F 162 12.44 20.55 19.43
CA VAL F 162 11.51 21.00 18.41
C VAL F 162 10.31 20.05 18.42
N VAL F 163 9.12 20.62 18.62
CA VAL F 163 7.86 19.87 18.52
C VAL F 163 7.15 20.29 17.23
N VAL F 164 6.70 19.30 16.44
CA VAL F 164 5.99 19.54 15.20
C VAL F 164 4.64 18.84 15.29
N SER F 165 3.55 19.60 15.33
CA SER F 165 2.22 19.01 15.27
C SER F 165 1.85 18.69 13.82
N GLY F 166 0.92 17.76 13.65
CA GLY F 166 0.54 17.29 12.33
C GLY F 166 1.76 16.80 11.59
N ALA F 167 2.53 15.96 12.24
CA ALA F 167 3.88 15.64 11.79
C ALA F 167 3.89 14.67 10.62
N SER F 168 2.80 13.94 10.38
CA SER F 168 2.81 12.95 9.30
C SER F 168 2.65 13.59 7.93
N GLY F 169 1.99 14.76 7.86
CA GLY F 169 1.80 15.42 6.59
C GLY F 169 3.10 15.88 5.97
N SER F 170 3.04 16.15 4.67
CA SER F 170 4.25 16.48 3.91
C SER F 170 4.96 17.68 4.50
N ILE F 171 4.21 18.67 4.99
CA ILE F 171 4.84 19.83 5.61
C ILE F 171 5.51 19.43 6.92
N GLY F 172 4.82 18.64 7.73
CA GLY F 172 5.37 18.24 9.02
C GLY F 172 6.68 17.46 8.89
N THR F 173 6.72 16.50 7.96
CA THR F 173 7.91 15.66 7.84
C THR F 173 9.11 16.45 7.32
N LEU F 174 8.86 17.50 6.56
CA LEU F 174 9.96 18.33 6.06
C LEU F 174 10.54 19.22 7.17
N VAL F 175 9.67 19.71 8.06
CA VAL F 175 10.12 20.51 9.19
C VAL F 175 11.03 19.69 10.10
N GLY F 176 10.55 18.51 10.51
CA GLY F 176 11.34 17.66 11.37
C GLY F 176 12.70 17.32 10.79
N GLN F 177 12.74 17.05 9.48
CA GLN F 177 14.01 16.78 8.83
C GLN F 177 14.94 18.00 8.92
N LEU F 178 14.45 19.16 8.49
CA LEU F 178 15.29 20.36 8.51
C LEU F 178 15.65 20.76 9.92
N ALA F 179 14.79 20.47 10.90
CA ALA F 179 15.14 20.67 12.30
C ALA F 179 16.33 19.79 12.69
N LYS F 180 16.33 18.53 12.22
CA LYS F 180 17.44 17.63 12.50
C LYS F 180 18.71 18.06 11.78
N ARG F 181 18.56 18.60 10.56
CA ARG F 181 19.71 19.19 9.88
C ARG F 181 20.27 20.37 10.65
N ALA F 182 19.39 21.15 11.29
CA ALA F 182 19.82 22.27 12.11
C ALA F 182 20.50 21.83 13.40
N GLY F 183 20.71 20.53 13.59
CA GLY F 183 21.31 20.05 14.80
C GLY F 183 20.44 20.21 16.02
N ALA F 184 19.12 20.11 15.85
CA ALA F 184 18.24 20.17 17.00
C ALA F 184 18.55 19.02 17.96
N GLY F 185 18.48 19.32 19.26
CA GLY F 185 18.66 18.29 20.26
C GLY F 185 17.62 17.19 20.15
N ARG F 186 16.35 17.55 20.32
CA ARG F 186 15.24 16.60 20.24
C ARG F 186 14.17 17.13 19.30
N VAL F 187 13.71 16.28 18.39
CA VAL F 187 12.63 16.62 17.47
C VAL F 187 11.46 15.68 17.77
N VAL F 188 10.34 16.24 18.23
CA VAL F 188 9.16 15.48 18.61
C VAL F 188 8.03 15.82 17.67
N GLY F 189 7.34 14.78 17.16
CA GLY F 189 6.23 14.98 16.27
C GLY F 189 5.00 14.27 16.79
N THR F 190 3.84 14.76 16.34
CA THR F 190 2.56 14.18 16.73
C THR F 190 1.79 13.71 15.49
N THR F 191 1.02 12.64 15.64
CA THR F 191 0.41 11.97 14.51
C THR F 191 -0.88 11.29 14.94
N GLY F 192 -1.77 11.08 13.96
CA GLY F 192 -3.05 10.43 14.19
C GLY F 192 -3.00 8.91 14.33
N SER F 193 -2.47 8.21 13.30
CA SER F 193 -2.46 6.73 13.33
C SER F 193 -1.18 6.22 13.98
N PRO F 194 -1.28 5.27 14.91
CA PRO F 194 -0.06 4.75 15.57
C PRO F 194 0.88 4.02 14.63
N GLY F 195 0.49 3.78 13.38
CA GLY F 195 1.36 3.11 12.43
C GLY F 195 2.43 4.02 11.87
N LYS F 196 2.08 5.29 11.66
CA LYS F 196 2.99 6.25 11.03
C LYS F 196 4.22 6.56 11.89
N ALA F 197 4.24 6.14 13.16
CA ALA F 197 5.33 6.54 14.05
C ALA F 197 6.66 5.91 13.66
N GLU F 198 6.63 4.73 13.02
CA GLU F 198 7.87 4.08 12.64
C GLU F 198 8.57 4.85 11.52
N TYR F 199 7.83 5.24 10.49
CA TYR F 199 8.42 6.00 9.39
C TYR F 199 8.95 7.34 9.88
N LEU F 200 8.18 8.05 10.70
CA LEU F 200 8.63 9.35 11.17
C LEU F 200 9.93 9.25 11.95
N ARG F 201 10.16 8.11 12.63
CA ARG F 201 11.46 7.87 13.24
C ARG F 201 12.53 7.63 12.19
N GLU F 202 12.21 6.83 11.16
CA GLU F 202 13.15 6.63 10.06
C GLU F 202 13.55 7.96 9.44
N LEU F 203 12.58 8.86 9.28
CA LEU F 203 12.84 10.12 8.59
C LEU F 203 13.71 11.05 9.42
N GLY F 204 13.67 10.93 10.75
CA GLY F 204 14.55 11.73 11.60
C GLY F 204 13.98 12.12 12.94
N PHE F 205 12.67 11.91 13.13
CA PHE F 205 12.04 12.31 14.39
C PHE F 205 12.59 11.48 15.54
N ASP F 206 13.08 12.15 16.57
CA ASP F 206 13.58 11.46 17.76
C ASP F 206 12.48 10.83 18.59
N GLU F 207 11.22 11.20 18.36
CA GLU F 207 10.12 10.68 19.18
C GLU F 207 8.80 11.10 18.56
N VAL F 208 7.84 10.19 18.56
CA VAL F 208 6.49 10.46 18.11
C VAL F 208 5.56 10.37 19.32
N VAL F 209 4.55 11.22 19.35
CA VAL F 209 3.57 11.25 20.43
C VAL F 209 2.18 11.07 19.82
N LEU F 210 1.45 10.07 20.30
CA LEU F 210 0.17 9.71 19.71
C LEU F 210 -0.87 10.76 20.02
N TYR F 211 -1.61 11.20 19.01
CA TYR F 211 -2.60 12.26 19.21
C TYR F 211 -3.63 12.26 18.09
N THR F 212 -4.90 12.21 18.46
CA THR F 212 -6.03 12.47 17.57
C THR F 212 -6.92 13.52 18.24
N GLN F 213 -7.46 14.44 17.44
CA GLN F 213 -8.11 15.62 17.99
C GLN F 213 -9.19 15.24 19.00
N GLY F 214 -9.22 15.98 20.12
CA GLY F 214 -10.19 15.72 21.16
C GLY F 214 -9.73 14.73 22.20
N ASP F 215 -8.51 14.90 22.69
CA ASP F 215 -8.00 14.09 23.80
C ASP F 215 -7.98 14.92 25.08
N ASP F 216 -7.64 14.26 26.19
CA ASP F 216 -7.50 14.97 27.45
C ASP F 216 -6.38 16.00 27.34
N ALA F 217 -6.67 17.24 27.72
CA ALA F 217 -5.62 18.24 27.79
C ALA F 217 -4.47 17.78 28.68
N GLU F 218 -4.78 16.94 29.68
CA GLU F 218 -3.74 16.38 30.53
C GLU F 218 -3.04 15.19 29.88
N LYS F 219 -3.79 14.29 29.24
CA LYS F 219 -3.19 13.12 28.61
C LYS F 219 -2.15 13.52 27.58
N VAL F 220 -2.46 14.53 26.76
CA VAL F 220 -1.48 15.01 25.79
C VAL F 220 -0.35 15.73 26.52
N ARG F 221 -0.68 16.51 27.55
CA ARG F 221 0.35 17.28 28.26
C ARG F 221 1.38 16.36 28.90
N GLN F 222 0.92 15.31 29.57
CA GLN F 222 1.85 14.38 30.22
C GLN F 222 2.68 13.63 29.20
N ALA F 223 2.06 13.19 28.11
CA ALA F 223 2.81 12.53 27.04
C ALA F 223 3.95 13.42 26.53
N LEU F 224 3.68 14.72 26.35
CA LEU F 224 4.70 15.61 25.79
C LEU F 224 5.77 15.95 26.81
N LEU F 225 5.40 16.19 28.06
CA LEU F 225 6.38 16.44 29.11
C LEU F 225 7.44 15.34 29.15
N LEU F 226 7.00 14.08 29.03
CA LEU F 226 7.96 12.99 28.98
C LEU F 226 8.73 12.98 27.67
N ALA F 227 8.04 13.26 26.56
CA ALA F 227 8.71 13.26 25.26
C ALA F 227 9.73 14.39 25.16
N ALA F 228 9.51 15.50 25.86
CA ALA F 228 10.42 16.65 25.83
C ALA F 228 10.73 17.04 27.27
N PRO F 229 11.62 16.30 27.93
CA PRO F 229 11.89 16.57 29.36
C PRO F 229 12.49 17.95 29.58
N ASP F 230 13.29 18.44 28.64
CA ASP F 230 13.96 19.71 28.79
C ASP F 230 13.11 20.90 28.36
N GLY F 231 11.78 20.77 28.36
CA GLY F 231 10.92 21.82 27.83
C GLY F 231 10.97 21.93 26.32
N VAL F 232 10.12 22.77 25.73
CA VAL F 232 10.00 22.91 24.27
C VAL F 232 10.56 24.27 23.86
N ASP F 233 11.59 24.25 23.02
CA ASP F 233 12.23 25.46 22.52
C ASP F 233 11.53 26.02 21.28
N ARG F 234 11.08 25.15 20.38
CA ARG F 234 10.50 25.55 19.10
C ARG F 234 9.26 24.72 18.84
N TYR F 235 8.21 25.38 18.35
CA TYR F 235 6.94 24.72 18.07
C TYR F 235 6.52 25.09 16.65
N PHE F 236 6.33 24.10 15.80
CA PHE F 236 5.79 24.32 14.45
C PHE F 236 4.38 23.76 14.44
N ASP F 237 3.39 24.64 14.41
CA ASP F 237 2.01 24.23 14.60
C ASP F 237 1.32 24.11 13.25
N ASN F 238 1.02 22.88 12.84
CA ASN F 238 0.24 22.59 11.65
C ASN F 238 -1.19 22.17 11.96
N LEU F 239 -1.55 22.03 13.24
CA LEU F 239 -2.82 21.45 13.65
C LEU F 239 -3.68 22.39 14.48
N GLY F 240 -3.11 23.08 15.45
CA GLY F 240 -3.92 23.79 16.44
C GLY F 240 -4.62 22.80 17.35
N GLY F 241 -5.39 23.34 18.28
CA GLY F 241 -6.17 22.48 19.15
C GLY F 241 -5.44 22.08 20.41
N THR F 242 -6.00 21.05 21.05
CA THR F 242 -5.52 20.66 22.39
C THR F 242 -4.02 20.45 22.40
N VAL F 243 -3.46 19.92 21.31
CA VAL F 243 -2.01 19.72 21.25
C VAL F 243 -1.28 21.04 21.44
N THR F 244 -1.82 22.13 20.87
CA THR F 244 -1.17 23.43 21.02
C THR F 244 -1.35 23.97 22.43
N ASP F 245 -2.54 23.79 22.98
CA ASP F 245 -2.78 24.17 24.37
C ASP F 245 -1.74 23.55 25.30
N ALA F 246 -1.44 22.26 25.11
CA ALA F 246 -0.48 21.60 25.98
C ALA F 246 0.91 22.21 25.83
N VAL F 247 1.39 22.30 24.58
CA VAL F 247 2.74 22.80 24.33
C VAL F 247 2.96 24.16 24.97
N PHE F 248 1.93 25.00 24.97
CA PHE F 248 2.11 26.35 25.49
C PHE F 248 2.30 26.38 27.00
N THR F 249 2.08 25.26 27.69
CA THR F 249 2.39 25.19 29.11
C THR F 249 3.83 24.80 29.39
N MET F 250 4.57 24.35 28.36
CA MET F 250 5.94 23.90 28.53
C MET F 250 6.91 24.63 27.60
N LEU F 251 6.56 25.83 27.14
CA LEU F 251 7.46 26.62 26.31
C LEU F 251 8.57 27.22 27.17
N ASN F 252 9.82 26.96 26.78
CA ASN F 252 10.96 27.55 27.47
C ASN F 252 11.01 29.06 27.22
N VAL F 253 11.98 29.71 27.85
CA VAL F 253 12.25 31.12 27.56
C VAL F 253 12.98 31.22 26.23
N ASP F 254 12.79 32.35 25.55
CA ASP F 254 13.33 32.58 24.20
C ASP F 254 12.81 31.53 23.22
N SER F 255 11.56 31.12 23.39
CA SER F 255 10.95 30.10 22.54
C SER F 255 10.20 30.76 21.36
N ARG F 256 10.14 30.04 20.24
CA ARG F 256 9.56 30.57 19.01
C ARG F 256 8.52 29.60 18.48
N VAL F 257 7.35 30.12 18.11
CA VAL F 257 6.20 29.30 17.72
C VAL F 257 5.69 29.78 16.36
N ALA F 258 5.56 28.85 15.41
CA ALA F 258 5.02 29.15 14.08
C ALA F 258 3.63 28.54 13.97
N VAL F 259 2.63 29.37 13.67
CA VAL F 259 1.25 28.94 13.53
C VAL F 259 0.88 29.02 12.06
N CYS F 260 0.58 27.87 11.45
CA CYS F 260 0.37 27.80 10.00
C CYS F 260 -1.03 28.27 9.64
N TRP F 261 -1.10 29.29 8.79
CA TRP F 261 -2.37 29.66 8.17
C TRP F 261 -2.97 28.44 7.50
N GLN F 262 -4.28 28.27 7.65
CA GLN F 262 -5.00 27.22 6.94
C GLN F 262 -6.34 27.76 6.48
N TRP F 263 -6.90 27.12 5.45
CA TRP F 263 -8.21 27.52 4.96
C TRP F 263 -9.26 27.46 6.06
N ALA F 264 -10.16 28.43 6.08
CA ALA F 264 -11.20 28.52 7.09
C ALA F 264 -11.99 27.22 7.16
N THR F 265 -12.24 26.73 8.37
CA THR F 265 -12.95 25.48 8.56
C THR F 265 -13.89 25.61 9.74
N THR F 266 -15.17 25.31 9.52
CA THR F 266 -16.17 25.34 10.58
C THR F 266 -16.62 23.90 10.87
N VAL F 267 -16.58 23.53 12.15
CA VAL F 267 -16.92 22.18 12.61
C VAL F 267 -17.85 22.35 13.80
N ASN F 268 -19.15 22.12 13.59
CA ASN F 268 -20.18 22.37 14.61
C ASN F 268 -20.22 23.85 15.01
N GLY F 269 -19.76 24.73 14.11
CA GLY F 269 -19.68 26.15 14.36
C GLY F 269 -18.32 26.64 14.81
N GLU F 270 -17.53 25.77 15.44
CA GLU F 270 -16.20 26.17 15.92
C GLU F 270 -15.20 26.09 14.77
N LEU F 271 -14.44 27.18 14.58
CA LEU F 271 -13.35 27.15 13.61
C LEU F 271 -12.18 26.46 14.29
N THR F 272 -11.97 25.21 13.92
CA THR F 272 -10.87 24.41 14.45
C THR F 272 -9.57 24.81 13.75
N GLY F 273 -8.53 24.03 13.93
CA GLY F 273 -7.27 24.31 13.28
C GLY F 273 -6.52 25.45 13.94
N PRO F 274 -5.36 25.77 13.37
CA PRO F 274 -4.45 26.71 14.05
C PRO F 274 -5.11 28.04 14.41
N ARG F 275 -4.71 28.57 15.56
CA ARG F 275 -5.12 29.85 16.11
C ARG F 275 -3.89 30.59 16.58
N LEU F 276 -3.90 31.91 16.44
CA LEU F 276 -2.76 32.73 16.86
C LEU F 276 -3.15 33.68 18.00
N LEU F 277 -4.14 34.52 17.79
CA LEU F 277 -4.43 35.61 18.73
C LEU F 277 -4.58 35.18 20.18
N PRO F 278 -5.24 34.06 20.51
CA PRO F 278 -5.38 33.72 21.95
C PRO F 278 -4.05 33.47 22.65
N TYR F 279 -2.97 33.25 21.93
CA TYR F 279 -1.71 32.89 22.54
C TYR F 279 -0.72 34.05 22.68
N ILE F 280 -1.02 35.23 22.12
CA ILE F 280 0.00 36.28 22.11
C ILE F 280 0.26 36.81 23.51
N MET F 281 -0.63 36.56 24.45
CA MET F 281 -0.49 37.07 25.80
C MET F 281 0.50 36.28 26.64
N PHE F 282 0.95 35.12 26.17
CA PHE F 282 1.98 34.38 26.86
C PHE F 282 3.29 35.14 26.82
N PRO F 283 3.90 35.43 27.96
CA PRO F 283 5.13 36.23 27.95
C PRO F 283 6.31 35.40 27.48
N ARG F 284 7.37 36.11 27.07
CA ARG F 284 8.63 35.49 26.69
C ARG F 284 8.43 34.48 25.57
N THR F 285 7.51 34.78 24.66
CA THR F 285 7.30 33.96 23.47
C THR F 285 7.22 34.85 22.24
N THR F 286 7.70 34.34 21.11
CA THR F 286 7.56 34.99 19.82
C THR F 286 6.72 34.07 18.93
N ILE F 287 5.56 34.54 18.51
CA ILE F 287 4.64 33.76 17.69
C ILE F 287 4.47 34.47 16.36
N ARG F 288 4.53 33.71 15.27
CA ARG F 288 4.35 34.30 13.95
C ARG F 288 3.43 33.41 13.13
N GLY F 289 2.42 34.02 12.50
CA GLY F 289 1.57 33.29 11.57
C GLY F 289 2.30 33.11 10.25
N ILE F 290 2.20 31.90 9.69
CA ILE F 290 3.00 31.49 8.55
C ILE F 290 2.09 31.31 7.34
N PHE F 291 2.47 31.94 6.21
CA PHE F 291 1.76 31.82 4.94
C PHE F 291 2.83 31.85 3.86
N ALA F 292 3.11 30.69 3.26
CA ALA F 292 4.27 30.52 2.40
C ALA F 292 4.37 31.59 1.32
N GLN F 293 3.24 31.99 0.75
CA GLN F 293 3.33 32.90 -0.39
C GLN F 293 3.83 34.28 0.01
N GLU F 294 3.95 34.55 1.30
CA GLU F 294 4.63 35.76 1.74
C GLU F 294 6.09 35.75 1.31
N TRP F 295 6.66 34.56 1.11
CA TRP F 295 8.06 34.41 0.74
C TRP F 295 8.23 34.01 -0.73
N PHE F 296 7.19 34.22 -1.54
CA PHE F 296 7.24 33.93 -2.98
C PHE F 296 7.80 35.15 -3.73
N THR F 297 9.06 35.44 -3.46
CA THR F 297 9.83 36.42 -4.20
C THR F 297 10.88 35.69 -5.04
N GLU F 298 11.36 36.36 -6.09
CA GLU F 298 12.33 35.72 -6.95
C GLU F 298 13.61 35.31 -6.21
N PRO F 299 14.21 36.15 -5.34
CA PRO F 299 15.39 35.66 -4.60
C PRO F 299 15.12 34.42 -3.75
N LEU F 300 14.01 34.41 -3.01
CA LEU F 300 13.76 33.33 -2.06
C LEU F 300 13.41 32.03 -2.77
N LEU F 301 12.53 32.10 -3.77
CA LEU F 301 12.22 30.90 -4.53
C LEU F 301 13.47 30.38 -5.25
N ALA F 302 14.31 31.29 -5.73
CA ALA F 302 15.58 30.86 -6.31
C ALA F 302 16.46 30.21 -5.26
N GLN F 303 16.50 30.81 -4.06
CA GLN F 303 17.30 30.26 -2.97
C GLN F 303 16.80 28.87 -2.55
N MET F 304 15.47 28.67 -2.55
CA MET F 304 14.93 27.40 -2.09
C MET F 304 15.22 26.26 -3.08
N HIS F 305 15.08 26.53 -4.37
CA HIS F 305 15.37 25.49 -5.36
C HIS F 305 16.85 25.12 -5.38
N GLN F 306 17.72 26.06 -5.00
CA GLN F 306 19.16 25.77 -4.91
C GLN F 306 19.49 24.93 -3.69
N GLU F 307 19.12 25.39 -2.51
CA GLU F 307 19.51 24.69 -1.30
C GLU F 307 18.60 23.49 -1.05
N LEU F 308 17.30 23.73 -0.95
CA LEU F 308 16.37 22.62 -0.69
C LEU F 308 16.29 21.68 -1.88
N GLY F 309 16.22 22.23 -3.10
CA GLY F 309 16.24 21.38 -4.27
C GLY F 309 17.53 20.60 -4.39
N GLY F 310 18.66 21.23 -4.03
CA GLY F 310 19.93 20.52 -4.05
C GLY F 310 19.98 19.38 -3.05
N LEU F 311 19.51 19.62 -1.82
CA LEU F 311 19.47 18.57 -0.81
C LEU F 311 18.73 17.34 -1.33
N VAL F 312 17.64 17.56 -2.06
CA VAL F 312 16.86 16.44 -2.60
C VAL F 312 17.61 15.78 -3.74
N ARG F 313 18.27 16.57 -4.59
CA ARG F 313 19.12 16.01 -5.64
C ARG F 313 20.22 15.14 -5.06
N ASP F 314 20.68 15.46 -3.85
CA ASP F 314 21.78 14.76 -3.20
C ASP F 314 21.28 13.70 -2.22
N GLY F 315 20.00 13.36 -2.27
CA GLY F 315 19.44 12.34 -1.41
C GLY F 315 19.39 12.73 0.06
N GLU F 316 19.87 13.94 0.38
CA GLU F 316 19.87 14.40 1.77
C GLU F 316 18.46 14.51 2.33
N ILE F 317 17.54 15.07 1.55
CA ILE F 317 16.14 15.21 1.93
C ILE F 317 15.30 14.34 1.01
N ARG F 318 14.41 13.54 1.61
CA ARG F 318 13.54 12.63 0.87
C ARG F 318 12.10 13.13 0.99
N TYR F 319 11.43 13.29 -0.15
CA TYR F 319 10.04 13.70 -0.17
C TYR F 319 9.17 12.60 -0.77
N HIS F 320 7.90 12.59 -0.40
CA HIS F 320 6.93 11.68 -0.98
C HIS F 320 5.90 12.45 -1.80
N GLN F 321 5.28 11.73 -2.74
CA GLN F 321 4.42 12.35 -3.74
C GLN F 321 3.72 11.27 -4.57
N THR F 322 2.39 11.32 -4.64
CA THR F 322 1.60 10.35 -5.38
C THR F 322 0.86 11.09 -6.50
N VAL F 323 1.25 10.85 -7.74
CA VAL F 323 0.63 11.51 -8.89
C VAL F 323 -0.32 10.50 -9.55
N HIS F 324 -1.62 10.74 -9.41
CA HIS F 324 -2.60 10.00 -10.18
C HIS F 324 -2.64 10.55 -11.60
N LYS F 325 -3.38 9.89 -12.49
CA LYS F 325 -3.40 10.28 -13.89
C LYS F 325 -4.83 10.50 -14.39
N GLY F 326 -4.99 11.50 -15.25
CA GLY F 326 -6.24 11.72 -15.94
C GLY F 326 -7.23 12.66 -15.26
N PHE F 327 -7.71 13.65 -16.01
CA PHE F 327 -8.65 14.62 -15.48
C PHE F 327 -9.87 13.96 -14.82
N ASP F 328 -10.24 12.77 -15.28
CA ASP F 328 -11.43 12.10 -14.77
C ASP F 328 -11.20 11.41 -13.42
N GLU F 329 -9.95 11.12 -13.06
CA GLU F 329 -9.62 10.50 -11.78
C GLU F 329 -9.46 11.50 -10.64
N ILE F 330 -9.78 12.78 -10.86
CA ILE F 330 -9.57 13.78 -9.82
C ILE F 330 -10.45 13.53 -8.59
N PRO F 331 -11.77 13.37 -8.69
CA PRO F 331 -12.56 13.13 -7.47
C PRO F 331 -12.18 11.83 -6.78
N ALA F 332 -11.65 10.86 -7.53
CA ALA F 332 -11.07 9.68 -6.90
C ALA F 332 -9.83 10.05 -6.09
N ALA F 333 -8.89 10.77 -6.72
CA ALA F 333 -7.66 11.14 -6.03
C ALA F 333 -7.94 11.99 -4.80
N TYR F 334 -9.00 12.80 -4.84
CA TYR F 334 -9.37 13.57 -3.66
C TYR F 334 -9.94 12.67 -2.56
N ARG F 335 -10.75 11.68 -2.94
CA ARG F 335 -11.32 10.78 -1.93
C ARG F 335 -10.25 9.87 -1.32
N SER F 336 -9.13 9.67 -2.03
CA SER F 336 -8.03 8.87 -1.51
C SER F 336 -7.24 9.59 -0.42
N LEU F 337 -7.39 10.90 -0.29
CA LEU F 337 -6.81 11.59 0.85
C LEU F 337 -7.37 11.07 2.16
N TYR F 338 -8.65 10.67 2.16
CA TYR F 338 -9.37 10.23 3.36
C TYR F 338 -9.33 8.71 3.51
N LEU F 339 -9.87 7.98 2.53
CA LEU F 339 -9.80 6.53 2.52
C LEU F 339 -8.40 6.08 2.12
N ASP F 340 -7.98 4.95 2.68
CA ASP F 340 -6.65 4.38 2.46
C ASP F 340 -5.56 5.41 2.76
N ARG F 341 -5.41 5.66 4.06
CA ARG F 341 -4.37 6.55 4.59
C ARG F 341 -3.12 5.71 4.80
N GLU F 342 -2.25 5.70 3.79
CA GLU F 342 -1.00 4.97 3.84
C GLU F 342 0.15 5.90 4.22
N HIS F 343 1.15 5.33 4.92
CA HIS F 343 2.33 6.08 5.31
C HIS F 343 3.06 6.67 4.12
N ASN F 344 2.84 6.13 2.93
CA ASN F 344 3.41 6.63 1.68
C ASN F 344 2.34 7.31 0.83
N ARG F 345 1.45 8.08 1.47
CA ARG F 345 0.49 8.89 0.73
C ARG F 345 1.17 10.15 0.20
N GLY F 346 1.59 11.03 1.10
CA GLY F 346 2.28 12.25 0.72
C GLY F 346 1.37 13.21 -0.01
N LYS F 347 2.00 14.19 -0.64
CA LYS F 347 1.26 15.13 -1.49
C LYS F 347 0.65 14.36 -2.66
N VAL F 348 -0.67 14.27 -2.69
CA VAL F 348 -1.38 13.61 -3.79
C VAL F 348 -1.70 14.64 -4.86
N LEU F 349 -1.18 14.40 -6.07
CA LEU F 349 -1.40 15.23 -7.24
C LEU F 349 -2.06 14.39 -8.33
N VAL F 350 -2.61 15.08 -9.32
CA VAL F 350 -3.14 14.43 -10.51
C VAL F 350 -2.49 15.07 -11.72
N GLU F 351 -1.94 14.26 -12.61
CA GLU F 351 -1.42 14.74 -13.88
C GLU F 351 -2.57 14.75 -14.88
N VAL F 352 -2.77 15.90 -15.52
CA VAL F 352 -3.93 16.09 -16.37
C VAL F 352 -3.46 16.42 -17.79
S SO4 G . 16.08 -3.85 12.00
O1 SO4 G . 16.22 -2.61 11.17
O2 SO4 G . 15.09 -3.61 13.08
O3 SO4 G . 15.67 -5.00 11.16
O4 SO4 G . 17.41 -4.14 12.63
S SO4 H . 14.70 -6.89 20.70
O1 SO4 H . 13.95 -5.66 20.34
O2 SO4 H . 15.17 -6.82 22.13
O3 SO4 H . 13.80 -8.09 20.52
O4 SO4 H . 15.89 -7.07 19.79
C1 UNL I . 26.28 -12.55 -1.24
O1 UNL I . 27.21 -11.74 -0.53
C2 UNL I . 25.38 -13.26 -0.24
O2 UNL I . 24.61 -14.31 -0.83
C3 UNL I . 26.19 -13.75 0.94
O3 UNL I . 26.90 -12.70 1.60
S SO4 J . 21.02 -23.43 13.04
O1 SO4 J . 20.27 -22.20 13.42
O2 SO4 J . 22.11 -23.72 14.01
O3 SO4 J . 20.09 -24.60 13.06
O4 SO4 J . 21.61 -23.34 11.68
S SO4 K . 7.44 -12.31 23.00
O1 SO4 K . 6.53 -12.65 24.16
O2 SO4 K . 8.84 -12.72 23.36
O3 SO4 K . 7.00 -13.11 21.81
O4 SO4 K . 7.37 -10.86 22.68
S SO4 L . 4.52 -38.91 9.99
O1 SO4 L . 3.69 -37.98 9.16
O2 SO4 L . 3.74 -39.23 11.23
O3 SO4 L . 4.82 -40.18 9.23
O4 SO4 L . 5.81 -38.23 10.34
C1 UNL M . 13.34 -29.74 28.97
O1 UNL M . 11.95 -29.89 28.69
C2 UNL M . 13.85 -28.75 27.94
O2 UNL M . 15.25 -28.57 28.07
C3 UNL M . 13.52 -29.16 26.53
O3 UNL M . 12.11 -29.19 26.31
S SO4 N . -16.77 -16.80 -29.22
O1 SO4 N . -18.20 -16.70 -28.83
O2 SO4 N . -16.12 -17.73 -28.29
O3 SO4 N . -16.74 -17.29 -30.62
O4 SO4 N . -16.12 -15.45 -29.11
S SO4 O . -3.78 -2.07 -33.84
O1 SO4 O . -3.61 -0.95 -32.88
O2 SO4 O . -3.19 -3.32 -33.25
O3 SO4 O . -5.25 -2.25 -34.10
O4 SO4 O . -3.04 -1.82 -35.12
S SO4 P . 0.27 -29.15 -31.41
O1 SO4 P . -1.06 -28.48 -31.55
O2 SO4 P . 0.12 -30.44 -30.65
O3 SO4 P . 0.76 -29.52 -32.79
O4 SO4 P . 1.26 -28.24 -30.74
C1 UNL Q . -8.86 -16.53 -46.21
O1 UNL Q . -7.53 -16.46 -46.68
C2 UNL Q . -8.94 -15.89 -44.84
O2 UNL Q . -10.30 -15.60 -44.55
C3 UNL Q . -8.40 -16.77 -43.72
O3 UNL Q . -7.18 -16.28 -43.17
S SO4 R . -12.77 1.26 -21.24
O1 SO4 R . -14.01 0.93 -21.99
O2 SO4 R . -13.16 1.74 -19.87
O3 SO4 R . -11.90 0.05 -21.11
O4 SO4 R . -12.01 2.35 -21.91
C1 UNL S . -22.41 -11.76 -14.04
O1 UNL S . -23.53 -11.06 -13.50
C2 UNL S . -22.14 -12.93 -13.12
O2 UNL S . -20.79 -13.39 -13.07
C3 UNL S . -22.59 -12.61 -11.71
O3 UNL S . -22.18 -13.73 -10.94
S SO4 T . 7.95 46.18 20.64
O1 SO4 T . 8.32 46.89 21.90
O2 SO4 T . 7.89 44.70 20.84
O3 SO4 T . 6.60 46.69 20.21
O4 SO4 T . 8.95 46.48 19.57
C1 UNL U . -5.32 41.41 32.79
O1 UNL U . -5.23 42.80 32.45
C2 UNL U . -4.94 40.52 31.61
O2 UNL U . -5.12 39.12 31.92
C3 UNL U . -5.70 40.88 30.35
O3 UNL U . -5.52 42.24 29.99
S SO4 V . -6.81 33.78 15.35
O1 SO4 V . -5.41 34.32 15.29
O2 SO4 V . -7.29 33.68 16.76
O3 SO4 V . -7.72 34.63 14.55
O4 SO4 V . -6.82 32.37 14.83
S SO4 W . 10.70 37.88 6.36
O1 SO4 W . 9.92 39.13 6.62
O2 SO4 W . 10.02 36.71 6.94
O3 SO4 W . 10.87 37.68 4.88
O4 SO4 W . 12.07 38.00 6.96
C1 UNL X . -3.40 29.88 -0.09
O1 UNL X . -2.93 28.55 0.10
C2 UNL X . -4.31 30.05 -1.28
O2 UNL X . -4.86 31.37 -1.18
C3 UNL X . -3.59 29.81 -2.59
O3 UNL X . -2.69 28.71 -2.42
#